data_8SAM
#
_entry.id   8SAM
#
_cell.length_a   54.025
_cell.length_b   228.659
_cell.length_c   84.595
_cell.angle_alpha   90.000
_cell.angle_beta   100.504
_cell.angle_gamma   90.000
#
_symmetry.space_group_name_H-M   'P 1 21 1'
#
loop_
_entity.id
_entity.type
_entity.pdbx_description
1 polymer 'Class III lanthipeptide, Class III lanthionine synthetase LanKC fusion'
2 non-polymer 'CALCIUM ION'
3 non-polymer "ADENOSINE-5'-TRIPHOSPHATE"
4 water water
#
_entity_poly.entity_id   1
_entity_poly.type   'polypeptide(L)'
_entity_poly.pdbx_seq_one_letter_code
;SNAMNTVLELQKLAHDTEGKGQAAESGSGSGSMEGNMLYHRYLKPNSEYYKKIEVRGKDNIYELNDIPDTYAVFLDNESV
WKHYHVKGSTLPEQGWKIHVTSSLEDSKDVLDKVARLCIDKKIEFKHLKDKDSFMKMNSKNANRASSGKFITIYPTNNEV
FVELLEMISLAIQDFKKGPYILNDKRWKNSNVFYRYGGFKGIFNEHGEHCIRDKEGNLIKDQRNPFYQVPDFVKDFDDYL
NTINNSGELENKGESRLGKYKIETALSFSNAGGVYLATRKKDNLKVIIKEARPSAGLDGAAQDALARQKIEYDALKKLKD
VSGVVNLIEYFQEWEHYFLVEEFIEGRDLRQWIAQEFPFFEDNNGMSNHIKDVKMILLQLLDLIDSMHNQGVAMGDLQPA
NIMVTEDLTVRIIDFETAMPVNSDDRPAMLTTGFVSHEMKVSGARDWFGFKRLVRYLALPVLTSEDLEGYLQYNHLNWIK
ENYGYEFYSFIVDLQEKCDKRIKDYQTFIPKEINLNDQTSDFNLTSIINKLIIGVESSLTNDERFINGDIRQFEMNGGKF
NFLTGGSGAAFTLTKNKSSIAEVDKWIQSVLLDNLPLIEEDGLFTGKTGILALLYDKGYKEVVLNELKILKDNINQTDIS
IRSGLSGIGLFVISLYLETENKEYLKLAKDLERMIKLNRAKDKQLKVKDWMAVDIGVIDGLSGVSLFYSALYSVTQNQKY
LEEAEVLIKEDLESTKKDDVTGVLQTVDNKNRLLPYLSGGSIGVAISIWFLNHVSGQDLYREEMNSILKLSKTRCTISGG
LFDGAGSFLLIPSMVKNDKNREVILNEVLNLLNIFLIEKNSYYVYPGQFSYRLADDVYTGSSGIILALMGVIKGNPLYWL
PLVNSDEFLARTKVKDLSVTSGKI
;
_entity_poly.pdbx_strand_id   A,B
#
loop_
_chem_comp.id
_chem_comp.type
_chem_comp.name
_chem_comp.formula
ATP non-polymer ADENOSINE-5'-TRIPHOSPHATE 'C10 H16 N5 O13 P3'
CA non-polymer 'CALCIUM ION' 'Ca 2'
#
# COMPACT_ATOMS: atom_id res chain seq x y z
N ALA A 3 -45.21 -49.19 -28.37
CA ALA A 3 -45.51 -47.87 -29.02
C ALA A 3 -45.12 -46.72 -28.09
N MET A 4 -45.68 -46.72 -26.88
CA MET A 4 -45.47 -45.67 -25.90
C MET A 4 -44.32 -46.04 -24.98
N ASN A 5 -44.00 -47.33 -24.87
CA ASN A 5 -42.95 -47.80 -23.98
C ASN A 5 -41.58 -47.36 -24.49
N THR A 6 -41.47 -47.18 -25.82
CA THR A 6 -40.21 -46.81 -26.44
C THR A 6 -39.92 -45.34 -26.16
N VAL A 7 -40.95 -44.50 -26.29
CA VAL A 7 -40.82 -43.07 -26.01
C VAL A 7 -40.39 -42.86 -24.56
N LEU A 8 -41.12 -43.48 -23.62
CA LEU A 8 -40.91 -43.28 -22.19
C LEU A 8 -39.52 -43.76 -21.78
N GLU A 9 -39.05 -44.86 -22.39
CA GLU A 9 -37.74 -45.44 -22.13
C GLU A 9 -36.65 -44.42 -22.41
N LEU A 10 -36.90 -43.48 -23.33
CA LEU A 10 -35.92 -42.47 -23.70
C LEU A 10 -35.41 -41.77 -22.44
N GLN A 11 -36.29 -41.62 -21.44
CA GLN A 11 -36.02 -40.88 -20.22
C GLN A 11 -34.98 -41.61 -19.37
N LYS A 12 -34.69 -42.86 -19.73
CA LYS A 12 -33.85 -43.71 -18.91
C LYS A 12 -32.38 -43.60 -19.34
N LEU A 13 -32.12 -43.12 -20.57
CA LEU A 13 -30.80 -43.15 -21.16
C LEU A 13 -29.82 -42.30 -20.36
N ALA A 14 -28.54 -42.69 -20.39
CA ALA A 14 -27.45 -41.94 -19.77
C ALA A 14 -27.10 -40.70 -20.61
N HIS A 15 -26.27 -39.83 -20.03
CA HIS A 15 -25.91 -38.54 -20.62
C HIS A 15 -24.38 -38.38 -20.74
N ASP A 16 -23.87 -37.23 -20.28
CA ASP A 16 -22.45 -36.91 -20.33
C ASP A 16 -21.67 -37.79 -19.33
N ASN A 36 -27.36 -22.16 -9.98
CA ASN A 36 -26.91 -20.80 -10.36
C ASN A 36 -28.05 -20.06 -11.05
N MET A 37 -29.03 -20.80 -11.59
CA MET A 37 -30.23 -20.20 -12.13
C MET A 37 -30.93 -19.37 -11.04
N LEU A 38 -30.64 -19.66 -9.77
CA LEU A 38 -31.28 -19.01 -8.64
C LEU A 38 -31.01 -17.50 -8.63
N TYR A 39 -29.91 -17.08 -9.25
CA TYR A 39 -29.55 -15.67 -9.29
C TYR A 39 -30.66 -14.82 -9.91
N HIS A 40 -31.39 -15.40 -10.89
CA HIS A 40 -32.46 -14.68 -11.57
C HIS A 40 -33.52 -14.20 -10.57
N ARG A 41 -33.76 -14.99 -9.52
CA ARG A 41 -34.81 -14.68 -8.58
C ARG A 41 -34.42 -13.50 -7.68
N TYR A 42 -33.22 -12.96 -7.88
CA TYR A 42 -32.69 -11.96 -6.98
C TYR A 42 -32.33 -10.68 -7.73
N LEU A 43 -32.90 -10.50 -8.93
CA LEU A 43 -32.60 -9.33 -9.73
C LEU A 43 -33.76 -8.33 -9.64
N LYS A 44 -34.25 -8.09 -8.41
CA LYS A 44 -35.25 -7.08 -8.16
C LYS A 44 -34.82 -5.78 -8.85
N PRO A 45 -35.61 -5.28 -9.83
CA PRO A 45 -35.21 -4.13 -10.66
C PRO A 45 -34.88 -2.91 -9.80
N ASN A 46 -33.92 -2.10 -10.27
CA ASN A 46 -33.55 -0.85 -9.63
C ASN A 46 -32.96 -1.04 -8.23
N SER A 47 -32.28 -2.16 -7.99
CA SER A 47 -31.39 -2.30 -6.85
C SER A 47 -30.02 -2.70 -7.37
N GLU A 48 -28.99 -2.34 -6.62
CA GLU A 48 -27.64 -2.73 -6.99
C GLU A 48 -27.25 -4.04 -6.31
N TYR A 49 -28.17 -4.61 -5.53
CA TYR A 49 -27.87 -5.73 -4.67
C TYR A 49 -28.75 -6.90 -5.03
N TYR A 50 -28.37 -8.06 -4.50
CA TYR A 50 -29.19 -9.25 -4.60
C TYR A 50 -30.40 -9.10 -3.67
N LYS A 51 -31.59 -9.10 -4.29
CA LYS A 51 -32.83 -8.87 -3.57
C LYS A 51 -33.92 -9.66 -4.29
N LYS A 52 -34.69 -10.43 -3.51
CA LYS A 52 -35.71 -11.34 -4.01
C LYS A 52 -36.78 -10.59 -4.80
N ILE A 53 -37.14 -11.16 -5.94
CA ILE A 53 -38.37 -10.83 -6.66
C ILE A 53 -39.52 -11.59 -6.01
N GLU A 54 -40.45 -10.85 -5.39
CA GLU A 54 -41.67 -11.45 -4.86
C GLU A 54 -42.71 -11.57 -5.97
N VAL A 55 -43.61 -12.55 -5.82
CA VAL A 55 -44.63 -12.90 -6.81
C VAL A 55 -45.48 -11.67 -7.16
N ILE A 61 -53.09 -18.74 -6.46
CA ILE A 61 -53.76 -18.86 -5.13
C ILE A 61 -55.03 -19.71 -5.27
N TYR A 62 -55.00 -20.92 -4.69
CA TYR A 62 -56.08 -21.90 -4.84
C TYR A 62 -57.01 -21.88 -3.63
N GLU A 63 -57.82 -20.82 -3.48
CA GLU A 63 -58.77 -20.72 -2.39
C GLU A 63 -59.99 -21.58 -2.70
N LEU A 64 -60.30 -22.54 -1.83
CA LEU A 64 -61.55 -23.28 -1.86
C LEU A 64 -62.41 -22.89 -0.66
N ASN A 65 -63.73 -22.85 -0.88
CA ASN A 65 -64.68 -22.53 0.19
C ASN A 65 -65.58 -23.73 0.46
N ASP A 66 -66.43 -23.58 1.50
CA ASP A 66 -67.34 -24.60 1.98
C ASP A 66 -66.56 -25.86 2.34
N ILE A 67 -65.72 -25.73 3.38
CA ILE A 67 -64.85 -26.80 3.84
C ILE A 67 -65.41 -27.33 5.15
N PRO A 68 -65.80 -28.63 5.24
CA PRO A 68 -66.40 -29.18 6.45
C PRO A 68 -65.39 -29.22 7.60
N ASP A 69 -65.94 -29.11 8.83
CA ASP A 69 -65.14 -28.91 10.02
C ASP A 69 -64.41 -30.20 10.37
N THR A 70 -64.74 -31.27 9.63
CA THR A 70 -64.06 -32.54 9.80
C THR A 70 -62.67 -32.49 9.17
N TYR A 71 -62.39 -31.44 8.38
CA TYR A 71 -61.08 -31.30 7.74
C TYR A 71 -60.26 -30.25 8.48
N ALA A 72 -58.94 -30.50 8.58
CA ALA A 72 -57.98 -29.48 8.97
C ALA A 72 -57.17 -29.09 7.74
N VAL A 73 -57.04 -27.78 7.48
CA VAL A 73 -56.44 -27.27 6.26
C VAL A 73 -55.23 -26.43 6.63
N PHE A 74 -54.04 -26.88 6.25
CA PHE A 74 -52.81 -26.16 6.57
C PHE A 74 -51.85 -26.25 5.40
N LEU A 75 -50.78 -25.45 5.43
CA LEU A 75 -49.76 -25.52 4.40
C LEU A 75 -48.42 -25.84 5.04
N ASP A 76 -47.45 -26.15 4.17
CA ASP A 76 -46.12 -26.59 4.59
C ASP A 76 -45.37 -25.43 5.23
N ASN A 77 -44.44 -25.78 6.12
CA ASN A 77 -43.49 -24.84 6.70
C ASN A 77 -42.95 -23.93 5.59
N GLU A 78 -41.99 -24.45 4.82
CA GLU A 78 -41.52 -23.86 3.58
C GLU A 78 -41.57 -24.96 2.51
N SER A 79 -42.71 -25.04 1.82
CA SER A 79 -42.85 -25.90 0.65
C SER A 79 -44.13 -25.56 -0.10
N VAL A 80 -44.50 -26.45 -1.04
CA VAL A 80 -45.36 -26.11 -2.15
C VAL A 80 -46.79 -26.59 -1.91
N TRP A 81 -47.01 -27.36 -0.83
CA TRP A 81 -48.23 -28.16 -0.64
C TRP A 81 -49.18 -27.51 0.37
N LYS A 82 -50.48 -27.58 0.05
CA LYS A 82 -51.56 -27.29 0.98
C LYS A 82 -52.28 -28.60 1.35
N HIS A 83 -52.14 -29.02 2.62
CA HIS A 83 -52.63 -30.29 3.12
C HIS A 83 -54.11 -30.19 3.51
N TYR A 84 -54.88 -31.22 3.12
CA TYR A 84 -56.23 -31.42 3.61
C TYR A 84 -56.26 -32.70 4.44
N HIS A 85 -56.15 -32.55 5.77
CA HIS A 85 -56.14 -33.65 6.72
C HIS A 85 -57.55 -33.86 7.25
N VAL A 86 -58.00 -35.12 7.27
CA VAL A 86 -59.36 -35.41 7.67
C VAL A 86 -59.38 -35.79 9.15
N LYS A 87 -60.47 -35.38 9.81
CA LYS A 87 -60.98 -35.96 11.05
C LYS A 87 -59.82 -36.13 12.01
N GLY A 88 -59.72 -37.33 12.57
CA GLY A 88 -58.62 -37.74 13.43
C GLY A 88 -58.16 -39.13 13.04
N SER A 89 -58.35 -39.45 11.75
CA SER A 89 -57.90 -40.69 11.14
C SER A 89 -56.38 -40.78 11.15
N THR A 90 -55.86 -42.01 11.15
CA THR A 90 -54.47 -42.26 10.82
C THR A 90 -54.39 -43.12 9.56
N LEU A 91 -53.54 -42.68 8.63
CA LEU A 91 -53.28 -43.38 7.39
C LEU A 91 -52.00 -44.19 7.55
N PRO A 92 -51.77 -45.23 6.71
CA PRO A 92 -50.50 -45.97 6.74
C PRO A 92 -49.32 -45.06 6.45
N GLU A 93 -48.12 -45.47 6.87
CA GLU A 93 -46.94 -44.64 6.74
C GLU A 93 -46.35 -44.78 5.35
N GLN A 94 -46.91 -45.71 4.56
CA GLN A 94 -46.58 -45.88 3.15
C GLN A 94 -47.76 -46.57 2.48
N GLY A 95 -47.66 -46.76 1.15
CA GLY A 95 -48.69 -47.47 0.43
C GLY A 95 -48.92 -46.92 -0.97
N TRP A 96 -50.04 -47.32 -1.58
CA TRP A 96 -50.40 -46.93 -2.92
C TRP A 96 -51.07 -45.56 -2.86
N LYS A 97 -50.50 -44.58 -3.58
CA LYS A 97 -51.02 -43.22 -3.59
C LYS A 97 -51.41 -42.82 -5.01
N ILE A 98 -52.32 -41.84 -5.12
CA ILE A 98 -52.79 -41.31 -6.39
C ILE A 98 -52.22 -39.91 -6.59
N HIS A 99 -51.69 -39.65 -7.79
CA HIS A 99 -51.36 -38.29 -8.21
C HIS A 99 -52.26 -37.90 -9.38
N VAL A 100 -52.71 -36.64 -9.39
CA VAL A 100 -53.50 -36.10 -10.48
C VAL A 100 -52.69 -34.99 -11.13
N THR A 101 -52.70 -34.97 -12.47
CA THR A 101 -52.05 -33.92 -13.23
C THR A 101 -53.12 -33.09 -13.95
N SER A 102 -52.79 -31.82 -14.15
CA SER A 102 -53.64 -30.88 -14.87
C SER A 102 -52.74 -29.90 -15.61
N SER A 103 -53.27 -29.38 -16.72
CA SER A 103 -52.72 -28.22 -17.39
C SER A 103 -52.94 -26.98 -16.52
N LEU A 104 -52.13 -25.94 -16.72
CA LEU A 104 -52.19 -24.73 -15.92
C LEU A 104 -53.57 -24.07 -16.01
N GLU A 105 -54.12 -23.99 -17.23
CA GLU A 105 -55.36 -23.27 -17.48
C GLU A 105 -56.54 -24.02 -16.88
N ASP A 106 -56.33 -25.30 -16.53
CA ASP A 106 -57.37 -26.18 -16.03
C ASP A 106 -57.21 -26.45 -14.53
N SER A 107 -56.24 -25.79 -13.89
CA SER A 107 -55.81 -26.11 -12.53
C SER A 107 -56.94 -25.91 -11.52
N LYS A 108 -57.53 -24.70 -11.49
CA LYS A 108 -58.56 -24.35 -10.52
C LYS A 108 -59.78 -25.24 -10.73
N ASP A 109 -60.10 -25.49 -12.01
CA ASP A 109 -61.27 -26.26 -12.39
C ASP A 109 -61.09 -27.74 -12.07
N VAL A 110 -59.84 -28.23 -12.07
CA VAL A 110 -59.56 -29.64 -11.81
C VAL A 110 -59.57 -29.89 -10.31
N LEU A 111 -59.04 -28.93 -9.55
CA LEU A 111 -58.97 -29.06 -8.10
C LEU A 111 -60.38 -28.99 -7.51
N ASP A 112 -61.26 -28.17 -8.11
CA ASP A 112 -62.66 -28.05 -7.68
C ASP A 112 -63.35 -29.42 -7.71
N LYS A 113 -63.26 -30.11 -8.85
CA LYS A 113 -63.94 -31.38 -9.06
C LYS A 113 -63.30 -32.48 -8.23
N VAL A 114 -61.97 -32.46 -8.10
CA VAL A 114 -61.22 -33.51 -7.42
C VAL A 114 -61.36 -33.37 -5.90
N ALA A 115 -61.22 -32.14 -5.39
CA ALA A 115 -61.23 -31.94 -3.94
C ALA A 115 -62.62 -32.27 -3.39
N ARG A 116 -63.65 -31.73 -4.05
CA ARG A 116 -65.02 -31.87 -3.61
C ARG A 116 -65.51 -33.30 -3.81
N LEU A 117 -64.68 -34.16 -4.39
CA LEU A 117 -64.91 -35.60 -4.38
C LEU A 117 -64.32 -36.19 -3.10
N CYS A 118 -63.06 -35.81 -2.79
CA CYS A 118 -62.27 -36.38 -1.71
C CYS A 118 -62.88 -36.00 -0.36
N ILE A 119 -63.32 -34.73 -0.27
CA ILE A 119 -64.06 -34.20 0.86
C ILE A 119 -65.27 -35.11 1.10
N ASP A 120 -66.07 -35.27 0.04
CA ASP A 120 -67.37 -35.93 0.13
C ASP A 120 -67.18 -37.43 0.29
N LYS A 121 -65.97 -37.87 0.64
CA LYS A 121 -65.66 -39.28 0.84
C LYS A 121 -64.64 -39.41 1.96
N LYS A 122 -64.30 -38.28 2.60
CA LYS A 122 -63.42 -38.20 3.76
C LYS A 122 -62.04 -38.77 3.44
N ILE A 123 -61.50 -38.38 2.27
CA ILE A 123 -60.18 -38.84 1.86
C ILE A 123 -59.15 -37.73 2.10
N GLU A 124 -58.00 -38.10 2.67
CA GLU A 124 -56.86 -37.20 2.82
C GLU A 124 -56.17 -36.96 1.48
N PHE A 125 -55.87 -35.68 1.20
CA PHE A 125 -55.17 -35.25 0.01
C PHE A 125 -54.45 -33.92 0.26
N LYS A 126 -53.61 -33.53 -0.71
CA LYS A 126 -52.89 -32.27 -0.74
C LYS A 126 -52.76 -31.83 -2.20
N HIS A 127 -52.46 -30.54 -2.40
CA HIS A 127 -52.23 -29.98 -3.71
C HIS A 127 -51.19 -28.86 -3.60
N LEU A 128 -50.62 -28.45 -4.75
CA LEU A 128 -49.70 -27.32 -4.79
C LEU A 128 -50.48 -26.04 -4.46
N LYS A 129 -49.87 -25.19 -3.64
CA LYS A 129 -50.63 -24.22 -2.85
C LYS A 129 -51.09 -23.01 -3.67
N ASP A 130 -50.36 -22.67 -4.76
CA ASP A 130 -50.63 -21.45 -5.51
C ASP A 130 -50.13 -21.60 -6.95
N LYS A 131 -50.30 -20.54 -7.76
CA LYS A 131 -49.86 -20.49 -9.14
C LYS A 131 -48.34 -20.60 -9.22
N ASP A 132 -47.64 -19.91 -8.30
CA ASP A 132 -46.19 -19.88 -8.29
C ASP A 132 -45.65 -21.30 -8.13
N SER A 133 -46.31 -22.09 -7.27
CA SER A 133 -45.81 -23.41 -6.93
C SER A 133 -45.98 -24.36 -8.12
N PHE A 134 -47.18 -24.28 -8.71
CA PHE A 134 -47.48 -25.01 -9.93
C PHE A 134 -46.41 -24.74 -10.97
N MET A 135 -46.10 -23.45 -11.18
CA MET A 135 -45.10 -23.01 -12.14
C MET A 135 -43.73 -23.59 -11.79
N LYS A 136 -43.35 -23.54 -10.51
CA LYS A 136 -42.01 -23.97 -10.10
C LYS A 136 -41.84 -25.46 -10.31
N MET A 137 -42.93 -26.22 -10.15
CA MET A 137 -42.87 -27.66 -10.15
C MET A 137 -42.97 -28.21 -11.57
N ASN A 138 -43.46 -27.36 -12.49
CA ASN A 138 -43.71 -27.78 -13.86
C ASN A 138 -42.88 -26.96 -14.86
N SER A 139 -41.88 -26.23 -14.36
CA SER A 139 -41.05 -25.38 -15.20
C SER A 139 -40.11 -26.24 -16.06
N LYS A 140 -39.49 -25.59 -17.05
CA LYS A 140 -38.61 -26.25 -18.00
C LYS A 140 -37.55 -27.05 -17.24
N ASN A 141 -37.06 -26.52 -16.13
CA ASN A 141 -35.94 -27.15 -15.44
C ASN A 141 -36.36 -27.82 -14.14
N ALA A 142 -37.68 -27.95 -13.91
CA ALA A 142 -38.19 -28.68 -12.75
C ALA A 142 -37.74 -30.15 -12.82
N ASN A 143 -37.55 -30.76 -11.65
CA ASN A 143 -37.22 -32.17 -11.53
C ASN A 143 -38.23 -33.01 -12.31
N ARG A 144 -37.72 -33.98 -13.08
CA ARG A 144 -38.55 -34.78 -13.98
C ARG A 144 -39.47 -35.72 -13.21
N ALA A 145 -38.96 -36.30 -12.11
CA ALA A 145 -39.70 -37.18 -11.23
C ALA A 145 -40.91 -36.47 -10.62
N SER A 146 -40.64 -35.31 -10.02
CA SER A 146 -41.60 -34.54 -9.22
C SER A 146 -42.60 -33.83 -10.11
N SER A 147 -42.28 -33.71 -11.40
CA SER A 147 -43.06 -32.90 -12.33
C SER A 147 -44.48 -33.47 -12.43
N GLY A 148 -45.45 -32.59 -12.67
CA GLY A 148 -46.81 -32.95 -13.02
C GLY A 148 -47.70 -33.32 -11.83
N LYS A 149 -47.11 -33.53 -10.66
CA LYS A 149 -47.85 -33.99 -9.50
C LYS A 149 -48.56 -32.79 -8.86
N PHE A 150 -49.80 -32.51 -9.32
CA PHE A 150 -50.52 -31.34 -8.85
C PHE A 150 -51.27 -31.67 -7.55
N ILE A 151 -52.02 -32.79 -7.54
CA ILE A 151 -52.77 -33.26 -6.39
C ILE A 151 -52.23 -34.63 -5.96
N THR A 152 -51.99 -34.80 -4.65
CA THR A 152 -51.63 -36.10 -4.10
C THR A 152 -52.76 -36.60 -3.21
N ILE A 153 -53.27 -37.81 -3.50
CA ILE A 153 -54.38 -38.41 -2.76
C ILE A 153 -53.89 -39.64 -2.01
N TYR A 154 -54.24 -39.75 -0.72
CA TYR A 154 -53.75 -40.82 0.14
C TYR A 154 -54.88 -41.75 0.57
N PRO A 155 -55.21 -42.83 -0.20
CA PRO A 155 -56.27 -43.75 0.18
C PRO A 155 -55.85 -44.52 1.42
N THR A 156 -56.81 -44.85 2.28
CA THR A 156 -56.55 -45.49 3.56
C THR A 156 -56.04 -46.92 3.38
N ASN A 157 -56.57 -47.63 2.36
CA ASN A 157 -56.16 -48.99 2.02
C ASN A 157 -56.35 -49.23 0.52
N ASN A 158 -55.86 -50.39 0.06
CA ASN A 158 -55.76 -50.74 -1.36
C ASN A 158 -57.13 -50.77 -2.05
N GLU A 159 -58.19 -51.01 -1.26
CA GLU A 159 -59.52 -51.15 -1.84
C GLU A 159 -60.04 -49.77 -2.26
N VAL A 160 -59.94 -48.80 -1.35
CA VAL A 160 -60.44 -47.46 -1.63
C VAL A 160 -59.54 -46.80 -2.68
N PHE A 161 -58.28 -47.25 -2.73
CA PHE A 161 -57.34 -46.86 -3.76
C PHE A 161 -57.95 -47.13 -5.14
N VAL A 162 -58.26 -48.41 -5.42
CA VAL A 162 -58.69 -48.86 -6.73
C VAL A 162 -60.05 -48.27 -7.06
N GLU A 163 -60.85 -48.05 -6.00
CA GLU A 163 -62.14 -47.39 -6.11
C GLU A 163 -61.94 -45.95 -6.62
N LEU A 164 -60.96 -45.25 -6.03
CA LEU A 164 -60.72 -43.84 -6.31
C LEU A 164 -60.22 -43.67 -7.75
N LEU A 165 -59.38 -44.60 -8.22
CA LEU A 165 -58.89 -44.58 -9.59
C LEU A 165 -60.02 -44.28 -10.57
N GLU A 166 -61.16 -44.98 -10.38
CA GLU A 166 -62.27 -44.96 -11.32
C GLU A 166 -63.14 -43.72 -11.11
N MET A 167 -63.34 -43.36 -9.83
CA MET A 167 -64.28 -42.29 -9.48
C MET A 167 -63.68 -40.93 -9.82
N ILE A 168 -62.38 -40.77 -9.51
CA ILE A 168 -61.67 -39.54 -9.84
C ILE A 168 -61.63 -39.39 -11.36
N SER A 169 -61.26 -40.47 -12.07
CA SER A 169 -61.15 -40.44 -13.53
C SER A 169 -62.51 -40.18 -14.19
N LEU A 170 -63.59 -40.61 -13.52
CA LEU A 170 -64.95 -40.35 -13.97
C LEU A 170 -65.26 -38.86 -13.83
N ALA A 171 -64.69 -38.23 -12.80
CA ALA A 171 -64.99 -36.85 -12.46
C ALA A 171 -64.28 -35.88 -13.40
N ILE A 172 -63.08 -36.27 -13.88
CA ILE A 172 -62.20 -35.34 -14.57
C ILE A 172 -62.05 -35.71 -16.06
N GLN A 173 -62.95 -36.56 -16.59
CA GLN A 173 -62.71 -37.12 -17.91
C GLN A 173 -62.79 -36.05 -18.99
N ASP A 174 -63.65 -35.03 -18.77
CA ASP A 174 -63.92 -34.00 -19.76
C ASP A 174 -62.93 -32.84 -19.63
N PHE A 175 -61.68 -33.17 -19.30
CA PHE A 175 -60.59 -32.21 -19.17
C PHE A 175 -59.45 -32.54 -20.14
N LYS A 176 -58.75 -31.48 -20.57
CA LYS A 176 -57.57 -31.58 -21.41
C LYS A 176 -56.48 -32.34 -20.67
N LYS A 177 -55.71 -33.16 -21.42
CA LYS A 177 -54.62 -33.92 -20.85
C LYS A 177 -53.57 -32.95 -20.35
N GLY A 178 -53.08 -33.20 -19.12
CA GLY A 178 -52.01 -32.41 -18.51
C GLY A 178 -50.67 -33.12 -18.63
N PRO A 179 -49.59 -32.56 -18.04
CA PRO A 179 -48.25 -33.14 -18.17
C PRO A 179 -48.22 -34.56 -17.60
N TYR A 180 -47.60 -35.47 -18.36
CA TYR A 180 -47.44 -36.84 -17.91
C TYR A 180 -46.48 -36.86 -16.72
N ILE A 181 -46.80 -37.69 -15.72
CA ILE A 181 -46.00 -37.85 -14.52
C ILE A 181 -45.10 -39.06 -14.71
N LEU A 182 -43.81 -38.80 -14.89
CA LEU A 182 -42.86 -39.80 -15.36
C LEU A 182 -42.56 -40.84 -14.28
N ASN A 183 -42.96 -40.54 -13.05
CA ASN A 183 -42.58 -41.34 -11.88
C ASN A 183 -43.70 -42.33 -11.56
N ASP A 184 -44.83 -42.21 -12.25
CA ASP A 184 -46.04 -42.95 -11.97
C ASP A 184 -46.42 -43.80 -13.17
N LYS A 185 -47.31 -44.78 -12.96
CA LYS A 185 -48.09 -45.35 -14.05
C LYS A 185 -49.37 -44.54 -14.21
N ARG A 186 -49.84 -44.43 -15.46
CA ARG A 186 -51.08 -43.75 -15.75
C ARG A 186 -52.22 -44.77 -15.72
N TRP A 187 -53.36 -44.34 -15.16
CA TRP A 187 -54.57 -45.15 -15.20
C TRP A 187 -55.32 -44.86 -16.50
N LYS A 188 -55.31 -45.87 -17.39
CA LYS A 188 -55.96 -45.82 -18.70
C LYS A 188 -55.41 -44.63 -19.49
N ASN A 189 -56.31 -43.77 -20.00
CA ASN A 189 -55.91 -42.62 -20.79
C ASN A 189 -56.37 -41.34 -20.08
N SER A 190 -56.27 -41.35 -18.74
CA SER A 190 -56.77 -40.28 -17.89
C SER A 190 -55.61 -39.46 -17.31
N ASN A 191 -55.96 -38.40 -16.58
CA ASN A 191 -54.99 -37.60 -15.86
C ASN A 191 -54.75 -38.17 -14.47
N VAL A 192 -55.21 -39.41 -14.25
CA VAL A 192 -55.04 -40.06 -12.97
C VAL A 192 -53.84 -40.98 -13.05
N PHE A 193 -52.93 -40.82 -12.08
CA PHE A 193 -51.66 -41.54 -12.05
C PHE A 193 -51.50 -42.19 -10.68
N TYR A 194 -50.61 -43.18 -10.61
CA TYR A 194 -50.51 -43.98 -9.39
C TYR A 194 -49.07 -44.41 -9.17
N ARG A 195 -48.69 -44.55 -7.90
CA ARG A 195 -47.37 -45.01 -7.51
C ARG A 195 -47.41 -45.49 -6.07
N TYR A 196 -46.50 -46.39 -5.72
CA TYR A 196 -46.32 -46.82 -4.35
C TYR A 196 -45.08 -46.18 -3.76
N GLY A 197 -45.26 -45.48 -2.63
CA GLY A 197 -44.14 -44.89 -1.89
C GLY A 197 -44.58 -44.39 -0.52
N GLY A 198 -43.70 -43.63 0.14
CA GLY A 198 -43.94 -43.11 1.48
C GLY A 198 -45.10 -42.11 1.50
N PHE A 199 -46.02 -42.29 2.46
CA PHE A 199 -47.15 -41.39 2.71
C PHE A 199 -46.66 -40.22 3.57
N LYS A 200 -45.93 -40.57 4.63
CA LYS A 200 -45.14 -39.66 5.42
C LYS A 200 -43.71 -39.64 4.85
N GLY A 201 -42.90 -38.69 5.31
CA GLY A 201 -41.48 -38.68 5.03
C GLY A 201 -40.69 -39.44 6.09
N ILE A 202 -40.27 -40.68 5.75
CA ILE A 202 -39.47 -41.49 6.66
C ILE A 202 -38.01 -41.39 6.25
N PHE A 203 -37.17 -40.82 7.13
CA PHE A 203 -35.76 -40.54 6.86
C PHE A 203 -34.82 -41.55 7.50
N ASN A 204 -33.52 -41.43 7.17
CA ASN A 204 -32.48 -42.30 7.67
C ASN A 204 -31.25 -41.48 8.06
N GLU A 205 -30.06 -42.06 7.89
CA GLU A 205 -28.80 -41.42 8.26
C GLU A 205 -27.94 -41.18 7.02
N HIS A 206 -28.18 -41.97 5.94
CA HIS A 206 -27.45 -41.83 4.70
C HIS A 206 -28.41 -41.98 3.52
N GLY A 207 -29.18 -40.91 3.25
CA GLY A 207 -30.18 -40.92 2.20
C GLY A 207 -31.32 -39.95 2.50
N GLU A 208 -32.31 -39.94 1.60
CA GLU A 208 -33.43 -39.02 1.70
C GLU A 208 -34.66 -39.79 2.19
N HIS A 209 -35.81 -39.50 1.56
CA HIS A 209 -37.06 -40.20 1.80
C HIS A 209 -36.85 -41.70 1.68
N CYS A 210 -37.53 -42.45 2.57
CA CYS A 210 -37.46 -43.91 2.56
C CYS A 210 -38.84 -44.51 2.83
N ILE A 211 -38.95 -45.82 2.56
CA ILE A 211 -40.09 -46.64 2.94
C ILE A 211 -39.60 -47.84 3.76
N ARG A 212 -40.56 -48.58 4.33
CA ARG A 212 -40.29 -49.71 5.20
C ARG A 212 -40.39 -51.00 4.39
N ASP A 213 -39.56 -51.99 4.76
CA ASP A 213 -39.54 -53.30 4.16
C ASP A 213 -40.54 -54.19 4.89
N LYS A 214 -40.35 -55.51 4.78
CA LYS A 214 -40.94 -56.47 5.71
C LYS A 214 -39.83 -57.00 6.62
N GLU A 215 -38.58 -56.58 6.36
CA GLU A 215 -37.41 -57.13 7.03
C GLU A 215 -36.59 -56.02 7.68
N GLY A 216 -35.35 -55.82 7.20
CA GLY A 216 -34.55 -54.67 7.56
C GLY A 216 -35.17 -53.41 6.95
N ASN A 217 -36.16 -52.85 7.65
CA ASN A 217 -37.04 -51.82 7.14
C ASN A 217 -36.27 -50.51 6.95
N LEU A 218 -35.52 -50.42 5.85
CA LEU A 218 -34.61 -49.31 5.59
C LEU A 218 -34.51 -49.06 4.08
N ILE A 219 -35.51 -49.49 3.32
CA ILE A 219 -35.50 -49.37 1.86
C ILE A 219 -35.79 -47.92 1.46
N LYS A 220 -35.11 -47.48 0.39
CA LYS A 220 -35.09 -46.09 -0.04
C LYS A 220 -36.21 -45.86 -1.05
N ASP A 221 -37.00 -44.79 -0.83
CA ASP A 221 -38.13 -44.45 -1.66
C ASP A 221 -37.60 -43.90 -2.99
N GLN A 222 -37.86 -44.63 -4.07
CA GLN A 222 -37.26 -44.33 -5.37
C GLN A 222 -38.17 -43.36 -6.14
N ARG A 223 -37.68 -42.14 -6.34
CA ARG A 223 -38.31 -41.12 -7.15
C ARG A 223 -37.41 -40.80 -8.35
N ASN A 224 -37.66 -41.46 -9.50
CA ASN A 224 -36.88 -41.33 -10.71
C ASN A 224 -37.80 -40.99 -11.89
N PRO A 225 -37.27 -40.58 -13.07
CA PRO A 225 -38.11 -40.25 -14.22
C PRO A 225 -38.78 -41.43 -14.93
N PHE A 226 -38.93 -42.54 -14.19
CA PHE A 226 -39.54 -43.76 -14.71
C PHE A 226 -40.20 -44.53 -13.57
N TYR A 227 -41.29 -45.25 -13.89
CA TYR A 227 -42.07 -45.99 -12.91
C TYR A 227 -41.28 -47.18 -12.37
N GLN A 228 -41.29 -47.35 -11.04
CA GLN A 228 -40.58 -48.43 -10.38
C GLN A 228 -41.42 -48.95 -9.22
N VAL A 229 -41.25 -50.24 -8.89
CA VAL A 229 -42.09 -50.92 -7.91
C VAL A 229 -41.20 -51.50 -6.82
N PRO A 230 -41.50 -51.26 -5.52
CA PRO A 230 -40.79 -51.93 -4.44
C PRO A 230 -41.06 -53.42 -4.53
N ASP A 231 -40.01 -54.21 -4.27
CA ASP A 231 -39.98 -55.65 -4.42
C ASP A 231 -41.21 -56.32 -3.82
N PHE A 232 -41.56 -55.90 -2.60
CA PHE A 232 -42.46 -56.63 -1.72
C PHE A 232 -43.94 -56.32 -2.00
N VAL A 233 -44.23 -55.55 -3.05
CA VAL A 233 -45.62 -55.25 -3.40
C VAL A 233 -45.84 -55.46 -4.91
N LYS A 234 -44.90 -56.16 -5.55
CA LYS A 234 -44.93 -56.39 -7.00
C LYS A 234 -46.25 -57.03 -7.40
N ASP A 235 -46.65 -58.06 -6.64
CA ASP A 235 -47.80 -58.89 -6.97
C ASP A 235 -49.08 -58.05 -7.04
N PHE A 236 -49.15 -56.98 -6.23
CA PHE A 236 -50.30 -56.09 -6.30
C PHE A 236 -50.22 -55.20 -7.53
N ASP A 237 -49.00 -54.81 -7.94
CA ASP A 237 -48.79 -54.10 -9.20
C ASP A 237 -49.18 -55.00 -10.36
N ASP A 238 -48.82 -56.29 -10.26
CA ASP A 238 -49.22 -57.31 -11.22
C ASP A 238 -50.75 -57.32 -11.31
N TYR A 239 -51.43 -57.25 -10.15
CA TYR A 239 -52.87 -57.18 -10.15
C TYR A 239 -53.34 -55.89 -10.85
N LEU A 240 -52.68 -54.77 -10.57
CA LEU A 240 -53.15 -53.48 -11.07
C LEU A 240 -53.10 -53.44 -12.60
N ASN A 241 -52.10 -54.12 -13.17
CA ASN A 241 -51.91 -54.20 -14.61
C ASN A 241 -53.07 -54.92 -15.29
N THR A 242 -53.78 -55.81 -14.56
CA THR A 242 -54.90 -56.57 -15.10
C THR A 242 -56.02 -55.65 -15.57
N ILE A 243 -56.52 -54.80 -14.67
CA ILE A 243 -57.71 -54.02 -14.95
C ILE A 243 -57.33 -52.67 -15.56
N ASN A 244 -56.05 -52.32 -15.43
CA ASN A 244 -55.48 -51.16 -16.10
C ASN A 244 -55.42 -51.43 -17.61
N ASN A 245 -56.30 -50.76 -18.37
CA ASN A 245 -56.47 -51.03 -19.79
C ASN A 245 -55.23 -50.57 -20.59
N SER A 255 -43.52 -46.82 -37.28
CA SER A 255 -42.73 -46.04 -36.29
C SER A 255 -41.73 -45.12 -37.00
N ARG A 256 -42.00 -43.81 -36.96
CA ARG A 256 -41.20 -42.83 -37.68
C ARG A 256 -39.90 -42.51 -36.92
N LEU A 257 -39.79 -43.00 -35.68
CA LEU A 257 -38.64 -42.76 -34.82
C LEU A 257 -37.71 -43.98 -34.82
N GLY A 258 -38.24 -45.13 -35.26
CA GLY A 258 -37.44 -46.33 -35.37
C GLY A 258 -36.48 -46.27 -36.56
N LYS A 259 -36.37 -45.09 -37.17
CA LYS A 259 -35.50 -44.83 -38.31
C LYS A 259 -34.11 -44.44 -37.83
N TYR A 260 -33.96 -44.23 -36.52
CA TYR A 260 -32.72 -43.68 -35.97
C TYR A 260 -32.24 -44.56 -34.82
N LYS A 261 -30.93 -44.65 -34.63
CA LYS A 261 -30.37 -45.30 -33.46
C LYS A 261 -29.98 -44.23 -32.44
N ILE A 262 -30.87 -44.00 -31.46
CA ILE A 262 -30.69 -43.00 -30.43
C ILE A 262 -29.54 -43.41 -29.50
N GLU A 263 -28.37 -42.81 -29.75
CA GLU A 263 -27.12 -43.23 -29.12
C GLU A 263 -27.09 -42.79 -27.67
N THR A 264 -27.07 -41.46 -27.45
CA THR A 264 -26.96 -40.87 -26.14
C THR A 264 -27.97 -39.74 -25.99
N ALA A 265 -28.14 -39.26 -24.75
CA ALA A 265 -28.90 -38.04 -24.49
C ALA A 265 -27.91 -36.95 -24.12
N LEU A 266 -27.96 -35.84 -24.87
CA LEU A 266 -27.03 -34.76 -24.57
C LEU A 266 -27.49 -34.07 -23.29
N SER A 267 -28.80 -33.80 -23.20
CA SER A 267 -29.35 -33.14 -22.03
C SER A 267 -30.80 -33.55 -21.79
N PHE A 268 -31.21 -33.46 -20.52
CA PHE A 268 -32.60 -33.61 -20.14
C PHE A 268 -33.08 -32.31 -19.50
N SER A 269 -34.35 -32.01 -19.75
CA SER A 269 -35.08 -31.09 -18.91
C SER A 269 -36.49 -31.65 -18.71
N ASN A 270 -37.33 -30.90 -17.99
CA ASN A 270 -38.72 -31.28 -17.80
C ASN A 270 -39.48 -31.19 -19.14
N ALA A 271 -39.01 -30.34 -20.05
CA ALA A 271 -39.69 -30.13 -21.32
C ALA A 271 -39.49 -31.34 -22.26
N GLY A 272 -38.45 -32.12 -22.00
CA GLY A 272 -38.10 -33.25 -22.84
C GLY A 272 -36.58 -33.43 -22.92
N GLY A 273 -36.15 -34.48 -23.62
CA GLY A 273 -34.73 -34.72 -23.85
C GLY A 273 -34.23 -34.16 -25.18
N VAL A 274 -32.90 -34.01 -25.26
CA VAL A 274 -32.21 -33.72 -26.50
C VAL A 274 -31.21 -34.86 -26.72
N TYR A 275 -31.40 -35.59 -27.81
CA TYR A 275 -30.67 -36.83 -28.02
C TYR A 275 -29.78 -36.70 -29.26
N LEU A 276 -28.61 -37.33 -29.18
CA LEU A 276 -27.76 -37.62 -30.34
C LEU A 276 -28.22 -38.94 -30.96
N ALA A 277 -28.56 -38.89 -32.24
CA ALA A 277 -28.97 -40.08 -32.98
C ALA A 277 -28.21 -40.19 -34.31
N THR A 278 -28.26 -41.39 -34.91
CA THR A 278 -27.79 -41.64 -36.26
C THR A 278 -28.92 -42.27 -37.07
N ARG A 279 -29.33 -41.63 -38.18
CA ARG A 279 -30.34 -42.18 -39.07
C ARG A 279 -29.81 -43.48 -39.68
N LYS A 280 -30.55 -44.57 -39.45
CA LYS A 280 -30.16 -45.92 -39.85
C LYS A 280 -30.12 -46.02 -41.37
N LYS A 281 -29.18 -46.82 -41.88
CA LYS A 281 -28.95 -46.96 -43.32
C LYS A 281 -28.80 -45.58 -43.96
N ASP A 282 -27.73 -44.89 -43.54
CA ASP A 282 -27.40 -43.52 -43.93
C ASP A 282 -26.24 -43.02 -43.08
N ASN A 283 -26.40 -43.18 -41.75
CA ASN A 283 -25.39 -42.86 -40.76
C ASN A 283 -25.25 -41.35 -40.61
N LEU A 284 -26.28 -40.60 -41.04
CA LEU A 284 -26.32 -39.17 -40.75
C LEU A 284 -26.55 -38.95 -39.26
N LYS A 285 -25.58 -38.29 -38.61
CA LYS A 285 -25.74 -37.78 -37.25
C LYS A 285 -26.79 -36.67 -37.29
N VAL A 286 -27.78 -36.76 -36.39
CA VAL A 286 -28.79 -35.74 -36.23
C VAL A 286 -28.94 -35.41 -34.74
N ILE A 287 -29.67 -34.33 -34.46
CA ILE A 287 -30.11 -33.98 -33.13
C ILE A 287 -31.63 -34.16 -33.09
N ILE A 288 -32.10 -34.93 -32.12
CA ILE A 288 -33.55 -35.09 -31.93
C ILE A 288 -33.93 -34.31 -30.67
N LYS A 289 -34.88 -33.38 -30.85
CA LYS A 289 -35.33 -32.51 -29.78
C LYS A 289 -36.76 -32.87 -29.40
N GLU A 290 -36.94 -33.29 -28.14
CA GLU A 290 -38.20 -33.83 -27.68
C GLU A 290 -38.98 -32.79 -26.86
N ALA A 291 -40.28 -32.66 -27.17
CA ALA A 291 -41.22 -31.86 -26.41
C ALA A 291 -42.32 -32.76 -25.85
N ARG A 292 -42.62 -32.60 -24.56
CA ARG A 292 -43.71 -33.31 -23.89
C ARG A 292 -44.88 -32.35 -23.76
N PRO A 293 -46.07 -32.65 -24.31
CA PRO A 293 -47.19 -31.69 -24.29
C PRO A 293 -47.61 -31.37 -22.87
N SER A 294 -47.84 -30.07 -22.63
CA SER A 294 -48.29 -29.50 -21.36
C SER A 294 -47.18 -29.46 -20.30
N ALA A 295 -45.98 -29.93 -20.65
CA ALA A 295 -44.87 -29.95 -19.71
C ALA A 295 -43.87 -28.82 -19.99
N GLY A 296 -43.02 -28.51 -18.99
CA GLY A 296 -41.91 -27.59 -19.11
C GLY A 296 -42.36 -26.17 -19.44
N LEU A 297 -43.12 -25.56 -18.51
CA LEU A 297 -43.55 -24.19 -18.71
C LEU A 297 -42.36 -23.25 -18.53
N ASP A 298 -42.46 -22.09 -19.17
CA ASP A 298 -41.52 -20.99 -18.97
C ASP A 298 -42.27 -19.82 -18.33
N GLY A 299 -41.57 -18.69 -18.13
CA GLY A 299 -42.13 -17.48 -17.56
C GLY A 299 -43.40 -16.97 -18.27
N ALA A 300 -43.53 -17.29 -19.57
CA ALA A 300 -44.68 -16.86 -20.36
C ALA A 300 -45.81 -17.88 -20.28
N ALA A 301 -45.61 -18.94 -19.48
CA ALA A 301 -46.52 -20.06 -19.41
C ALA A 301 -46.64 -20.77 -20.77
N GLN A 302 -45.54 -20.84 -21.52
CA GLN A 302 -45.47 -21.61 -22.76
C GLN A 302 -44.85 -22.97 -22.45
N ASP A 303 -45.45 -24.01 -23.03
CA ASP A 303 -45.02 -25.37 -22.76
C ASP A 303 -43.98 -25.79 -23.80
N ALA A 304 -43.47 -27.02 -23.63
CA ALA A 304 -42.44 -27.59 -24.48
C ALA A 304 -42.87 -27.53 -25.95
N LEU A 305 -44.13 -27.86 -26.22
CA LEU A 305 -44.64 -27.94 -27.59
C LEU A 305 -44.70 -26.55 -28.22
N ALA A 306 -45.17 -25.56 -27.44
CA ALA A 306 -45.28 -24.18 -27.91
C ALA A 306 -43.92 -23.65 -28.35
N ARG A 307 -42.87 -24.01 -27.59
CA ARG A 307 -41.54 -23.53 -27.91
C ARG A 307 -41.02 -24.25 -29.13
N GLN A 308 -41.25 -25.57 -29.19
CA GLN A 308 -40.78 -26.42 -30.28
C GLN A 308 -41.35 -25.96 -31.62
N LYS A 309 -42.63 -25.56 -31.63
CA LYS A 309 -43.28 -25.12 -32.84
C LYS A 309 -42.61 -23.84 -33.33
N ILE A 310 -42.29 -22.94 -32.40
CA ILE A 310 -41.63 -21.68 -32.72
C ILE A 310 -40.26 -21.99 -33.33
N GLU A 311 -39.54 -22.98 -32.77
CA GLU A 311 -38.22 -23.34 -33.26
C GLU A 311 -38.33 -23.88 -34.69
N TYR A 312 -39.34 -24.73 -34.92
CA TYR A 312 -39.54 -25.34 -36.23
C TYR A 312 -39.90 -24.29 -37.27
N ASP A 313 -40.81 -23.38 -36.89
CA ASP A 313 -41.22 -22.30 -37.79
C ASP A 313 -40.03 -21.42 -38.13
N ALA A 314 -39.25 -21.06 -37.12
CA ALA A 314 -38.08 -20.23 -37.33
C ALA A 314 -37.11 -20.92 -38.31
N LEU A 315 -36.84 -22.22 -38.10
CA LEU A 315 -35.82 -22.91 -38.88
C LEU A 315 -36.24 -23.06 -40.34
N LYS A 316 -37.56 -23.11 -40.60
CA LYS A 316 -38.11 -23.19 -41.93
C LYS A 316 -37.93 -21.84 -42.64
N LYS A 317 -38.21 -20.74 -41.93
CA LYS A 317 -38.08 -19.40 -42.45
C LYS A 317 -36.62 -19.09 -42.79
N LEU A 318 -35.70 -19.89 -42.23
CA LEU A 318 -34.28 -19.68 -42.34
C LEU A 318 -33.62 -20.89 -43.02
N LYS A 319 -34.40 -21.62 -43.83
CA LYS A 319 -33.90 -22.81 -44.50
C LYS A 319 -32.67 -22.47 -45.33
N ASP A 320 -32.71 -21.27 -45.95
CA ASP A 320 -31.73 -20.86 -46.95
C ASP A 320 -30.70 -19.91 -46.33
N VAL A 321 -30.82 -19.61 -45.03
CA VAL A 321 -29.71 -18.98 -44.34
C VAL A 321 -28.78 -20.09 -43.84
N SER A 322 -27.61 -20.21 -44.47
CA SER A 322 -26.79 -21.40 -44.29
C SER A 322 -26.16 -21.44 -42.89
N GLY A 323 -26.16 -20.31 -42.17
CA GLY A 323 -25.57 -20.24 -40.85
C GLY A 323 -26.48 -20.85 -39.78
N VAL A 324 -27.79 -20.85 -40.07
CA VAL A 324 -28.81 -21.39 -39.20
C VAL A 324 -28.89 -22.90 -39.44
N VAL A 325 -28.93 -23.66 -38.34
CA VAL A 325 -29.02 -25.11 -38.35
C VAL A 325 -30.26 -25.51 -39.17
N ASN A 326 -30.16 -26.63 -39.88
CA ASN A 326 -31.22 -27.04 -40.80
C ASN A 326 -32.08 -28.12 -40.16
N LEU A 327 -33.40 -28.03 -40.39
CA LEU A 327 -34.28 -29.04 -39.83
C LEU A 327 -34.41 -30.21 -40.81
N ILE A 328 -34.44 -31.43 -40.26
CA ILE A 328 -34.53 -32.65 -41.02
C ILE A 328 -36.00 -33.07 -41.16
N GLU A 329 -36.67 -33.38 -40.03
CA GLU A 329 -38.07 -33.80 -40.02
C GLU A 329 -38.72 -33.55 -38.67
N TYR A 330 -40.06 -33.47 -38.70
CA TYR A 330 -40.89 -33.20 -37.54
C TYR A 330 -42.05 -34.19 -37.50
N PHE A 331 -42.15 -34.94 -36.40
CA PHE A 331 -43.19 -35.95 -36.28
C PHE A 331 -43.58 -36.16 -34.83
N GLN A 332 -44.81 -36.67 -34.65
CA GLN A 332 -45.30 -37.10 -33.35
C GLN A 332 -45.07 -38.61 -33.22
N GLU A 333 -44.54 -39.02 -32.06
CA GLU A 333 -44.44 -40.43 -31.74
C GLU A 333 -44.99 -40.63 -30.33
N TRP A 334 -46.07 -41.42 -30.25
CA TRP A 334 -46.90 -41.50 -29.07
C TRP A 334 -47.47 -40.12 -28.79
N GLU A 335 -47.16 -39.52 -27.63
CA GLU A 335 -47.74 -38.25 -27.24
C GLU A 335 -46.72 -37.11 -27.34
N HIS A 336 -45.43 -37.47 -27.40
CA HIS A 336 -44.35 -36.50 -27.50
C HIS A 336 -44.12 -36.11 -28.95
N TYR A 337 -43.53 -34.92 -29.14
CA TYR A 337 -43.23 -34.36 -30.45
C TYR A 337 -41.72 -34.27 -30.61
N PHE A 338 -41.24 -34.55 -31.83
CA PHE A 338 -39.83 -34.73 -32.11
C PHE A 338 -39.43 -33.88 -33.30
N LEU A 339 -38.51 -32.93 -33.05
CA LEU A 339 -37.94 -32.08 -34.09
C LEU A 339 -36.51 -32.54 -34.33
N VAL A 340 -36.28 -33.09 -35.55
CA VAL A 340 -35.00 -33.67 -35.91
C VAL A 340 -34.22 -32.62 -36.70
N GLU A 341 -32.90 -32.58 -36.47
CA GLU A 341 -32.10 -31.42 -36.82
C GLU A 341 -30.70 -31.84 -37.25
N GLU A 342 -30.13 -31.06 -38.18
CA GLU A 342 -28.72 -31.18 -38.53
C GLU A 342 -27.86 -31.23 -37.26
N PHE A 343 -26.98 -32.23 -37.15
CA PHE A 343 -25.99 -32.22 -36.08
C PHE A 343 -24.79 -31.39 -36.52
N ILE A 344 -24.54 -30.31 -35.79
CA ILE A 344 -23.46 -29.39 -36.08
C ILE A 344 -22.23 -29.81 -35.30
N GLU A 345 -21.11 -29.98 -36.00
CA GLU A 345 -19.85 -30.43 -35.41
C GLU A 345 -19.09 -29.23 -34.86
N GLY A 346 -18.81 -29.24 -33.55
CA GLY A 346 -18.00 -28.20 -32.95
C GLY A 346 -18.39 -27.90 -31.50
N ARG A 347 -18.24 -26.62 -31.11
CA ARG A 347 -18.37 -26.15 -29.75
C ARG A 347 -19.17 -24.85 -29.74
N ASP A 348 -20.02 -24.69 -28.72
CA ASP A 348 -20.67 -23.40 -28.49
C ASP A 348 -19.60 -22.45 -27.98
N LEU A 349 -19.85 -21.13 -28.08
CA LEU A 349 -18.85 -20.12 -27.76
C LEU A 349 -18.41 -20.17 -26.30
N ARG A 350 -19.28 -20.68 -25.40
CA ARG A 350 -18.89 -20.87 -24.01
C ARG A 350 -17.76 -21.88 -23.93
N GLN A 351 -17.93 -23.02 -24.63
CA GLN A 351 -16.91 -24.07 -24.62
C GLN A 351 -15.66 -23.53 -25.31
N TRP A 352 -15.86 -22.86 -26.45
CA TRP A 352 -14.76 -22.29 -27.21
C TRP A 352 -13.95 -21.35 -26.33
N ILE A 353 -14.64 -20.47 -25.60
CA ILE A 353 -13.99 -19.52 -24.71
C ILE A 353 -13.16 -20.28 -23.69
N ALA A 354 -13.79 -21.23 -22.99
CA ALA A 354 -13.18 -21.93 -21.88
C ALA A 354 -11.89 -22.61 -22.34
N GLN A 355 -11.91 -23.12 -23.57
CA GLN A 355 -10.84 -23.99 -24.08
C GLN A 355 -9.80 -23.22 -24.89
N GLU A 356 -10.18 -22.07 -25.48
CA GLU A 356 -9.30 -21.45 -26.46
C GLU A 356 -8.85 -20.05 -26.01
N PHE A 357 -9.66 -19.35 -25.21
CA PHE A 357 -9.26 -18.04 -24.73
C PHE A 357 -7.88 -18.13 -24.09
N PRO A 358 -6.95 -17.20 -24.38
CA PRO A 358 -5.60 -17.27 -23.83
C PRO A 358 -5.56 -16.81 -22.37
N PHE A 359 -6.04 -17.67 -21.46
CA PHE A 359 -6.13 -17.33 -20.06
C PHE A 359 -4.74 -17.05 -19.48
N PHE A 360 -3.74 -17.80 -19.93
CA PHE A 360 -2.40 -17.74 -19.34
C PHE A 360 -1.54 -16.72 -20.08
N GLU A 361 -0.93 -15.80 -19.31
CA GLU A 361 0.04 -14.84 -19.79
C GLU A 361 1.39 -15.53 -20.00
N ASP A 362 1.69 -15.84 -21.27
CA ASP A 362 2.91 -16.55 -21.66
C ASP A 362 3.94 -15.60 -22.26
N ASN A 363 3.74 -14.29 -22.02
CA ASN A 363 4.60 -13.22 -22.51
C ASN A 363 4.42 -13.10 -24.03
N ASN A 364 3.69 -12.05 -24.45
CA ASN A 364 3.50 -11.74 -25.85
C ASN A 364 2.87 -12.93 -26.58
N GLY A 365 1.58 -12.79 -26.90
CA GLY A 365 0.96 -13.79 -27.75
C GLY A 365 -0.56 -13.83 -27.55
N MET A 366 -1.20 -12.67 -27.79
CA MET A 366 -2.65 -12.63 -27.84
C MET A 366 -3.12 -12.21 -29.24
N SER A 367 -2.19 -12.21 -30.21
CA SER A 367 -2.48 -11.80 -31.57
C SER A 367 -3.33 -12.84 -32.31
N ASN A 368 -3.14 -14.12 -31.95
CA ASN A 368 -3.92 -15.19 -32.55
C ASN A 368 -5.37 -15.09 -32.09
N HIS A 369 -5.57 -14.78 -30.79
CA HIS A 369 -6.91 -14.60 -30.28
C HIS A 369 -7.62 -13.49 -31.03
N ILE A 370 -6.92 -12.37 -31.21
CA ILE A 370 -7.45 -11.22 -31.95
C ILE A 370 -7.96 -11.67 -33.32
N LYS A 371 -7.20 -12.54 -33.99
CA LYS A 371 -7.56 -13.01 -35.32
C LYS A 371 -8.85 -13.81 -35.27
N ASP A 372 -8.90 -14.78 -34.35
CA ASP A 372 -10.03 -15.69 -34.24
C ASP A 372 -11.30 -14.93 -33.85
N VAL A 373 -11.17 -13.93 -32.98
CA VAL A 373 -12.31 -13.18 -32.48
C VAL A 373 -12.95 -12.41 -33.64
N LYS A 374 -12.10 -11.75 -34.44
CA LYS A 374 -12.53 -10.96 -35.58
C LYS A 374 -13.30 -11.84 -36.58
N MET A 375 -12.72 -13.00 -36.90
CA MET A 375 -13.28 -13.92 -37.87
C MET A 375 -14.65 -14.41 -37.41
N ILE A 376 -14.79 -14.70 -36.11
CA ILE A 376 -16.05 -15.17 -35.55
C ILE A 376 -17.06 -14.03 -35.63
N LEU A 377 -16.67 -12.87 -35.07
CA LEU A 377 -17.63 -11.79 -34.87
C LEU A 377 -18.12 -11.26 -36.22
N LEU A 378 -17.22 -11.15 -37.21
CA LEU A 378 -17.64 -10.61 -38.50
C LEU A 378 -18.61 -11.57 -39.17
N GLN A 379 -18.39 -12.88 -38.99
CA GLN A 379 -19.37 -13.87 -39.40
C GLN A 379 -20.70 -13.67 -38.67
N LEU A 380 -20.64 -13.38 -37.37
CA LEU A 380 -21.86 -13.32 -36.59
C LEU A 380 -22.68 -12.09 -36.97
N LEU A 381 -21.98 -10.99 -37.27
CA LEU A 381 -22.63 -9.77 -37.74
C LEU A 381 -23.43 -10.07 -39.01
N ASP A 382 -22.80 -10.78 -39.95
CA ASP A 382 -23.45 -11.07 -41.21
C ASP A 382 -24.64 -12.00 -41.00
N LEU A 383 -24.48 -12.95 -40.08
CA LEU A 383 -25.52 -13.93 -39.77
C LEU A 383 -26.77 -13.25 -39.21
N ILE A 384 -26.59 -12.27 -38.32
CA ILE A 384 -27.73 -11.61 -37.70
C ILE A 384 -28.48 -10.77 -38.76
N ASP A 385 -27.72 -10.19 -39.71
CA ASP A 385 -28.32 -9.42 -40.78
C ASP A 385 -29.17 -10.34 -41.67
N SER A 386 -28.65 -11.54 -41.97
CA SER A 386 -29.35 -12.53 -42.78
C SER A 386 -30.66 -12.95 -42.11
N MET A 387 -30.61 -13.22 -40.80
CA MET A 387 -31.79 -13.66 -40.07
C MET A 387 -32.86 -12.58 -40.10
N HIS A 388 -32.45 -11.33 -39.83
CA HIS A 388 -33.39 -10.22 -39.76
C HIS A 388 -33.98 -9.95 -41.15
N ASN A 389 -33.16 -10.12 -42.19
CA ASN A 389 -33.62 -9.93 -43.57
C ASN A 389 -34.75 -10.90 -43.89
N GLN A 390 -34.85 -11.98 -43.12
CA GLN A 390 -35.90 -12.97 -43.28
C GLN A 390 -37.02 -12.76 -42.27
N GLY A 391 -36.91 -11.67 -41.49
CA GLY A 391 -37.99 -11.25 -40.61
C GLY A 391 -38.02 -11.99 -39.26
N VAL A 392 -36.87 -12.55 -38.82
CA VAL A 392 -36.87 -13.34 -37.60
C VAL A 392 -35.71 -12.91 -36.71
N ALA A 393 -36.02 -12.61 -35.45
CA ALA A 393 -35.01 -12.42 -34.40
C ALA A 393 -34.85 -13.74 -33.65
N MET A 394 -33.61 -14.13 -33.36
CA MET A 394 -33.36 -15.44 -32.79
C MET A 394 -33.71 -15.51 -31.30
N GLY A 395 -33.66 -14.37 -30.59
CA GLY A 395 -34.37 -14.20 -29.33
C GLY A 395 -33.48 -14.34 -28.09
N ASP A 396 -32.37 -15.07 -28.24
CA ASP A 396 -31.45 -15.29 -27.13
C ASP A 396 -30.02 -15.28 -27.68
N LEU A 397 -29.57 -14.11 -28.18
CA LEU A 397 -28.24 -14.04 -28.77
C LEU A 397 -27.18 -13.93 -27.68
N GLN A 398 -26.55 -15.08 -27.37
CA GLN A 398 -25.58 -15.21 -26.29
C GLN A 398 -24.74 -16.45 -26.55
N PRO A 399 -23.55 -16.56 -25.92
CA PRO A 399 -22.58 -17.60 -26.25
C PRO A 399 -23.10 -19.03 -26.35
N ALA A 400 -24.12 -19.39 -25.55
CA ALA A 400 -24.56 -20.77 -25.50
C ALA A 400 -25.11 -21.23 -26.85
N ASN A 401 -25.67 -20.29 -27.62
CA ASN A 401 -26.43 -20.62 -28.82
C ASN A 401 -25.59 -20.37 -30.08
N ILE A 402 -24.34 -19.93 -29.89
CA ILE A 402 -23.46 -19.69 -31.01
C ILE A 402 -22.43 -20.80 -31.01
N MET A 403 -22.33 -21.51 -32.13
CA MET A 403 -21.38 -22.59 -32.26
C MET A 403 -20.30 -22.23 -33.27
N VAL A 404 -19.14 -22.88 -33.07
CA VAL A 404 -17.99 -22.64 -33.92
C VAL A 404 -17.43 -24.00 -34.33
N THR A 405 -17.25 -24.20 -35.64
CA THR A 405 -16.67 -25.45 -36.14
C THR A 405 -15.16 -25.44 -35.91
N GLU A 406 -14.50 -26.50 -36.39
CA GLU A 406 -13.08 -26.69 -36.14
C GLU A 406 -12.26 -25.69 -36.96
N ASP A 407 -12.85 -25.16 -38.04
CA ASP A 407 -12.20 -24.13 -38.84
C ASP A 407 -12.83 -22.76 -38.54
N LEU A 408 -13.62 -22.70 -37.46
CA LEU A 408 -14.19 -21.48 -36.91
C LEU A 408 -15.31 -20.96 -37.79
N THR A 409 -16.01 -21.84 -38.49
CA THR A 409 -17.29 -21.46 -39.09
C THR A 409 -18.33 -21.32 -37.98
N VAL A 410 -19.18 -20.29 -38.10
CA VAL A 410 -20.13 -19.90 -37.08
C VAL A 410 -21.52 -20.41 -37.48
N ARG A 411 -22.17 -21.13 -36.55
CA ARG A 411 -23.56 -21.53 -36.70
C ARG A 411 -24.34 -21.09 -35.45
N ILE A 412 -25.65 -20.92 -35.62
CA ILE A 412 -26.57 -20.60 -34.53
C ILE A 412 -27.59 -21.73 -34.39
N ILE A 413 -27.78 -22.18 -33.15
CA ILE A 413 -28.78 -23.19 -32.81
C ILE A 413 -29.77 -22.62 -31.82
N ASP A 414 -30.79 -23.43 -31.49
CA ASP A 414 -31.79 -23.17 -30.46
C ASP A 414 -32.65 -21.96 -30.81
N PHE A 415 -33.73 -22.19 -31.58
CA PHE A 415 -34.60 -21.11 -32.00
C PHE A 415 -35.93 -21.13 -31.26
N GLU A 416 -35.91 -21.57 -30.00
CA GLU A 416 -37.13 -21.66 -29.21
C GLU A 416 -37.56 -20.26 -28.78
N THR A 417 -36.60 -19.33 -28.81
CA THR A 417 -36.78 -17.97 -28.31
C THR A 417 -37.05 -17.01 -29.47
N ALA A 418 -37.20 -17.57 -30.68
CA ALA A 418 -37.30 -16.76 -31.87
C ALA A 418 -38.61 -15.97 -31.84
N MET A 419 -38.52 -14.69 -32.20
CA MET A 419 -39.71 -13.87 -32.41
C MET A 419 -39.58 -13.17 -33.77
N PRO A 420 -40.71 -12.73 -34.38
CA PRO A 420 -40.64 -11.83 -35.52
C PRO A 420 -39.91 -10.55 -35.11
N VAL A 421 -38.96 -10.10 -35.95
CA VAL A 421 -38.30 -8.82 -35.72
C VAL A 421 -39.38 -7.75 -35.70
N ASN A 422 -39.17 -6.70 -34.90
CA ASN A 422 -40.11 -5.59 -34.81
C ASN A 422 -41.12 -5.83 -33.69
N SER A 423 -41.24 -7.08 -33.22
CA SER A 423 -42.16 -7.41 -32.14
C SER A 423 -41.63 -6.87 -30.81
N ASP A 424 -42.52 -6.22 -30.05
CA ASP A 424 -42.18 -5.67 -28.74
C ASP A 424 -42.87 -6.48 -27.64
N ASP A 425 -43.02 -7.79 -27.88
CA ASP A 425 -43.51 -8.68 -26.84
C ASP A 425 -42.43 -8.86 -25.78
N ARG A 426 -42.88 -9.03 -24.53
CA ARG A 426 -42.03 -9.48 -23.45
C ARG A 426 -41.44 -10.83 -23.83
N PRO A 427 -40.10 -11.00 -23.81
CA PRO A 427 -39.48 -12.31 -23.99
C PRO A 427 -39.78 -13.26 -22.83
N ALA A 428 -39.96 -14.54 -23.15
CA ALA A 428 -40.18 -15.59 -22.16
C ALA A 428 -38.99 -15.69 -21.21
N MET A 429 -37.77 -15.51 -21.72
CA MET A 429 -36.57 -15.68 -20.91
C MET A 429 -35.54 -14.63 -21.29
N LEU A 430 -34.70 -14.25 -20.32
CA LEU A 430 -33.58 -13.35 -20.52
C LEU A 430 -32.32 -14.06 -20.04
N THR A 431 -31.25 -13.99 -20.86
CA THR A 431 -29.93 -14.34 -20.38
C THR A 431 -29.34 -13.08 -19.77
N THR A 432 -29.41 -13.01 -18.44
CA THR A 432 -28.73 -11.94 -17.74
C THR A 432 -27.28 -11.96 -18.22
N GLY A 433 -26.70 -10.80 -18.48
CA GLY A 433 -25.33 -10.83 -18.94
C GLY A 433 -25.22 -10.36 -20.38
N PHE A 434 -26.32 -10.54 -21.14
CA PHE A 434 -26.37 -10.22 -22.55
C PHE A 434 -27.69 -9.56 -22.92
N VAL A 435 -28.34 -8.93 -21.92
CA VAL A 435 -29.61 -8.25 -22.15
C VAL A 435 -29.60 -6.88 -21.48
N SER A 436 -30.55 -6.02 -21.91
CA SER A 436 -30.83 -4.76 -21.23
C SER A 436 -32.35 -4.52 -21.25
N HIS A 437 -32.91 -4.04 -20.13
CA HIS A 437 -34.33 -3.68 -20.06
C HIS A 437 -34.60 -2.46 -20.94
N GLU A 438 -33.53 -1.79 -21.39
CA GLU A 438 -33.63 -0.64 -22.28
C GLU A 438 -33.98 -1.07 -23.70
N MET A 439 -33.78 -2.37 -24.00
CA MET A 439 -34.18 -2.93 -25.28
C MET A 439 -35.66 -3.30 -25.21
N LYS A 440 -36.40 -2.96 -26.28
CA LYS A 440 -37.84 -3.15 -26.28
C LYS A 440 -38.25 -4.06 -27.45
N VAL A 441 -37.49 -4.00 -28.55
CA VAL A 441 -37.88 -4.71 -29.76
C VAL A 441 -36.98 -5.92 -29.95
N SER A 442 -37.57 -7.02 -30.43
CA SER A 442 -36.87 -8.30 -30.49
C SER A 442 -35.61 -8.19 -31.33
N GLY A 443 -35.73 -7.54 -32.50
CA GLY A 443 -34.59 -7.30 -33.36
C GLY A 443 -33.46 -6.58 -32.65
N ALA A 444 -33.85 -5.62 -31.79
CA ALA A 444 -32.91 -4.83 -31.01
C ALA A 444 -32.22 -5.68 -29.95
N ARG A 445 -32.97 -6.64 -29.37
CA ARG A 445 -32.47 -7.53 -28.33
C ARG A 445 -31.30 -8.35 -28.88
N ASP A 446 -31.44 -8.84 -30.12
CA ASP A 446 -30.38 -9.59 -30.79
C ASP A 446 -29.11 -8.75 -30.93
N TRP A 447 -29.27 -7.49 -31.35
CA TRP A 447 -28.12 -6.62 -31.57
C TRP A 447 -27.44 -6.27 -30.26
N PHE A 448 -28.23 -6.12 -29.19
CA PHE A 448 -27.65 -5.80 -27.90
C PHE A 448 -26.83 -6.98 -27.40
N GLY A 449 -27.37 -8.19 -27.55
CA GLY A 449 -26.70 -9.40 -27.11
C GLY A 449 -25.37 -9.55 -27.84
N PHE A 450 -25.41 -9.35 -29.17
CA PHE A 450 -24.25 -9.32 -30.03
C PHE A 450 -23.26 -8.25 -29.55
N LYS A 451 -23.77 -7.04 -29.31
CA LYS A 451 -22.93 -5.97 -28.81
C LYS A 451 -22.15 -6.45 -27.59
N ARG A 452 -22.85 -7.05 -26.62
CA ARG A 452 -22.24 -7.52 -25.40
C ARG A 452 -21.31 -8.70 -25.68
N LEU A 453 -21.69 -9.52 -26.66
CA LEU A 453 -20.90 -10.67 -27.07
C LEU A 453 -19.56 -10.23 -27.67
N VAL A 454 -19.58 -9.11 -28.41
CA VAL A 454 -18.40 -8.54 -29.03
C VAL A 454 -17.32 -8.31 -27.97
N ARG A 455 -17.66 -7.60 -26.89
CA ARG A 455 -16.69 -7.28 -25.85
C ARG A 455 -16.34 -8.55 -25.07
N TYR A 456 -17.30 -9.49 -25.01
CA TYR A 456 -17.16 -10.68 -24.18
C TYR A 456 -16.03 -11.57 -24.69
N LEU A 457 -15.95 -11.78 -26.01
CA LEU A 457 -14.92 -12.65 -26.56
C LEU A 457 -13.53 -12.07 -26.26
N ALA A 458 -13.45 -10.74 -26.11
CA ALA A 458 -12.20 -10.07 -25.79
C ALA A 458 -11.92 -10.13 -24.29
N LEU A 459 -12.97 -10.03 -23.47
CA LEU A 459 -12.82 -10.21 -22.03
C LEU A 459 -14.00 -11.01 -21.49
N PRO A 460 -13.87 -12.35 -21.39
CA PRO A 460 -15.01 -13.20 -21.03
C PRO A 460 -15.34 -13.11 -19.54
N VAL A 461 -15.82 -11.94 -19.13
CA VAL A 461 -16.19 -11.67 -17.75
C VAL A 461 -17.64 -11.20 -17.76
N LEU A 462 -18.49 -11.95 -17.06
CA LEU A 462 -19.91 -11.70 -16.99
C LEU A 462 -20.15 -10.38 -16.26
N THR A 463 -21.27 -9.75 -16.62
CA THR A 463 -21.76 -8.52 -16.03
C THR A 463 -23.28 -8.52 -16.18
N SER A 464 -23.99 -7.81 -15.30
CA SER A 464 -25.39 -7.50 -15.60
C SER A 464 -25.51 -6.04 -16.05
N GLU A 465 -26.69 -5.67 -16.56
CA GLU A 465 -27.00 -4.29 -16.86
C GLU A 465 -26.85 -3.41 -15.62
N ASP A 466 -27.07 -4.01 -14.44
CA ASP A 466 -27.05 -3.23 -13.20
C ASP A 466 -25.65 -2.74 -12.85
N LEU A 467 -24.61 -3.49 -13.25
CA LEU A 467 -23.25 -3.10 -12.90
C LEU A 467 -22.47 -2.68 -14.14
N GLU A 468 -23.05 -2.89 -15.32
CA GLU A 468 -22.40 -2.59 -16.59
C GLU A 468 -22.07 -1.09 -16.67
N GLY A 469 -22.92 -0.25 -16.05
CA GLY A 469 -22.63 1.17 -15.92
C GLY A 469 -21.21 1.40 -15.39
N TYR A 470 -20.79 0.58 -14.43
CA TYR A 470 -19.47 0.69 -13.83
C TYR A 470 -18.45 -0.06 -14.68
N LEU A 471 -18.72 -1.34 -14.96
CA LEU A 471 -17.67 -2.29 -15.31
C LEU A 471 -17.30 -2.19 -16.79
N GLN A 472 -18.15 -1.50 -17.56
CA GLN A 472 -17.83 -1.11 -18.93
C GLN A 472 -16.45 -0.42 -18.94
N TYR A 473 -16.21 0.46 -17.97
CA TYR A 473 -14.96 1.19 -17.86
C TYR A 473 -13.82 0.24 -17.55
N ASN A 474 -14.03 -0.65 -16.56
CA ASN A 474 -12.98 -1.59 -16.16
C ASN A 474 -12.58 -2.46 -17.34
N HIS A 475 -13.59 -2.90 -18.10
CA HIS A 475 -13.39 -3.91 -19.12
C HIS A 475 -12.70 -3.32 -20.35
N LEU A 476 -13.21 -2.18 -20.83
CA LEU A 476 -12.61 -1.53 -21.99
C LEU A 476 -11.18 -1.10 -21.66
N ASN A 477 -10.98 -0.52 -20.47
CA ASN A 477 -9.63 -0.17 -20.05
C ASN A 477 -8.72 -1.39 -20.09
N TRP A 478 -9.24 -2.55 -19.68
CA TRP A 478 -8.40 -3.74 -19.61
C TRP A 478 -8.07 -4.19 -21.02
N ILE A 479 -9.07 -4.14 -21.91
CA ILE A 479 -8.92 -4.62 -23.26
C ILE A 479 -7.85 -3.77 -23.96
N LYS A 480 -7.94 -2.45 -23.77
CA LYS A 480 -7.04 -1.52 -24.43
C LYS A 480 -5.61 -1.74 -23.94
N GLU A 481 -5.40 -1.84 -22.61
CA GLU A 481 -4.05 -1.95 -22.09
C GLU A 481 -3.40 -3.29 -22.49
N ASN A 482 -4.22 -4.27 -22.86
CA ASN A 482 -3.75 -5.65 -22.96
C ASN A 482 -3.69 -6.12 -24.41
N TYR A 483 -4.59 -5.63 -25.25
CA TYR A 483 -4.57 -6.00 -26.66
C TYR A 483 -3.96 -4.90 -27.51
N GLY A 484 -4.03 -3.66 -27.03
CA GLY A 484 -3.53 -2.51 -27.79
C GLY A 484 -4.68 -1.74 -28.45
N TYR A 485 -4.37 -0.52 -28.89
CA TYR A 485 -5.36 0.43 -29.37
C TYR A 485 -6.12 -0.13 -30.57
N GLU A 486 -5.42 -0.88 -31.44
CA GLU A 486 -6.00 -1.32 -32.70
C GLU A 486 -7.21 -2.21 -32.41
N PHE A 487 -6.98 -3.28 -31.63
CA PHE A 487 -8.04 -4.22 -31.33
C PHE A 487 -9.15 -3.52 -30.55
N TYR A 488 -8.75 -2.62 -29.64
CA TYR A 488 -9.69 -1.86 -28.85
C TYR A 488 -10.65 -1.10 -29.76
N SER A 489 -10.10 -0.46 -30.80
CA SER A 489 -10.89 0.35 -31.69
C SER A 489 -11.75 -0.53 -32.60
N PHE A 490 -11.25 -1.71 -32.95
CA PHE A 490 -12.08 -2.67 -33.66
C PHE A 490 -13.35 -2.97 -32.84
N ILE A 491 -13.18 -3.15 -31.53
CA ILE A 491 -14.26 -3.53 -30.65
C ILE A 491 -15.27 -2.38 -30.54
N VAL A 492 -14.75 -1.17 -30.29
CA VAL A 492 -15.59 0.02 -30.11
C VAL A 492 -16.40 0.27 -31.39
N ASP A 493 -15.72 0.15 -32.55
CA ASP A 493 -16.35 0.43 -33.83
C ASP A 493 -17.51 -0.53 -34.04
N LEU A 494 -17.26 -1.83 -33.78
CA LEU A 494 -18.25 -2.87 -34.02
C LEU A 494 -19.44 -2.70 -33.08
N GLN A 495 -19.14 -2.35 -31.82
CA GLN A 495 -20.17 -2.08 -30.86
C GLN A 495 -21.02 -0.88 -31.31
N GLU A 496 -20.37 0.07 -31.99
CA GLU A 496 -21.04 1.28 -32.45
C GLU A 496 -22.00 0.92 -33.60
N LYS A 497 -21.58 -0.01 -34.45
CA LYS A 497 -22.42 -0.48 -35.53
C LYS A 497 -23.66 -1.18 -34.94
N CYS A 498 -23.47 -1.91 -33.83
CA CYS A 498 -24.58 -2.54 -33.12
C CYS A 498 -25.58 -1.48 -32.66
N ASP A 499 -25.06 -0.40 -32.06
CA ASP A 499 -25.86 0.74 -31.67
C ASP A 499 -26.69 1.23 -32.86
N LYS A 500 -26.04 1.34 -34.04
CA LYS A 500 -26.71 1.83 -35.22
C LYS A 500 -27.87 0.89 -35.55
N ARG A 501 -27.59 -0.42 -35.49
CA ARG A 501 -28.57 -1.44 -35.83
C ARG A 501 -29.78 -1.36 -34.89
N ILE A 502 -29.53 -1.09 -33.60
CA ILE A 502 -30.60 -0.99 -32.62
C ILE A 502 -31.49 0.22 -32.94
N LYS A 503 -30.86 1.32 -33.37
CA LYS A 503 -31.53 2.59 -33.55
C LYS A 503 -32.57 2.49 -34.66
N ASP A 504 -32.39 1.51 -35.57
CA ASP A 504 -33.32 1.26 -36.65
C ASP A 504 -34.60 0.63 -36.11
N TYR A 505 -34.56 0.01 -34.93
CA TYR A 505 -35.69 -0.71 -34.39
C TYR A 505 -36.45 0.12 -33.36
N GLN A 506 -35.73 1.01 -32.67
CA GLN A 506 -36.28 1.74 -31.54
C GLN A 506 -35.38 2.93 -31.21
N THR A 507 -35.92 3.81 -30.36
CA THR A 507 -35.21 4.91 -29.76
C THR A 507 -34.21 4.35 -28.76
N PHE A 508 -32.93 4.68 -28.95
CA PHE A 508 -31.86 4.19 -28.09
C PHE A 508 -30.64 5.09 -28.26
N ILE A 509 -30.18 5.69 -27.16
CA ILE A 509 -29.03 6.56 -27.21
C ILE A 509 -28.11 6.28 -26.01
N PRO A 510 -26.99 5.55 -26.19
CA PRO A 510 -26.15 5.10 -25.08
C PRO A 510 -25.28 6.21 -24.50
N LYS A 511 -24.88 6.05 -23.25
CA LYS A 511 -24.12 7.06 -22.52
C LYS A 511 -22.76 7.29 -23.17
N GLU A 512 -22.09 8.36 -22.72
CA GLU A 512 -20.79 8.81 -23.20
C GLU A 512 -19.73 7.76 -22.90
N ILE A 513 -18.52 7.98 -23.42
CA ILE A 513 -17.39 7.14 -23.06
C ILE A 513 -16.50 7.90 -22.07
N ASN A 514 -15.27 8.20 -22.47
CA ASN A 514 -14.22 8.76 -21.63
C ASN A 514 -13.67 7.75 -20.62
N LEU A 515 -12.73 6.94 -21.10
CA LEU A 515 -12.12 5.87 -20.32
C LEU A 515 -11.13 6.40 -19.29
N ASN A 516 -10.80 7.70 -19.36
CA ASN A 516 -9.77 8.25 -18.49
C ASN A 516 -10.34 8.47 -17.09
N ASP A 517 -11.67 8.45 -17.00
CA ASP A 517 -12.36 8.68 -15.74
C ASP A 517 -12.15 7.54 -14.76
N GLN A 518 -11.78 6.35 -15.27
CA GLN A 518 -11.58 5.18 -14.45
C GLN A 518 -10.10 4.84 -14.43
N THR A 519 -9.55 4.67 -13.22
CA THR A 519 -8.16 4.34 -13.01
C THR A 519 -8.04 3.15 -12.05
N SER A 520 -7.10 2.26 -12.38
CA SER A 520 -6.71 1.15 -11.54
C SER A 520 -6.07 1.67 -10.27
N ASP A 521 -6.15 0.87 -9.19
CA ASP A 521 -5.44 1.16 -7.95
C ASP A 521 -4.50 -0.02 -7.70
N PHE A 522 -3.29 0.27 -7.23
CA PHE A 522 -2.27 -0.75 -6.99
C PHE A 522 -1.74 -0.59 -5.57
N ASN A 523 -2.35 0.32 -4.82
CA ASN A 523 -1.98 0.55 -3.43
C ASN A 523 -2.92 -0.26 -2.54
N LEU A 524 -2.38 -1.30 -1.88
CA LEU A 524 -3.21 -2.25 -1.14
C LEU A 524 -4.00 -1.54 -0.02
N THR A 525 -3.31 -0.68 0.74
CA THR A 525 -3.93 0.05 1.83
C THR A 525 -5.08 0.88 1.29
N SER A 526 -4.87 1.53 0.14
CA SER A 526 -5.86 2.38 -0.48
C SER A 526 -7.08 1.55 -0.82
N ILE A 527 -6.86 0.35 -1.38
CA ILE A 527 -7.95 -0.49 -1.79
C ILE A 527 -8.76 -0.96 -0.56
N ILE A 528 -8.06 -1.39 0.47
CA ILE A 528 -8.65 -1.79 1.74
C ILE A 528 -9.48 -0.64 2.32
N ASN A 529 -8.91 0.55 2.45
CA ASN A 529 -9.54 1.70 3.10
C ASN A 529 -10.80 2.11 2.32
N LYS A 530 -10.73 2.03 1.00
CA LYS A 530 -11.83 2.49 0.17
C LYS A 530 -12.95 1.45 0.11
N LEU A 531 -12.60 0.15 0.13
CA LEU A 531 -13.60 -0.90 0.22
C LEU A 531 -14.29 -0.84 1.59
N ILE A 532 -13.54 -0.46 2.64
CA ILE A 532 -14.10 -0.34 3.97
C ILE A 532 -15.16 0.76 3.97
N ILE A 533 -14.85 1.92 3.39
CA ILE A 533 -15.79 3.02 3.26
C ILE A 533 -16.98 2.57 2.42
N GLY A 534 -16.74 1.74 1.41
CA GLY A 534 -17.80 1.15 0.63
C GLY A 534 -18.82 0.42 1.50
N VAL A 535 -18.31 -0.47 2.36
CA VAL A 535 -19.11 -1.26 3.27
C VAL A 535 -19.87 -0.31 4.20
N GLU A 536 -19.13 0.63 4.80
CA GLU A 536 -19.67 1.60 5.74
C GLU A 536 -20.82 2.38 5.12
N SER A 537 -20.85 2.48 3.79
CA SER A 537 -21.85 3.28 3.10
C SER A 537 -22.99 2.40 2.63
N SER A 538 -22.88 1.09 2.84
CA SER A 538 -23.92 0.22 2.30
C SER A 538 -24.49 -0.65 3.41
N LEU A 539 -24.31 -0.25 4.67
CA LEU A 539 -24.88 -1.03 5.76
C LEU A 539 -26.39 -1.12 5.56
N THR A 540 -26.97 -2.32 5.74
CA THR A 540 -28.41 -2.43 5.78
C THR A 540 -28.75 -2.16 7.24
N ASN A 541 -29.90 -1.58 7.51
CA ASN A 541 -30.28 -1.45 8.92
C ASN A 541 -31.19 -2.59 9.31
N ASP A 542 -30.89 -3.78 8.77
CA ASP A 542 -31.70 -4.97 8.96
C ASP A 542 -30.86 -6.06 9.62
N GLU A 543 -31.42 -7.27 9.71
CA GLU A 543 -30.80 -8.32 10.49
C GLU A 543 -29.54 -8.86 9.79
N ARG A 544 -29.37 -8.61 8.48
CA ARG A 544 -28.29 -9.19 7.70
C ARG A 544 -27.01 -8.34 7.86
N PHE A 545 -27.16 -7.09 8.29
CA PHE A 545 -26.07 -6.12 8.46
C PHE A 545 -25.53 -5.60 7.12
N ILE A 546 -25.38 -6.51 6.14
CA ILE A 546 -24.84 -6.12 4.84
C ILE A 546 -25.57 -6.92 3.78
N ASN A 547 -25.55 -6.39 2.56
CA ASN A 547 -25.99 -7.10 1.37
C ASN A 547 -24.90 -8.10 0.98
N GLY A 548 -25.32 -9.26 0.49
CA GLY A 548 -24.37 -10.34 0.25
C GLY A 548 -24.88 -11.24 -0.84
N ASP A 549 -24.30 -12.44 -0.92
CA ASP A 549 -24.74 -13.43 -1.88
C ASP A 549 -26.19 -13.80 -1.62
N ILE A 550 -26.85 -14.36 -2.65
CA ILE A 550 -28.19 -14.90 -2.52
C ILE A 550 -28.28 -15.97 -1.42
N ARG A 551 -27.14 -16.55 -1.02
CA ARG A 551 -27.15 -17.56 0.02
C ARG A 551 -27.52 -16.96 1.37
N GLN A 552 -27.47 -15.61 1.50
CA GLN A 552 -28.03 -14.97 2.68
C GLN A 552 -29.48 -15.43 2.84
N PHE A 553 -30.17 -15.65 1.71
CA PHE A 553 -31.59 -15.98 1.74
C PHE A 553 -31.82 -17.47 1.53
N GLU A 554 -30.92 -18.12 0.80
CA GLU A 554 -31.18 -19.48 0.34
C GLU A 554 -30.72 -20.52 1.37
N MET A 555 -29.97 -20.10 2.39
CA MET A 555 -29.38 -21.12 3.24
C MET A 555 -29.51 -20.76 4.72
N ASN A 556 -29.55 -21.79 5.56
CA ASN A 556 -29.70 -21.64 7.00
C ASN A 556 -28.51 -20.89 7.57
N GLY A 557 -28.83 -19.87 8.39
CA GLY A 557 -27.82 -19.03 9.03
C GLY A 557 -27.21 -17.98 8.11
N GLY A 558 -27.63 -17.97 6.84
CA GLY A 558 -27.03 -17.15 5.78
C GLY A 558 -27.03 -15.65 6.08
N LYS A 559 -27.96 -15.21 6.93
CA LYS A 559 -28.07 -13.80 7.26
C LYS A 559 -27.06 -13.45 8.33
N PHE A 560 -26.61 -14.46 9.09
CA PHE A 560 -25.85 -14.14 10.29
C PHE A 560 -24.43 -14.69 10.27
N ASN A 561 -24.17 -15.72 9.43
CA ASN A 561 -22.92 -16.46 9.53
C ASN A 561 -21.76 -15.70 8.87
N PHE A 562 -20.56 -16.29 8.96
CA PHE A 562 -19.35 -15.67 8.45
C PHE A 562 -19.37 -15.63 6.92
N LEU A 563 -19.84 -16.71 6.31
CA LEU A 563 -19.74 -16.86 4.87
C LEU A 563 -20.48 -15.74 4.15
N THR A 564 -21.79 -15.60 4.39
CA THR A 564 -22.56 -14.62 3.64
C THR A 564 -23.21 -13.60 4.58
N GLY A 565 -23.19 -13.89 5.89
CA GLY A 565 -24.00 -13.12 6.82
C GLY A 565 -23.23 -11.96 7.42
N GLY A 566 -23.89 -11.25 8.35
CA GLY A 566 -23.34 -10.02 8.90
C GLY A 566 -22.06 -10.22 9.71
N SER A 567 -21.84 -11.42 10.27
CA SER A 567 -20.65 -11.69 11.06
C SER A 567 -19.38 -11.50 10.23
N GLY A 568 -19.43 -11.83 8.93
CA GLY A 568 -18.29 -11.62 8.03
C GLY A 568 -17.83 -10.17 7.96
N ALA A 569 -18.80 -9.26 7.74
CA ALA A 569 -18.50 -7.85 7.60
C ALA A 569 -18.13 -7.27 8.95
N ALA A 570 -18.90 -7.62 10.00
CA ALA A 570 -18.63 -7.09 11.33
C ALA A 570 -17.22 -7.49 11.75
N PHE A 571 -16.82 -8.71 11.42
CA PHE A 571 -15.47 -9.19 11.73
C PHE A 571 -14.46 -8.32 10.99
N THR A 572 -14.70 -8.15 9.67
CA THR A 572 -13.75 -7.44 8.81
C THR A 572 -13.64 -5.97 9.24
N LEU A 573 -14.79 -5.35 9.55
CA LEU A 573 -14.78 -3.96 10.00
C LEU A 573 -14.03 -3.85 11.33
N THR A 574 -14.21 -4.84 12.21
CA THR A 574 -13.49 -4.87 13.49
C THR A 574 -11.97 -4.89 13.25
N LYS A 575 -11.51 -5.74 12.35
CA LYS A 575 -10.08 -5.80 12.05
C LYS A 575 -9.56 -4.42 11.63
N ASN A 576 -10.43 -3.57 11.07
CA ASN A 576 -9.99 -2.28 10.58
C ASN A 576 -10.39 -1.14 11.52
N LYS A 577 -10.78 -1.48 12.76
CA LYS A 577 -11.20 -0.50 13.73
C LYS A 577 -12.24 0.45 13.14
N SER A 578 -13.14 -0.10 12.33
CA SER A 578 -14.15 0.70 11.64
C SER A 578 -15.54 0.41 12.20
N SER A 579 -16.40 1.45 12.23
CA SER A 579 -17.83 1.34 12.49
C SER A 579 -18.13 0.65 13.82
N ILE A 580 -17.38 0.99 14.88
CA ILE A 580 -17.52 0.23 16.11
C ILE A 580 -18.96 0.28 16.63
N ALA A 581 -19.57 1.46 16.61
CA ALA A 581 -20.90 1.65 17.18
C ALA A 581 -21.93 0.84 16.42
N GLU A 582 -21.77 0.77 15.08
CA GLU A 582 -22.72 0.06 14.24
C GLU A 582 -22.58 -1.43 14.47
N VAL A 583 -21.33 -1.89 14.68
CA VAL A 583 -21.08 -3.30 14.88
C VAL A 583 -21.69 -3.70 16.21
N ASP A 584 -21.43 -2.90 17.24
CA ASP A 584 -21.88 -3.21 18.58
C ASP A 584 -23.41 -3.29 18.61
N LYS A 585 -24.08 -2.44 17.84
CA LYS A 585 -25.54 -2.37 17.84
C LYS A 585 -26.09 -3.60 17.14
N TRP A 586 -25.49 -3.98 16.02
CA TRP A 586 -25.96 -5.17 15.32
C TRP A 586 -25.78 -6.41 16.20
N ILE A 587 -24.66 -6.49 16.92
CA ILE A 587 -24.38 -7.64 17.76
C ILE A 587 -25.42 -7.68 18.88
N GLN A 588 -25.53 -6.58 19.62
CA GLN A 588 -26.36 -6.47 20.82
C GLN A 588 -27.83 -6.72 20.49
N SER A 589 -28.30 -6.25 19.33
CA SER A 589 -29.74 -6.20 19.06
C SER A 589 -30.19 -7.26 18.05
N VAL A 590 -29.27 -7.88 17.31
CA VAL A 590 -29.65 -8.90 16.33
C VAL A 590 -28.90 -10.21 16.59
N LEU A 591 -27.57 -10.12 16.63
CA LEU A 591 -26.78 -11.34 16.58
C LEU A 591 -27.01 -12.19 17.83
N LEU A 592 -26.86 -11.58 19.02
CA LEU A 592 -26.96 -12.33 20.27
C LEU A 592 -28.29 -13.08 20.41
N ASP A 593 -29.41 -12.45 20.07
CA ASP A 593 -30.69 -13.14 20.13
C ASP A 593 -30.81 -14.20 19.04
N ASN A 594 -29.94 -14.16 18.03
CA ASN A 594 -30.07 -15.19 17.01
C ASN A 594 -29.09 -16.33 17.28
N LEU A 595 -28.01 -16.06 18.01
CA LEU A 595 -26.92 -17.04 18.13
C LEU A 595 -27.45 -18.39 18.61
N PRO A 596 -28.13 -18.48 19.79
CA PRO A 596 -28.62 -19.76 20.32
C PRO A 596 -29.51 -20.57 19.36
N LEU A 597 -30.04 -19.91 18.33
CA LEU A 597 -31.04 -20.47 17.45
C LEU A 597 -30.44 -20.87 16.11
N ILE A 598 -29.14 -20.63 15.90
CA ILE A 598 -28.50 -21.11 14.68
C ILE A 598 -28.18 -22.59 14.91
N GLU A 599 -28.72 -23.49 14.08
CA GLU A 599 -28.72 -24.90 14.40
C GLU A 599 -27.38 -25.57 14.07
N GLU A 600 -26.65 -25.03 13.08
CA GLU A 600 -25.37 -25.57 12.63
C GLU A 600 -24.22 -24.92 13.39
N ASP A 601 -23.13 -25.67 13.58
CA ASP A 601 -21.96 -25.18 14.27
C ASP A 601 -20.82 -24.82 13.32
N GLY A 602 -21.01 -25.07 12.01
CA GLY A 602 -20.04 -24.82 10.96
C GLY A 602 -19.27 -23.50 11.10
N LEU A 603 -17.96 -23.56 10.79
CA LEU A 603 -17.09 -22.38 10.84
C LEU A 603 -17.59 -21.27 9.91
N PHE A 604 -17.90 -21.61 8.65
CA PHE A 604 -18.36 -20.62 7.69
C PHE A 604 -19.87 -20.45 7.71
N THR A 605 -20.60 -21.52 8.03
CA THR A 605 -22.04 -21.56 7.79
C THR A 605 -22.83 -21.47 9.10
N GLY A 606 -22.17 -21.59 10.26
CA GLY A 606 -22.85 -21.84 11.51
C GLY A 606 -22.19 -21.09 12.67
N LYS A 607 -22.33 -21.59 13.90
CA LYS A 607 -21.99 -20.85 15.11
C LYS A 607 -20.50 -20.49 15.23
N THR A 608 -19.58 -21.41 14.90
CA THR A 608 -18.19 -21.23 15.31
C THR A 608 -17.58 -19.95 14.73
N GLY A 609 -17.82 -19.69 13.43
CA GLY A 609 -17.30 -18.47 12.81
C GLY A 609 -17.79 -17.22 13.55
N ILE A 610 -19.06 -17.25 14.00
CA ILE A 610 -19.69 -16.17 14.74
C ILE A 610 -19.01 -15.98 16.10
N LEU A 611 -18.69 -17.11 16.77
CA LEU A 611 -18.08 -17.10 18.11
C LEU A 611 -16.70 -16.44 18.10
N ALA A 612 -15.98 -16.59 16.98
CA ALA A 612 -14.69 -15.93 16.85
C ALA A 612 -14.89 -14.42 16.90
N LEU A 613 -15.85 -13.91 16.10
CA LEU A 613 -16.19 -12.50 16.16
C LEU A 613 -16.57 -12.12 17.59
N LEU A 614 -17.38 -12.97 18.24
CA LEU A 614 -17.87 -12.63 19.57
C LEU A 614 -16.73 -12.57 20.58
N TYR A 615 -15.80 -13.53 20.50
CA TYR A 615 -14.70 -13.51 21.45
C TYR A 615 -13.89 -12.22 21.34
N ASP A 616 -13.49 -11.87 20.12
CA ASP A 616 -12.67 -10.69 19.87
C ASP A 616 -13.42 -9.44 20.34
N LYS A 617 -14.75 -9.44 20.21
CA LYS A 617 -15.55 -8.31 20.61
C LYS A 617 -15.77 -8.27 22.13
N GLY A 618 -15.29 -9.27 22.87
CA GLY A 618 -15.30 -9.19 24.32
C GLY A 618 -16.41 -9.99 25.01
N TYR A 619 -17.25 -10.68 24.24
CA TYR A 619 -18.38 -11.40 24.81
C TYR A 619 -17.94 -12.78 25.27
N LYS A 620 -17.01 -12.81 26.25
CA LYS A 620 -16.35 -14.02 26.70
C LYS A 620 -17.34 -15.02 27.30
N GLU A 621 -18.21 -14.52 28.19
CA GLU A 621 -19.22 -15.33 28.85
C GLU A 621 -20.08 -16.06 27.80
N VAL A 622 -20.54 -15.32 26.78
CA VAL A 622 -21.37 -15.91 25.74
C VAL A 622 -20.64 -17.06 25.04
N VAL A 623 -19.34 -16.87 24.78
CA VAL A 623 -18.56 -17.84 24.02
C VAL A 623 -18.34 -19.09 24.86
N LEU A 624 -17.96 -18.89 26.13
CA LEU A 624 -17.66 -20.00 27.04
C LEU A 624 -18.88 -20.91 27.17
N ASN A 625 -20.09 -20.31 27.19
CA ASN A 625 -21.34 -21.06 27.31
C ASN A 625 -21.59 -21.88 26.06
N GLU A 626 -21.34 -21.32 24.87
CA GLU A 626 -21.62 -22.03 23.63
C GLU A 626 -20.67 -23.23 23.47
N LEU A 627 -19.47 -23.13 24.06
CA LEU A 627 -18.46 -24.17 23.94
C LEU A 627 -18.87 -25.42 24.73
N LYS A 628 -19.65 -25.23 25.80
CA LYS A 628 -20.09 -26.35 26.63
C LYS A 628 -21.09 -27.20 25.85
N ILE A 629 -21.87 -26.53 24.99
CA ILE A 629 -22.92 -27.19 24.24
C ILE A 629 -22.29 -27.91 23.05
N LEU A 630 -21.10 -27.43 22.65
CA LEU A 630 -20.55 -27.79 21.37
C LEU A 630 -20.15 -29.28 21.30
N LYS A 631 -19.65 -29.85 22.40
CA LYS A 631 -19.29 -31.26 22.43
C LYS A 631 -20.50 -32.17 22.17
N ASP A 632 -21.71 -31.66 22.42
CA ASP A 632 -22.92 -32.48 22.46
C ASP A 632 -23.54 -32.66 21.08
N ASN A 633 -24.07 -31.58 20.50
CA ASN A 633 -25.27 -31.65 19.68
C ASN A 633 -25.09 -32.45 18.38
N ILE A 634 -24.12 -32.05 17.55
CA ILE A 634 -24.01 -32.55 16.18
C ILE A 634 -22.54 -32.73 15.76
N ASN A 635 -21.78 -33.46 16.59
CA ASN A 635 -20.39 -33.84 16.37
C ASN A 635 -20.30 -35.09 15.48
N GLN A 636 -20.72 -35.00 14.18
CA GLN A 636 -21.03 -36.15 13.35
C GLN A 636 -20.29 -36.22 12.00
N THR A 637 -20.98 -36.31 10.85
CA THR A 637 -20.33 -36.85 9.66
C THR A 637 -19.58 -35.83 8.78
N ASP A 638 -20.04 -34.57 8.68
CA ASP A 638 -19.38 -33.58 7.83
C ASP A 638 -18.07 -33.15 8.47
N ILE A 639 -16.97 -33.25 7.70
CA ILE A 639 -15.62 -33.03 8.23
C ILE A 639 -14.98 -31.78 7.62
N SER A 640 -15.69 -31.09 6.70
CA SER A 640 -15.20 -29.98 5.90
C SER A 640 -14.82 -28.77 6.74
N ILE A 641 -14.03 -27.85 6.15
CA ILE A 641 -13.72 -26.59 6.81
C ILE A 641 -14.96 -25.70 6.78
N ARG A 642 -15.70 -25.75 5.66
CA ARG A 642 -16.89 -24.92 5.48
C ARG A 642 -17.85 -25.13 6.65
N SER A 643 -18.25 -26.37 6.90
CA SER A 643 -19.45 -26.62 7.69
C SER A 643 -19.26 -27.80 8.64
N GLY A 644 -18.06 -28.42 8.60
CA GLY A 644 -17.85 -29.67 9.28
C GLY A 644 -16.87 -29.58 10.44
N LEU A 645 -16.35 -30.75 10.87
CA LEU A 645 -15.61 -30.93 12.11
C LEU A 645 -14.25 -30.24 12.06
N SER A 646 -13.58 -30.27 10.90
CA SER A 646 -12.26 -29.63 10.71
C SER A 646 -12.35 -28.14 11.02
N GLY A 647 -13.32 -27.48 10.38
CA GLY A 647 -13.53 -26.06 10.58
C GLY A 647 -13.80 -25.75 12.06
N ILE A 648 -14.70 -26.54 12.65
CA ILE A 648 -15.07 -26.38 14.05
C ILE A 648 -13.84 -26.58 14.94
N GLY A 649 -13.09 -27.67 14.65
CA GLY A 649 -11.89 -27.99 15.40
C GLY A 649 -10.85 -26.88 15.27
N LEU A 650 -10.70 -26.35 14.05
CA LEU A 650 -9.73 -25.30 13.84
C LEU A 650 -10.09 -24.06 14.68
N PHE A 651 -11.40 -23.71 14.71
CA PHE A 651 -11.83 -22.66 15.62
C PHE A 651 -11.47 -23.01 17.06
N VAL A 652 -11.77 -24.25 17.48
CA VAL A 652 -11.53 -24.68 18.85
C VAL A 652 -10.05 -24.54 19.20
N ILE A 653 -9.17 -24.97 18.28
CA ILE A 653 -7.74 -24.85 18.56
C ILE A 653 -7.38 -23.38 18.75
N SER A 654 -7.89 -22.50 17.86
CA SER A 654 -7.61 -21.07 18.00
C SER A 654 -8.09 -20.56 19.35
N LEU A 655 -9.23 -21.07 19.83
CA LEU A 655 -9.72 -20.62 21.13
C LEU A 655 -8.84 -21.16 22.26
N TYR A 656 -8.35 -22.39 22.12
CA TYR A 656 -7.37 -22.95 23.05
C TYR A 656 -6.09 -22.10 23.10
N LEU A 657 -5.59 -21.65 21.94
CA LEU A 657 -4.38 -20.84 21.97
C LEU A 657 -4.62 -19.52 22.71
N GLU A 658 -5.84 -18.97 22.62
CA GLU A 658 -6.13 -17.68 23.19
C GLU A 658 -6.34 -17.82 24.70
N THR A 659 -7.21 -18.75 25.09
CA THR A 659 -7.42 -19.07 26.50
C THR A 659 -6.61 -20.33 26.74
N GLU A 660 -5.91 -20.46 27.85
CA GLU A 660 -5.06 -21.64 27.95
C GLU A 660 -5.84 -22.76 28.64
N ASN A 661 -7.14 -22.88 28.29
CA ASN A 661 -8.11 -23.74 28.94
C ASN A 661 -8.09 -25.12 28.26
N LYS A 662 -7.65 -26.12 29.02
CA LYS A 662 -7.25 -27.41 28.47
C LYS A 662 -8.46 -28.20 28.02
N GLU A 663 -9.67 -27.76 28.41
CA GLU A 663 -10.88 -28.44 27.97
C GLU A 663 -11.03 -28.29 26.47
N TYR A 664 -10.48 -27.20 25.91
CA TYR A 664 -10.61 -26.91 24.49
C TYR A 664 -9.67 -27.79 23.69
N LEU A 665 -8.51 -28.10 24.26
CA LEU A 665 -7.62 -29.03 23.59
C LEU A 665 -8.25 -30.42 23.62
N LYS A 666 -8.85 -30.77 24.76
CA LYS A 666 -9.54 -32.05 24.92
C LYS A 666 -10.59 -32.14 23.82
N LEU A 667 -11.40 -31.08 23.65
CA LEU A 667 -12.47 -31.07 22.65
C LEU A 667 -11.91 -31.22 21.23
N ALA A 668 -10.81 -30.52 20.94
CA ALA A 668 -10.15 -30.65 19.65
C ALA A 668 -9.78 -32.10 19.38
N LYS A 669 -9.25 -32.78 20.41
CA LYS A 669 -8.87 -34.18 20.31
C LYS A 669 -10.07 -35.06 19.98
N ASP A 670 -11.19 -34.78 20.69
CA ASP A 670 -12.43 -35.51 20.44
C ASP A 670 -12.87 -35.31 19.00
N LEU A 671 -12.74 -34.08 18.48
CA LEU A 671 -13.16 -33.82 17.11
C LEU A 671 -12.26 -34.59 16.15
N GLU A 672 -10.98 -34.72 16.50
CA GLU A 672 -10.04 -35.42 15.64
C GLU A 672 -10.44 -36.90 15.52
N ARG A 673 -10.73 -37.53 16.66
CA ARG A 673 -11.08 -38.95 16.66
C ARG A 673 -12.34 -39.16 15.83
N MET A 674 -13.25 -38.18 15.86
CA MET A 674 -14.50 -38.27 15.13
C MET A 674 -14.26 -38.11 13.62
N ILE A 675 -13.25 -37.31 13.24
CA ILE A 675 -12.84 -37.23 11.83
C ILE A 675 -12.25 -38.58 11.42
N LYS A 676 -11.39 -39.12 12.29
CA LYS A 676 -10.84 -40.45 12.07
C LYS A 676 -11.96 -41.48 11.84
N LEU A 677 -12.93 -41.52 12.75
CA LEU A 677 -14.05 -42.45 12.61
C LEU A 677 -14.72 -42.27 11.25
N ASN A 678 -15.02 -41.02 10.88
CA ASN A 678 -15.67 -40.71 9.61
C ASN A 678 -14.88 -41.25 8.42
N ARG A 679 -13.57 -41.00 8.41
CA ARG A 679 -12.69 -41.43 7.33
C ARG A 679 -12.75 -42.97 7.18
N ALA A 680 -12.78 -43.68 8.32
CA ALA A 680 -12.86 -45.13 8.34
C ALA A 680 -14.21 -45.62 7.84
N LYS A 681 -15.31 -44.90 8.13
CA LYS A 681 -16.62 -45.33 7.64
C LYS A 681 -16.70 -45.25 6.11
N ASP A 682 -16.29 -44.11 5.52
CA ASP A 682 -16.03 -44.07 4.08
C ASP A 682 -15.33 -42.77 3.70
N LYS A 683 -14.45 -42.87 2.69
CA LYS A 683 -13.55 -41.81 2.29
C LYS A 683 -14.34 -40.72 1.54
N GLN A 684 -15.49 -41.11 0.97
CA GLN A 684 -16.21 -40.28 0.00
C GLN A 684 -16.99 -39.18 0.72
N LEU A 685 -16.71 -37.93 0.32
CA LEU A 685 -17.21 -36.73 0.98
C LEU A 685 -18.52 -36.30 0.31
N LYS A 686 -19.40 -35.70 1.11
CA LYS A 686 -20.69 -35.22 0.65
C LYS A 686 -20.67 -33.69 0.59
N VAL A 687 -21.23 -33.16 -0.51
CA VAL A 687 -21.33 -31.73 -0.77
C VAL A 687 -22.80 -31.33 -0.65
N LYS A 688 -23.05 -30.20 0.01
CA LYS A 688 -24.41 -29.69 0.21
C LYS A 688 -24.66 -28.49 -0.70
N ASP A 689 -23.61 -27.68 -0.90
CA ASP A 689 -23.70 -26.43 -1.62
C ASP A 689 -23.42 -26.71 -3.09
N TRP A 690 -24.22 -26.10 -3.97
CA TRP A 690 -24.13 -26.37 -5.39
C TRP A 690 -22.81 -25.91 -6.01
N MET A 691 -22.02 -25.10 -5.31
CA MET A 691 -20.71 -24.69 -5.83
C MET A 691 -19.57 -25.39 -5.07
N ALA A 692 -19.90 -26.26 -4.11
CA ALA A 692 -18.86 -26.97 -3.37
C ALA A 692 -18.35 -28.13 -4.22
N VAL A 693 -17.04 -28.37 -4.14
CA VAL A 693 -16.41 -29.51 -4.79
C VAL A 693 -15.66 -30.27 -3.69
N ASP A 694 -15.62 -31.60 -3.75
CA ASP A 694 -15.05 -32.39 -2.67
C ASP A 694 -13.54 -32.49 -2.82
N ILE A 695 -12.92 -31.41 -3.31
CA ILE A 695 -11.48 -31.25 -3.27
C ILE A 695 -11.18 -29.86 -2.70
N GLY A 696 -10.03 -29.76 -2.06
CA GLY A 696 -9.47 -28.45 -1.78
C GLY A 696 -9.74 -28.06 -0.33
N VAL A 697 -9.57 -26.78 -0.01
CA VAL A 697 -9.45 -26.39 1.38
C VAL A 697 -10.85 -26.14 1.96
N ILE A 698 -11.84 -25.87 1.11
CA ILE A 698 -13.13 -25.44 1.63
C ILE A 698 -14.02 -26.66 1.98
N ASP A 699 -14.12 -27.61 1.05
CA ASP A 699 -15.00 -28.76 1.20
C ASP A 699 -14.23 -30.09 1.11
N GLY A 700 -12.89 -30.04 1.01
CA GLY A 700 -12.16 -31.28 0.76
C GLY A 700 -11.07 -31.56 1.79
N LEU A 701 -10.20 -32.53 1.45
CA LEU A 701 -9.28 -33.11 2.40
C LEU A 701 -8.17 -32.13 2.76
N SER A 702 -7.83 -31.24 1.81
CA SER A 702 -6.84 -30.20 2.06
C SER A 702 -7.24 -29.36 3.27
N GLY A 703 -8.54 -29.03 3.36
CA GLY A 703 -9.07 -28.30 4.50
C GLY A 703 -8.89 -29.05 5.80
N VAL A 704 -9.18 -30.37 5.77
CA VAL A 704 -9.07 -31.22 6.95
C VAL A 704 -7.62 -31.17 7.42
N SER A 705 -6.66 -31.09 6.49
CA SER A 705 -5.26 -31.06 6.88
C SER A 705 -4.87 -29.81 7.67
N LEU A 706 -5.57 -28.69 7.45
CA LEU A 706 -5.33 -27.48 8.24
C LEU A 706 -5.50 -27.79 9.73
N PHE A 707 -6.61 -28.47 10.05
CA PHE A 707 -6.88 -28.86 11.42
C PHE A 707 -5.75 -29.74 11.97
N TYR A 708 -5.34 -30.74 11.20
CA TYR A 708 -4.26 -31.62 11.62
C TYR A 708 -2.96 -30.84 11.84
N SER A 709 -2.65 -29.91 10.92
CA SER A 709 -1.45 -29.09 11.06
C SER A 709 -1.48 -28.31 12.39
N ALA A 710 -2.66 -27.72 12.69
CA ALA A 710 -2.85 -26.88 13.87
C ALA A 710 -2.76 -27.72 15.13
N LEU A 711 -3.44 -28.86 15.12
CA LEU A 711 -3.36 -29.81 16.22
C LEU A 711 -1.91 -30.22 16.45
N TYR A 712 -1.15 -30.46 15.38
CA TYR A 712 0.27 -30.69 15.54
C TYR A 712 0.95 -29.53 16.29
N SER A 713 0.63 -28.28 15.91
CA SER A 713 1.35 -27.15 16.48
C SER A 713 1.18 -27.15 18.01
N VAL A 714 0.01 -27.57 18.50
CA VAL A 714 -0.31 -27.43 19.91
C VAL A 714 0.03 -28.70 20.69
N THR A 715 0.30 -29.83 19.99
CA THR A 715 0.59 -31.10 20.66
C THR A 715 2.01 -31.65 20.44
N GLN A 716 2.67 -31.26 19.35
CA GLN A 716 3.98 -31.82 19.02
C GLN A 716 3.89 -33.31 18.70
N ASN A 717 2.67 -33.83 18.59
CA ASN A 717 2.45 -35.22 18.22
C ASN A 717 2.63 -35.40 16.71
N GLN A 718 3.77 -35.99 16.33
CA GLN A 718 4.19 -36.22 14.96
C GLN A 718 3.05 -36.81 14.14
N LYS A 719 2.20 -37.61 14.77
CA LYS A 719 1.17 -38.35 14.10
C LYS A 719 0.20 -37.38 13.41
N TYR A 720 -0.10 -36.26 14.07
CA TYR A 720 -0.98 -35.28 13.44
C TYR A 720 -0.34 -34.65 12.20
N LEU A 721 0.98 -34.45 12.26
CA LEU A 721 1.72 -33.97 11.10
C LEU A 721 1.64 -34.95 9.94
N GLU A 722 1.72 -36.25 10.25
CA GLU A 722 1.68 -37.27 9.22
C GLU A 722 0.31 -37.25 8.53
N GLU A 723 -0.75 -37.16 9.33
CA GLU A 723 -2.08 -37.14 8.77
C GLU A 723 -2.24 -35.91 7.87
N ALA A 724 -1.81 -34.76 8.38
CA ALA A 724 -1.86 -33.52 7.62
C ALA A 724 -1.31 -33.80 6.22
N GLU A 725 -0.11 -34.40 6.18
CA GLU A 725 0.61 -34.60 4.94
C GLU A 725 -0.12 -35.57 4.02
N VAL A 726 -0.70 -36.61 4.63
CA VAL A 726 -1.39 -37.66 3.89
C VAL A 726 -2.66 -37.08 3.26
N LEU A 727 -3.35 -36.18 3.98
CA LEU A 727 -4.56 -35.60 3.43
C LEU A 727 -4.24 -34.74 2.20
N ILE A 728 -3.15 -33.96 2.26
CA ILE A 728 -2.78 -33.13 1.13
C ILE A 728 -2.44 -34.05 -0.06
N LYS A 729 -1.66 -35.11 0.22
CA LYS A 729 -1.26 -36.06 -0.81
C LYS A 729 -2.49 -36.58 -1.57
N GLU A 730 -3.55 -36.94 -0.82
CA GLU A 730 -4.73 -37.50 -1.44
C GLU A 730 -5.41 -36.50 -2.38
N ASP A 731 -5.38 -35.20 -2.01
CA ASP A 731 -5.97 -34.15 -2.84
C ASP A 731 -5.12 -33.91 -4.08
N LEU A 732 -3.79 -33.98 -3.93
CA LEU A 732 -2.88 -33.76 -5.05
C LEU A 732 -3.04 -34.82 -6.15
N GLU A 733 -3.66 -35.95 -5.81
CA GLU A 733 -3.93 -37.00 -6.77
C GLU A 733 -5.01 -36.54 -7.76
N SER A 734 -5.84 -35.57 -7.34
CA SER A 734 -6.91 -35.03 -8.18
C SER A 734 -6.48 -33.70 -8.83
N THR A 735 -5.20 -33.55 -9.12
CA THR A 735 -4.70 -32.38 -9.81
C THR A 735 -4.12 -32.77 -11.15
N LYS A 736 -3.96 -31.78 -12.03
CA LYS A 736 -3.40 -31.96 -13.36
C LYS A 736 -2.50 -30.75 -13.66
N LYS A 737 -1.29 -31.04 -14.14
CA LYS A 737 -0.41 -30.01 -14.67
C LYS A 737 -0.70 -29.85 -16.16
N ASP A 738 -0.81 -28.60 -16.62
CA ASP A 738 -0.80 -28.31 -18.04
C ASP A 738 0.63 -28.48 -18.56
N ASP A 739 0.76 -28.89 -19.84
CA ASP A 739 2.06 -29.23 -20.41
C ASP A 739 2.77 -28.01 -20.99
N VAL A 740 1.98 -27.09 -21.57
CA VAL A 740 2.45 -25.87 -22.20
C VAL A 740 2.79 -24.86 -21.10
N THR A 741 1.74 -24.42 -20.38
CA THR A 741 1.85 -23.59 -19.19
C THR A 741 2.26 -24.52 -18.05
N GLY A 742 2.96 -23.98 -17.05
CA GLY A 742 3.37 -24.89 -15.99
C GLY A 742 2.33 -25.08 -14.87
N VAL A 743 1.07 -24.68 -15.11
CA VAL A 743 0.15 -24.40 -14.00
C VAL A 743 -0.52 -25.69 -13.52
N LEU A 744 -0.53 -25.90 -12.19
CA LEU A 744 -1.29 -26.97 -11.57
C LEU A 744 -2.68 -26.48 -11.20
N GLN A 745 -3.69 -27.29 -11.55
CA GLN A 745 -5.05 -27.06 -11.11
C GLN A 745 -5.65 -28.37 -10.58
N THR A 746 -6.73 -28.27 -9.80
CA THR A 746 -7.46 -29.47 -9.44
C THR A 746 -8.37 -29.86 -10.60
N VAL A 747 -8.74 -31.13 -10.65
CA VAL A 747 -9.63 -31.66 -11.68
C VAL A 747 -10.76 -32.43 -11.00
N ASP A 748 -12.01 -32.05 -11.32
CA ASP A 748 -13.16 -32.57 -10.61
C ASP A 748 -13.73 -33.76 -11.38
N ASN A 749 -14.93 -34.17 -10.93
CA ASN A 749 -15.58 -35.38 -11.40
C ASN A 749 -16.32 -35.13 -12.71
N LYS A 750 -16.20 -33.92 -13.27
CA LYS A 750 -16.69 -33.64 -14.61
C LYS A 750 -15.57 -33.09 -15.49
N ASN A 751 -14.34 -33.41 -15.09
CA ASN A 751 -13.14 -33.10 -15.88
C ASN A 751 -12.91 -31.60 -15.98
N ARG A 752 -13.37 -30.85 -14.96
CA ARG A 752 -13.22 -29.41 -14.93
C ARG A 752 -11.97 -29.09 -14.13
N LEU A 753 -11.22 -28.11 -14.63
CA LEU A 753 -9.98 -27.68 -13.98
C LEU A 753 -10.31 -26.49 -13.08
N LEU A 754 -9.75 -26.45 -11.86
CA LEU A 754 -10.09 -25.41 -10.89
C LEU A 754 -8.86 -24.77 -10.24
N PRO A 755 -8.76 -23.41 -10.28
CA PRO A 755 -7.75 -22.69 -9.50
C PRO A 755 -8.18 -22.17 -8.13
N TYR A 756 -9.48 -22.01 -7.91
CA TYR A 756 -10.01 -21.12 -6.89
C TYR A 756 -9.73 -21.64 -5.47
N LEU A 757 -9.89 -20.75 -4.47
CA LEU A 757 -9.76 -21.11 -3.06
C LEU A 757 -10.74 -22.25 -2.75
N SER A 758 -11.94 -22.13 -3.31
CA SER A 758 -12.95 -23.15 -3.13
C SER A 758 -12.86 -24.12 -4.29
N GLY A 759 -12.32 -25.31 -4.01
CA GLY A 759 -12.40 -26.40 -4.95
C GLY A 759 -11.13 -26.56 -5.79
N GLY A 760 -10.27 -25.52 -5.77
CA GLY A 760 -9.17 -25.40 -6.72
C GLY A 760 -7.81 -25.47 -6.05
N SER A 761 -6.74 -25.28 -6.84
CA SER A 761 -5.39 -25.59 -6.37
C SER A 761 -4.85 -24.54 -5.39
N ILE A 762 -5.36 -23.31 -5.45
CA ILE A 762 -4.87 -22.27 -4.55
C ILE A 762 -5.14 -22.65 -3.10
N GLY A 763 -6.28 -23.29 -2.86
CA GLY A 763 -6.61 -23.77 -1.52
C GLY A 763 -5.70 -24.91 -1.09
N VAL A 764 -5.40 -25.81 -2.05
CA VAL A 764 -4.40 -26.85 -1.79
C VAL A 764 -3.09 -26.19 -1.39
N ALA A 765 -2.63 -25.21 -2.18
CA ALA A 765 -1.40 -24.49 -1.87
C ALA A 765 -1.41 -23.94 -0.44
N ILE A 766 -2.52 -23.29 -0.05
CA ILE A 766 -2.64 -22.74 1.30
C ILE A 766 -2.38 -23.82 2.36
N SER A 767 -2.93 -25.03 2.18
CA SER A 767 -2.74 -26.07 3.19
C SER A 767 -1.28 -26.57 3.23
N ILE A 768 -0.64 -26.62 2.06
CA ILE A 768 0.78 -26.94 1.98
C ILE A 768 1.58 -25.89 2.75
N TRP A 769 1.25 -24.62 2.50
CA TRP A 769 1.94 -23.51 3.15
C TRP A 769 1.84 -23.66 4.66
N PHE A 770 0.64 -24.00 5.16
CA PHE A 770 0.42 -24.06 6.60
C PHE A 770 1.08 -25.30 7.18
N LEU A 771 1.03 -26.41 6.43
CA LEU A 771 1.77 -27.60 6.82
C LEU A 771 3.25 -27.23 7.03
N ASN A 772 3.80 -26.44 6.12
CA ASN A 772 5.20 -26.02 6.20
C ASN A 772 5.41 -25.02 7.34
N HIS A 773 4.41 -24.14 7.55
CA HIS A 773 4.53 -23.12 8.57
C HIS A 773 4.66 -23.76 9.96
N VAL A 774 3.88 -24.79 10.26
CA VAL A 774 3.87 -25.37 11.59
C VAL A 774 5.03 -26.34 11.80
N SER A 775 5.61 -26.87 10.72
CA SER A 775 6.62 -27.90 10.83
C SER A 775 8.03 -27.40 10.47
N GLY A 776 8.14 -26.22 9.87
CA GLY A 776 9.42 -25.69 9.44
C GLY A 776 10.01 -26.39 8.22
N GLN A 777 9.17 -27.06 7.41
CA GLN A 777 9.69 -27.79 6.26
C GLN A 777 9.36 -27.01 4.99
N ASP A 778 9.63 -27.62 3.84
CA ASP A 778 9.27 -27.07 2.55
C ASP A 778 8.81 -28.20 1.64
N LEU A 779 7.86 -28.99 2.14
CA LEU A 779 7.25 -30.07 1.39
C LEU A 779 6.51 -29.52 0.17
N TYR A 780 6.42 -30.33 -0.89
CA TYR A 780 5.62 -30.06 -2.07
C TYR A 780 6.01 -28.74 -2.74
N ARG A 781 7.29 -28.36 -2.60
CA ARG A 781 7.85 -27.19 -3.28
C ARG A 781 7.49 -27.18 -4.77
N GLU A 782 7.62 -28.33 -5.44
CA GLU A 782 7.33 -28.42 -6.86
C GLU A 782 5.88 -28.05 -7.15
N GLU A 783 4.94 -28.58 -6.36
CA GLU A 783 3.52 -28.35 -6.60
C GLU A 783 3.20 -26.90 -6.29
N MET A 784 3.74 -26.42 -5.15
CA MET A 784 3.61 -25.04 -4.72
C MET A 784 4.00 -24.14 -5.88
N ASN A 785 5.20 -24.35 -6.47
CA ASN A 785 5.73 -23.47 -7.50
C ASN A 785 4.82 -23.47 -8.72
N SER A 786 4.21 -24.62 -9.03
CA SER A 786 3.38 -24.70 -10.21
C SER A 786 1.97 -24.16 -9.93
N ILE A 787 1.64 -23.94 -8.65
CA ILE A 787 0.35 -23.35 -8.30
C ILE A 787 0.48 -21.83 -8.36
N LEU A 788 1.58 -21.29 -7.81
CA LEU A 788 1.89 -19.87 -7.86
C LEU A 788 1.82 -19.33 -9.29
N LYS A 789 2.06 -20.19 -10.28
CA LYS A 789 2.04 -19.74 -11.66
C LYS A 789 0.63 -19.29 -12.07
N LEU A 790 -0.37 -19.58 -11.24
CA LEU A 790 -1.73 -19.11 -11.49
C LEU A 790 -1.79 -17.57 -11.48
N SER A 791 -0.84 -16.92 -10.80
CA SER A 791 -0.77 -15.47 -10.82
C SER A 791 -0.68 -14.92 -12.26
N LYS A 792 -0.45 -15.79 -13.25
CA LYS A 792 -0.36 -15.33 -14.62
C LYS A 792 -1.74 -15.28 -15.28
N THR A 793 -2.81 -15.49 -14.51
CA THR A 793 -4.13 -15.61 -15.12
C THR A 793 -4.65 -14.23 -15.50
N ARG A 794 -5.18 -14.12 -16.72
CA ARG A 794 -5.53 -12.82 -17.28
C ARG A 794 -6.90 -12.39 -16.73
N CYS A 795 -7.87 -13.31 -16.77
CA CYS A 795 -9.17 -13.01 -16.22
C CYS A 795 -9.81 -14.27 -15.63
N THR A 796 -10.85 -14.03 -14.80
CA THR A 796 -11.73 -15.06 -14.26
C THR A 796 -13.15 -14.59 -14.55
N ILE A 797 -14.08 -15.53 -14.66
CA ILE A 797 -15.44 -15.16 -15.03
C ILE A 797 -16.10 -14.39 -13.88
N SER A 798 -15.65 -14.62 -12.63
CA SER A 798 -16.27 -13.97 -11.47
C SER A 798 -15.18 -13.40 -10.57
N GLY A 799 -15.59 -12.56 -9.60
CA GLY A 799 -14.65 -11.69 -8.91
C GLY A 799 -14.30 -12.14 -7.51
N GLY A 800 -14.99 -13.16 -6.98
CA GLY A 800 -15.11 -13.38 -5.55
C GLY A 800 -13.91 -14.11 -4.94
N LEU A 801 -13.77 -13.96 -3.61
CA LEU A 801 -12.70 -14.58 -2.87
C LEU A 801 -12.74 -16.11 -3.06
N PHE A 802 -13.94 -16.70 -3.09
CA PHE A 802 -14.01 -18.15 -3.04
C PHE A 802 -13.96 -18.77 -4.44
N ASP A 803 -14.66 -18.17 -5.39
CA ASP A 803 -14.96 -18.79 -6.67
C ASP A 803 -14.45 -17.91 -7.82
N GLY A 804 -13.67 -16.87 -7.53
CA GLY A 804 -13.22 -15.98 -8.58
C GLY A 804 -11.91 -15.24 -8.28
N ALA A 805 -11.80 -14.02 -8.81
CA ALA A 805 -10.54 -13.30 -8.87
C ALA A 805 -9.91 -13.16 -7.50
N GLY A 806 -10.74 -12.95 -6.48
CA GLY A 806 -10.24 -12.78 -5.12
C GLY A 806 -9.37 -13.95 -4.64
N SER A 807 -9.58 -15.14 -5.20
CA SER A 807 -8.75 -16.30 -4.82
C SER A 807 -7.29 -15.99 -5.07
N PHE A 808 -7.02 -15.34 -6.22
CA PHE A 808 -5.66 -15.10 -6.66
C PHE A 808 -4.90 -14.15 -5.73
N LEU A 809 -5.61 -13.33 -4.95
CA LEU A 809 -4.97 -12.43 -3.98
C LEU A 809 -4.27 -13.25 -2.90
N LEU A 810 -4.65 -14.51 -2.75
CA LEU A 810 -4.04 -15.37 -1.75
C LEU A 810 -2.64 -15.82 -2.18
N ILE A 811 -2.36 -15.78 -3.50
CA ILE A 811 -1.11 -16.31 -4.04
C ILE A 811 0.09 -15.53 -3.49
N PRO A 812 0.16 -14.18 -3.62
CA PRO A 812 1.29 -13.41 -3.09
C PRO A 812 1.51 -13.56 -1.60
N SER A 813 0.46 -13.94 -0.88
CA SER A 813 0.59 -14.05 0.56
C SER A 813 1.37 -15.31 0.94
N MET A 814 1.57 -16.21 -0.02
CA MET A 814 2.31 -17.43 0.24
C MET A 814 3.74 -17.34 -0.29
N VAL A 815 4.16 -16.15 -0.72
CA VAL A 815 5.50 -15.96 -1.29
C VAL A 815 6.31 -15.12 -0.32
N LYS A 816 7.39 -15.72 0.19
CA LYS A 816 8.16 -15.15 1.30
C LYS A 816 9.20 -14.17 0.78
N ASN A 817 9.70 -14.41 -0.44
CA ASN A 817 10.67 -13.55 -1.11
C ASN A 817 10.00 -12.26 -1.60
N ASP A 818 10.49 -11.11 -1.09
CA ASP A 818 9.90 -9.80 -1.39
C ASP A 818 9.92 -9.52 -2.90
N LYS A 819 11.01 -9.91 -3.56
CA LYS A 819 11.27 -9.53 -4.95
C LYS A 819 10.29 -10.25 -5.87
N ASN A 820 10.05 -11.54 -5.62
CA ASN A 820 9.14 -12.33 -6.44
C ASN A 820 7.70 -12.00 -6.13
N ARG A 821 7.46 -11.65 -4.85
CA ARG A 821 6.12 -11.26 -4.41
C ARG A 821 5.63 -10.07 -5.21
N GLU A 822 6.53 -9.09 -5.44
CA GLU A 822 6.19 -7.82 -6.07
C GLU A 822 5.63 -8.06 -7.47
N VAL A 823 6.25 -8.99 -8.21
CA VAL A 823 5.80 -9.25 -9.57
C VAL A 823 4.44 -9.96 -9.52
N ILE A 824 4.30 -10.87 -8.54
CA ILE A 824 3.11 -11.68 -8.39
C ILE A 824 1.95 -10.78 -7.97
N LEU A 825 2.22 -9.86 -7.03
CA LEU A 825 1.23 -8.94 -6.54
C LEU A 825 0.66 -8.07 -7.65
N ASN A 826 1.54 -7.54 -8.49
CA ASN A 826 1.13 -6.65 -9.57
C ASN A 826 0.22 -7.40 -10.56
N GLU A 827 0.56 -8.66 -10.82
CA GLU A 827 -0.23 -9.47 -11.74
C GLU A 827 -1.66 -9.70 -11.23
N VAL A 828 -1.81 -10.00 -9.93
CA VAL A 828 -3.13 -10.31 -9.40
C VAL A 828 -3.94 -9.03 -9.16
N LEU A 829 -3.23 -7.90 -8.95
CA LEU A 829 -3.87 -6.61 -8.83
C LEU A 829 -4.43 -6.17 -10.16
N ASN A 830 -3.78 -6.57 -11.26
CA ASN A 830 -4.33 -6.33 -12.58
C ASN A 830 -5.64 -7.08 -12.70
N LEU A 831 -5.66 -8.30 -12.17
CA LEU A 831 -6.84 -9.16 -12.18
C LEU A 831 -7.93 -8.56 -11.29
N LEU A 832 -7.55 -8.15 -10.06
CA LEU A 832 -8.51 -7.53 -9.17
C LEU A 832 -9.17 -6.30 -9.81
N ASN A 833 -8.38 -5.52 -10.58
CA ASN A 833 -8.84 -4.23 -11.09
C ASN A 833 -9.88 -4.40 -12.20
N ILE A 834 -10.09 -5.64 -12.65
CA ILE A 834 -11.18 -5.91 -13.57
C ILE A 834 -12.51 -5.82 -12.83
N PHE A 835 -12.48 -5.99 -11.50
CA PHE A 835 -13.69 -6.16 -10.70
C PHE A 835 -13.94 -4.96 -9.78
N LEU A 836 -12.87 -4.29 -9.36
CA LEU A 836 -12.95 -3.27 -8.33
C LEU A 836 -13.65 -2.03 -8.89
N ILE A 837 -14.77 -1.65 -8.30
CA ILE A 837 -15.64 -0.58 -8.79
C ILE A 837 -15.38 0.70 -8.00
N GLU A 838 -15.08 1.79 -8.71
CA GLU A 838 -15.12 3.10 -8.07
C GLU A 838 -16.55 3.62 -8.09
N LYS A 839 -17.09 3.92 -6.91
CA LYS A 839 -18.43 4.45 -6.75
C LYS A 839 -18.34 5.61 -5.76
N ASN A 840 -18.75 6.78 -6.22
CA ASN A 840 -18.41 8.03 -5.54
C ASN A 840 -16.90 8.03 -5.32
N SER A 841 -16.44 8.27 -4.09
CA SER A 841 -15.00 8.30 -3.94
C SER A 841 -14.45 7.10 -3.18
N TYR A 842 -15.25 6.04 -3.12
CA TYR A 842 -14.84 4.83 -2.42
C TYR A 842 -14.95 3.67 -3.43
N TYR A 843 -14.70 2.45 -2.94
CA TYR A 843 -14.79 1.28 -3.81
C TYR A 843 -15.91 0.38 -3.32
N VAL A 844 -16.55 -0.29 -4.27
CA VAL A 844 -17.47 -1.39 -3.97
C VAL A 844 -17.02 -2.56 -4.82
N TYR A 845 -17.68 -3.71 -4.61
CA TYR A 845 -17.23 -4.94 -5.19
C TYR A 845 -18.43 -5.72 -5.69
N PRO A 846 -18.39 -6.28 -6.91
CA PRO A 846 -19.51 -7.05 -7.44
C PRO A 846 -19.52 -8.44 -6.79
N GLY A 847 -20.71 -9.03 -6.65
CA GLY A 847 -20.90 -10.40 -6.22
C GLY A 847 -20.81 -11.39 -7.38
N GLN A 848 -21.24 -12.64 -7.13
CA GLN A 848 -21.14 -13.69 -8.13
C GLN A 848 -21.67 -13.19 -9.48
N PHE A 849 -20.84 -13.40 -10.51
CA PHE A 849 -21.16 -13.14 -11.91
C PHE A 849 -21.35 -11.65 -12.20
N SER A 850 -20.97 -10.81 -11.24
CA SER A 850 -21.07 -9.36 -11.34
C SER A 850 -22.47 -8.92 -11.79
N TYR A 851 -23.52 -9.62 -11.30
CA TYR A 851 -24.87 -9.20 -11.62
C TYR A 851 -25.33 -8.13 -10.64
N ARG A 852 -24.85 -8.23 -9.39
CA ARG A 852 -25.19 -7.31 -8.32
C ARG A 852 -23.95 -7.16 -7.41
N LEU A 853 -23.93 -6.09 -6.62
CA LEU A 853 -22.88 -5.85 -5.64
C LEU A 853 -23.07 -6.79 -4.46
N ALA A 854 -21.98 -7.06 -3.73
CA ALA A 854 -22.04 -7.81 -2.48
C ALA A 854 -20.91 -7.36 -1.54
N ASP A 855 -21.14 -7.47 -0.22
CA ASP A 855 -20.16 -7.05 0.77
C ASP A 855 -19.83 -8.19 1.72
N ASP A 856 -20.21 -9.43 1.38
CA ASP A 856 -19.91 -10.58 2.23
C ASP A 856 -18.48 -11.09 2.01
N VAL A 857 -18.11 -12.09 2.81
CA VAL A 857 -16.83 -12.75 2.70
C VAL A 857 -16.82 -13.66 1.46
N TYR A 858 -17.89 -14.43 1.27
CA TYR A 858 -17.98 -15.40 0.19
C TYR A 858 -17.66 -14.74 -1.17
N THR A 859 -18.33 -13.63 -1.50
CA THR A 859 -18.27 -13.09 -2.86
C THR A 859 -17.93 -11.60 -2.90
N GLY A 860 -18.04 -10.89 -1.76
CA GLY A 860 -18.05 -9.44 -1.81
C GLY A 860 -16.82 -8.80 -1.20
N SER A 861 -16.96 -7.54 -0.78
CA SER A 861 -15.81 -6.71 -0.49
C SER A 861 -15.11 -7.17 0.79
N SER A 862 -15.86 -7.71 1.75
CA SER A 862 -15.30 -8.21 3.01
C SER A 862 -14.22 -9.27 2.77
N GLY A 863 -14.50 -10.27 1.93
CA GLY A 863 -13.54 -11.30 1.60
C GLY A 863 -12.32 -10.72 0.87
N ILE A 864 -12.56 -9.78 -0.05
CA ILE A 864 -11.47 -9.10 -0.74
C ILE A 864 -10.60 -8.35 0.27
N ILE A 865 -11.24 -7.63 1.19
CA ILE A 865 -10.50 -6.91 2.21
C ILE A 865 -9.58 -7.86 2.99
N LEU A 866 -10.14 -8.95 3.51
CA LEU A 866 -9.40 -9.87 4.36
C LEU A 866 -8.20 -10.46 3.59
N ALA A 867 -8.40 -10.82 2.33
CA ALA A 867 -7.34 -11.34 1.49
C ALA A 867 -6.26 -10.29 1.29
N LEU A 868 -6.63 -9.02 1.04
CA LEU A 868 -5.62 -7.98 0.84
C LEU A 868 -4.87 -7.73 2.15
N MET A 869 -5.59 -7.70 3.29
CA MET A 869 -4.92 -7.57 4.58
C MET A 869 -3.98 -8.77 4.78
N GLY A 870 -4.35 -9.93 4.21
CA GLY A 870 -3.52 -11.11 4.28
C GLY A 870 -2.19 -10.89 3.56
N VAL A 871 -2.24 -10.14 2.45
CA VAL A 871 -1.05 -9.86 1.65
C VAL A 871 -0.11 -8.98 2.47
N ILE A 872 -0.64 -7.87 2.99
CA ILE A 872 0.13 -7.05 3.91
C ILE A 872 0.82 -7.94 4.94
N LYS A 873 0.07 -8.82 5.61
CA LYS A 873 0.58 -9.49 6.81
C LYS A 873 1.37 -10.77 6.50
N GLY A 874 1.52 -11.11 5.22
CA GLY A 874 2.10 -12.38 4.85
C GLY A 874 1.29 -13.56 5.38
N ASN A 875 -0.04 -13.42 5.40
CA ASN A 875 -0.88 -14.38 6.08
C ASN A 875 -1.92 -14.96 5.12
N PRO A 876 -1.71 -16.18 4.57
CA PRO A 876 -2.66 -16.79 3.64
C PRO A 876 -3.87 -17.42 4.31
N LEU A 877 -3.97 -17.27 5.65
CA LEU A 877 -5.07 -17.82 6.42
C LEU A 877 -6.03 -16.73 6.94
N TYR A 878 -5.83 -15.48 6.52
CA TYR A 878 -6.43 -14.32 7.19
C TYR A 878 -7.95 -14.27 6.97
N TRP A 879 -8.43 -14.98 5.95
CA TRP A 879 -9.85 -15.03 5.60
C TRP A 879 -10.61 -16.03 6.49
N LEU A 880 -9.91 -16.76 7.40
CA LEU A 880 -10.54 -17.69 8.32
C LEU A 880 -10.97 -16.98 9.60
N PRO A 881 -12.21 -17.22 10.08
CA PRO A 881 -12.70 -16.57 11.29
C PRO A 881 -12.20 -17.33 12.51
N LEU A 882 -10.97 -17.03 12.91
CA LEU A 882 -10.34 -17.67 14.04
C LEU A 882 -10.22 -16.65 15.17
N VAL A 883 -10.09 -17.15 16.39
CA VAL A 883 -9.96 -16.28 17.56
C VAL A 883 -8.59 -15.59 17.50
N ASN A 884 -8.63 -14.25 17.64
CA ASN A 884 -7.43 -13.44 17.73
C ASN A 884 -6.48 -13.82 16.62
N SER A 885 -6.95 -13.75 15.36
CA SER A 885 -6.25 -14.32 14.23
C SER A 885 -4.96 -13.56 13.93
N ASP A 886 -4.84 -12.33 14.43
CA ASP A 886 -3.62 -11.56 14.19
C ASP A 886 -2.45 -12.22 14.92
N GLU A 887 -2.75 -13.18 15.81
CA GLU A 887 -1.71 -13.82 16.62
C GLU A 887 -1.54 -15.29 16.24
N PHE A 888 -2.38 -15.79 15.33
CA PHE A 888 -2.54 -17.21 15.13
C PHE A 888 -1.30 -17.83 14.49
N LEU A 889 -0.76 -17.19 13.44
CA LEU A 889 0.45 -17.66 12.78
C LEU A 889 1.61 -17.71 13.76
N ALA A 890 1.86 -16.59 14.47
CA ALA A 890 2.96 -16.55 15.42
C ALA A 890 2.80 -17.69 16.43
N ARG A 891 1.57 -17.94 16.88
CA ARG A 891 1.30 -18.94 17.92
C ARG A 891 1.37 -20.37 17.39
N THR A 892 1.32 -20.57 16.07
CA THR A 892 1.35 -21.91 15.51
C THR A 892 2.66 -22.18 14.78
N LYS A 893 3.53 -21.18 14.66
CA LYS A 893 4.83 -21.29 14.01
C LYS A 893 5.66 -22.39 14.68
N VAL A 894 6.41 -23.15 13.87
CA VAL A 894 7.25 -24.28 14.27
C VAL A 894 7.97 -24.00 15.60
N ALA B 3 50.20 47.30 27.86
CA ALA B 3 48.85 46.75 28.19
C ALA B 3 48.14 46.34 26.91
N MET B 4 48.04 47.27 25.96
CA MET B 4 47.22 47.10 24.77
C MET B 4 47.85 46.05 23.85
N ASN B 5 49.19 46.02 23.82
CA ASN B 5 49.94 45.12 22.97
C ASN B 5 49.76 43.68 23.45
N THR B 6 49.62 43.52 24.78
CA THR B 6 49.54 42.21 25.41
C THR B 6 48.19 41.56 25.09
N VAL B 7 47.14 42.37 25.22
CA VAL B 7 45.78 41.92 25.02
C VAL B 7 45.60 41.46 23.57
N LEU B 8 46.02 42.29 22.61
CA LEU B 8 45.70 42.05 21.21
C LEU B 8 46.39 40.78 20.71
N GLU B 9 47.58 40.50 21.26
CA GLU B 9 48.35 39.30 20.96
C GLU B 9 47.55 38.03 21.23
N LEU B 10 46.61 38.11 22.18
CA LEU B 10 45.81 36.96 22.55
C LEU B 10 45.14 36.37 21.30
N GLN B 11 44.82 37.24 20.33
CA GLN B 11 44.10 36.85 19.13
C GLN B 11 44.98 35.99 18.22
N LYS B 12 46.26 35.87 18.56
CA LYS B 12 47.22 35.15 17.73
C LYS B 12 47.32 33.67 18.13
N LEU B 13 46.81 33.31 19.32
CA LEU B 13 46.99 31.97 19.87
C LEU B 13 46.37 30.90 18.96
N ALA B 14 46.97 29.71 18.95
CA ALA B 14 46.51 28.59 18.13
C ALA B 14 45.29 27.92 18.77
N HIS B 15 44.56 27.14 17.96
CA HIS B 15 43.47 26.31 18.45
C HIS B 15 43.55 24.91 17.84
N ASP B 16 42.41 24.38 17.41
CA ASP B 16 42.26 22.99 17.01
C ASP B 16 42.84 22.81 15.60
N GLY B 35 25.88 27.41 7.88
CA GLY B 35 25.94 25.93 7.92
C GLY B 35 24.58 25.35 8.29
N ASN B 36 24.58 24.45 9.27
CA ASN B 36 23.35 23.82 9.73
C ASN B 36 22.52 24.79 10.57
N MET B 37 23.16 25.85 11.03
CA MET B 37 22.44 26.90 11.75
C MET B 37 21.32 27.47 10.87
N LEU B 38 21.43 27.27 9.55
CA LEU B 38 20.48 27.81 8.57
C LEU B 38 19.07 27.28 8.82
N TYR B 39 18.95 26.12 9.45
CA TYR B 39 17.64 25.54 9.73
C TYR B 39 16.76 26.50 10.52
N HIS B 40 17.37 27.31 11.39
CA HIS B 40 16.64 28.26 12.23
C HIS B 40 15.87 29.27 11.37
N ARG B 41 16.40 29.59 10.19
CA ARG B 41 15.77 30.60 9.35
C ARG B 41 14.49 30.04 8.69
N TYR B 42 14.20 28.76 8.94
CA TYR B 42 13.13 28.10 8.20
C TYR B 42 12.07 27.55 9.14
N LEU B 43 12.03 28.08 10.36
CA LEU B 43 11.07 27.63 11.34
C LEU B 43 9.91 28.62 11.42
N LYS B 44 9.36 29.00 10.27
CA LYS B 44 8.16 29.82 10.23
C LYS B 44 7.11 29.21 11.17
N PRO B 45 6.69 29.92 12.24
CA PRO B 45 5.73 29.36 13.20
C PRO B 45 4.44 28.91 12.52
N ASN B 46 3.80 27.89 13.09
CA ASN B 46 2.52 27.38 12.61
C ASN B 46 2.63 26.78 11.21
N SER B 47 3.80 26.19 10.91
CA SER B 47 3.94 25.30 9.78
C SER B 47 4.62 24.03 10.26
N GLU B 48 4.31 22.92 9.60
CA GLU B 48 4.96 21.66 9.90
C GLU B 48 6.15 21.45 8.96
N TYR B 49 6.39 22.44 8.09
CA TYR B 49 7.38 22.28 7.02
C TYR B 49 8.45 23.35 7.15
N TYR B 50 9.53 23.14 6.40
CA TYR B 50 10.56 24.15 6.27
C TYR B 50 10.02 25.31 5.43
N LYS B 51 9.99 26.50 6.05
CA LYS B 51 9.43 27.68 5.42
C LYS B 51 10.17 28.90 5.95
N LYS B 52 10.55 29.78 5.03
CA LYS B 52 11.34 30.96 5.34
C LYS B 52 10.57 31.91 6.24
N ILE B 53 11.26 32.42 7.27
CA ILE B 53 10.81 33.55 8.07
C ILE B 53 11.10 34.85 7.31
N ILE B 61 18.90 49.09 6.52
CA ILE B 61 18.70 49.74 5.19
C ILE B 61 19.26 51.17 5.25
N TYR B 62 20.47 51.34 4.72
CA TYR B 62 21.24 52.59 4.81
C TYR B 62 21.05 53.46 3.58
N GLU B 63 19.96 54.24 3.61
CA GLU B 63 19.60 55.13 2.53
C GLU B 63 20.50 56.36 2.55
N LEU B 64 21.19 56.60 1.43
CA LEU B 64 21.89 57.85 1.17
C LEU B 64 21.16 58.62 0.07
N ASN B 65 21.14 59.95 0.19
CA ASN B 65 20.21 60.76 -0.59
C ASN B 65 20.95 61.59 -1.65
N ASP B 66 21.28 62.85 -1.32
CA ASP B 66 21.80 63.83 -2.27
C ASP B 66 23.16 63.39 -2.82
N ILE B 67 23.14 62.50 -3.82
CA ILE B 67 24.33 61.92 -4.41
C ILE B 67 24.55 62.55 -5.79
N PRO B 68 25.72 63.20 -6.05
CA PRO B 68 26.03 63.77 -7.36
C PRO B 68 26.16 62.67 -8.42
N ASP B 69 25.91 63.06 -9.68
CA ASP B 69 25.87 62.18 -10.83
C ASP B 69 27.28 61.66 -11.13
N THR B 70 28.28 62.22 -10.43
CA THR B 70 29.68 61.88 -10.60
C THR B 70 29.91 60.45 -10.10
N TYR B 71 29.06 60.00 -9.17
CA TYR B 71 29.24 58.72 -8.53
C TYR B 71 28.26 57.69 -9.10
N ALA B 72 28.74 56.47 -9.29
CA ALA B 72 27.92 55.33 -9.66
C ALA B 72 27.83 54.38 -8.46
N VAL B 73 26.60 53.92 -8.16
CA VAL B 73 26.31 53.09 -7.00
C VAL B 73 26.05 51.66 -7.45
N PHE B 74 26.92 50.75 -7.02
CA PHE B 74 26.84 49.34 -7.35
C PHE B 74 26.41 48.54 -6.11
N LEU B 75 25.11 48.25 -6.05
CA LEU B 75 24.51 47.59 -4.91
C LEU B 75 24.46 46.10 -5.19
N ASP B 76 25.45 45.38 -4.65
CA ASP B 76 25.53 43.93 -4.78
C ASP B 76 24.40 43.29 -3.96
N ASN B 77 23.98 42.10 -4.39
CA ASN B 77 22.84 41.41 -3.81
C ASN B 77 23.31 40.11 -3.14
N GLU B 78 24.62 39.82 -3.23
CA GLU B 78 25.21 38.61 -2.68
C GLU B 78 26.35 38.96 -1.74
N SER B 79 26.97 40.13 -1.96
CA SER B 79 27.89 40.74 -1.01
C SER B 79 27.11 41.63 -0.06
N VAL B 80 27.83 42.20 0.93
CA VAL B 80 27.24 43.00 2.00
C VAL B 80 27.44 44.50 1.73
N TRP B 81 28.11 44.82 0.61
CA TRP B 81 28.68 46.12 0.35
C TRP B 81 27.83 46.91 -0.66
N LYS B 82 27.66 48.21 -0.37
CA LYS B 82 27.19 49.21 -1.31
C LYS B 82 28.39 50.03 -1.77
N HIS B 83 28.86 49.75 -3.00
CA HIS B 83 30.08 50.30 -3.55
C HIS B 83 29.80 51.64 -4.22
N TYR B 84 30.65 52.65 -3.92
CA TYR B 84 30.51 53.97 -4.49
C TYR B 84 31.72 54.29 -5.36
N HIS B 85 31.54 54.12 -6.68
CA HIS B 85 32.57 54.37 -7.68
C HIS B 85 32.42 55.79 -8.23
N VAL B 86 33.53 56.52 -8.30
CA VAL B 86 33.49 57.90 -8.76
C VAL B 86 33.82 57.97 -10.25
N LYS B 87 33.15 58.91 -10.94
CA LYS B 87 33.54 59.46 -12.22
C LYS B 87 34.02 58.34 -13.14
N GLY B 88 35.22 58.52 -13.71
CA GLY B 88 35.87 57.50 -14.51
C GLY B 88 37.23 57.12 -13.94
N SER B 89 37.61 57.82 -12.85
CA SER B 89 38.89 57.61 -12.18
C SER B 89 38.92 56.24 -11.51
N THR B 90 39.81 55.39 -12.03
CA THR B 90 39.96 54.02 -11.59
C THR B 90 41.11 53.93 -10.57
N LEU B 91 40.88 53.21 -9.47
CA LEU B 91 41.78 53.23 -8.32
C LEU B 91 42.93 52.26 -8.55
N PRO B 92 44.10 52.50 -7.91
CA PRO B 92 45.24 51.57 -8.02
C PRO B 92 44.88 50.20 -7.45
N GLU B 93 45.70 49.19 -7.79
CA GLU B 93 45.47 47.80 -7.43
C GLU B 93 45.49 47.59 -5.92
N GLN B 94 46.32 48.37 -5.22
CA GLN B 94 46.58 48.17 -3.79
C GLN B 94 46.94 49.50 -3.15
N GLY B 95 47.14 49.51 -1.83
CA GLY B 95 47.58 50.71 -1.14
C GLY B 95 47.01 50.82 0.27
N TRP B 96 47.13 52.01 0.86
CA TRP B 96 46.61 52.32 2.19
C TRP B 96 45.12 52.60 2.13
N LYS B 97 44.33 51.82 2.88
CA LYS B 97 42.90 52.04 3.00
C LYS B 97 42.51 52.41 4.43
N ILE B 98 41.39 53.13 4.56
CA ILE B 98 40.82 53.52 5.84
C ILE B 98 39.54 52.71 6.07
N HIS B 99 39.40 52.15 7.28
CA HIS B 99 38.15 51.55 7.73
C HIS B 99 37.59 52.36 8.90
N VAL B 100 36.28 52.55 8.92
CA VAL B 100 35.62 53.23 10.02
C VAL B 100 34.68 52.22 10.71
N THR B 101 34.70 52.22 12.05
CA THR B 101 33.79 51.40 12.84
C THR B 101 32.80 52.32 13.56
N SER B 102 31.60 51.79 13.82
CA SER B 102 30.58 52.57 14.52
C SER B 102 29.77 51.67 15.44
N SER B 103 29.25 52.26 16.53
CA SER B 103 28.17 51.67 17.30
C SER B 103 26.89 51.71 16.47
N LEU B 104 26.01 50.74 16.71
CA LEU B 104 24.78 50.57 15.94
C LEU B 104 23.87 51.79 16.10
N GLU B 105 23.77 52.34 17.32
CA GLU B 105 22.86 53.45 17.60
C GLU B 105 23.30 54.72 16.86
N ASP B 106 24.57 54.74 16.42
CA ASP B 106 25.19 55.91 15.83
C ASP B 106 25.48 55.70 14.34
N SER B 107 24.98 54.58 13.78
CA SER B 107 25.44 54.07 12.48
C SER B 107 25.06 54.99 11.32
N LYS B 108 23.78 55.35 11.23
CA LYS B 108 23.26 56.20 10.17
C LYS B 108 23.92 57.57 10.24
N ASP B 109 24.12 58.06 11.47
CA ASP B 109 24.69 59.37 11.74
C ASP B 109 26.19 59.39 11.43
N VAL B 110 26.86 58.22 11.53
CA VAL B 110 28.28 58.13 11.25
C VAL B 110 28.51 58.07 9.73
N LEU B 111 27.63 57.33 9.03
CA LEU B 111 27.75 57.16 7.59
C LEU B 111 27.50 58.49 6.89
N ASP B 112 26.56 59.28 7.45
CA ASP B 112 26.21 60.59 6.90
C ASP B 112 27.44 61.50 6.87
N LYS B 113 28.12 61.64 8.02
CA LYS B 113 29.22 62.57 8.17
C LYS B 113 30.45 62.08 7.40
N VAL B 114 30.66 60.76 7.37
CA VAL B 114 31.81 60.15 6.72
C VAL B 114 31.64 60.17 5.20
N ALA B 115 30.45 59.81 4.70
CA ALA B 115 30.18 59.85 3.27
C ALA B 115 30.00 61.28 2.76
N ARG B 116 29.53 62.18 3.64
CA ARG B 116 29.22 63.56 3.29
C ARG B 116 30.47 64.32 2.81
N LEU B 117 31.43 64.51 3.72
CA LEU B 117 32.72 65.06 3.34
C LEU B 117 33.65 63.90 2.98
N CYS B 118 33.44 63.36 1.77
CA CYS B 118 34.14 62.21 1.19
C CYS B 118 33.77 62.07 -0.29
N ILE B 119 32.47 62.22 -0.58
CA ILE B 119 31.93 62.57 -1.89
C ILE B 119 32.65 63.84 -2.35
N ASP B 120 32.76 64.82 -1.43
CA ASP B 120 33.30 66.15 -1.67
C ASP B 120 34.74 66.09 -2.17
N LYS B 121 35.40 64.95 -1.95
CA LYS B 121 36.81 64.85 -2.26
C LYS B 121 37.02 63.84 -3.37
N LYS B 122 35.91 63.32 -3.91
CA LYS B 122 35.89 62.36 -5.01
C LYS B 122 36.68 61.11 -4.62
N ILE B 123 36.47 60.63 -3.38
CA ILE B 123 37.12 59.44 -2.87
C ILE B 123 36.16 58.26 -2.95
N GLU B 124 36.68 57.15 -3.50
CA GLU B 124 35.91 55.92 -3.64
C GLU B 124 35.79 55.23 -2.28
N PHE B 125 34.57 54.75 -2.00
CA PHE B 125 34.30 54.08 -0.73
C PHE B 125 33.18 53.06 -0.91
N LYS B 126 33.00 52.25 0.14
CA LYS B 126 31.93 51.28 0.23
C LYS B 126 31.51 51.15 1.69
N HIS B 127 30.27 50.73 1.91
CA HIS B 127 29.75 50.51 3.24
C HIS B 127 28.85 49.28 3.23
N LEU B 128 28.50 48.77 4.41
CA LEU B 128 27.55 47.68 4.51
C LEU B 128 26.16 48.17 4.11
N LYS B 129 25.45 47.35 3.34
CA LYS B 129 24.30 47.79 2.57
C LYS B 129 23.08 48.07 3.46
N ASP B 130 22.72 47.09 4.31
CA ASP B 130 21.50 47.16 5.10
C ASP B 130 21.81 46.97 6.58
N LYS B 131 20.75 47.06 7.41
CA LYS B 131 20.90 46.90 8.85
C LYS B 131 21.19 45.44 9.21
N ASP B 132 20.67 44.50 8.42
CA ASP B 132 20.93 43.08 8.63
C ASP B 132 22.43 42.80 8.49
N SER B 133 23.07 43.47 7.53
CA SER B 133 24.48 43.25 7.23
C SER B 133 25.35 43.75 8.37
N PHE B 134 25.03 44.92 8.92
CA PHE B 134 25.70 45.43 10.10
C PHE B 134 25.71 44.37 11.20
N MET B 135 24.51 43.81 11.46
CA MET B 135 24.31 42.79 12.49
C MET B 135 25.16 41.56 12.17
N LYS B 136 25.16 41.12 10.91
CA LYS B 136 25.83 39.89 10.54
C LYS B 136 27.35 40.03 10.69
N MET B 137 27.84 41.26 10.48
CA MET B 137 29.27 41.52 10.43
C MET B 137 29.80 41.79 11.83
N ASN B 138 28.89 42.08 12.78
CA ASN B 138 29.25 42.43 14.14
C ASN B 138 28.62 41.48 15.18
N SER B 139 28.11 40.33 14.72
CA SER B 139 27.46 39.39 15.64
C SER B 139 28.52 38.63 16.42
N LYS B 140 28.10 37.90 17.47
CA LYS B 140 29.00 37.13 18.32
C LYS B 140 29.90 36.23 17.46
N ASN B 141 29.35 35.64 16.39
CA ASN B 141 30.10 34.65 15.64
C ASN B 141 30.55 35.20 14.27
N ALA B 142 30.47 36.52 14.08
CA ALA B 142 31.00 37.16 12.88
C ALA B 142 32.52 36.95 12.80
N ASN B 143 33.04 36.77 11.58
CA ASN B 143 34.45 36.59 11.34
C ASN B 143 35.26 37.75 11.95
N ARG B 144 36.34 37.41 12.67
CA ARG B 144 37.13 38.36 13.46
C ARG B 144 37.84 39.38 12.58
N ALA B 145 38.40 38.90 11.45
CA ALA B 145 39.16 39.71 10.52
C ALA B 145 38.27 40.78 9.87
N SER B 146 37.09 40.37 9.39
CA SER B 146 36.21 41.27 8.65
C SER B 146 35.38 42.16 9.58
N SER B 147 35.33 41.80 10.86
CA SER B 147 34.37 42.40 11.77
C SER B 147 34.68 43.88 12.00
N GLY B 148 33.63 44.68 12.22
CA GLY B 148 33.79 46.08 12.63
C GLY B 148 34.02 47.04 11.46
N LYS B 149 34.37 46.52 10.28
CA LYS B 149 34.60 47.36 9.11
C LYS B 149 33.24 47.76 8.52
N PHE B 150 32.73 48.90 8.98
CA PHE B 150 31.44 49.39 8.53
C PHE B 150 31.59 50.14 7.20
N ILE B 151 32.56 51.07 7.14
CA ILE B 151 32.88 51.84 5.94
C ILE B 151 34.33 51.55 5.54
N THR B 152 34.55 51.29 4.25
CA THR B 152 35.89 51.18 3.67
C THR B 152 36.12 52.37 2.74
N ILE B 153 37.21 53.12 2.97
CA ILE B 153 37.53 54.33 2.21
C ILE B 153 38.85 54.09 1.47
N TYR B 154 38.90 54.44 0.18
CA TYR B 154 40.02 54.14 -0.69
C TYR B 154 40.71 55.43 -1.13
N PRO B 155 41.74 55.92 -0.39
CA PRO B 155 42.47 57.13 -0.78
C PRO B 155 43.23 56.84 -2.06
N THR B 156 43.36 57.87 -2.91
CA THR B 156 44.02 57.75 -4.20
C THR B 156 45.53 57.50 -4.04
N ASN B 157 46.14 58.14 -3.02
CA ASN B 157 47.57 58.05 -2.73
C ASN B 157 47.81 58.36 -1.25
N ASN B 158 49.06 58.17 -0.80
CA ASN B 158 49.47 58.22 0.60
C ASN B 158 49.21 59.59 1.23
N GLU B 159 49.17 60.65 0.41
CA GLU B 159 48.99 62.00 0.92
C GLU B 159 47.55 62.18 1.38
N VAL B 160 46.60 61.83 0.52
CA VAL B 160 45.19 62.02 0.82
C VAL B 160 44.79 61.03 1.92
N PHE B 161 45.51 59.90 1.97
CA PHE B 161 45.38 58.92 3.05
C PHE B 161 45.53 59.63 4.40
N VAL B 162 46.72 60.22 4.63
CA VAL B 162 47.07 60.77 5.94
C VAL B 162 46.22 62.00 6.23
N GLU B 163 45.83 62.68 5.17
CA GLU B 163 44.91 63.81 5.24
C GLU B 163 43.55 63.35 5.76
N LEU B 164 43.05 62.23 5.21
CA LEU B 164 41.72 61.74 5.53
C LEU B 164 41.67 61.26 6.99
N LEU B 165 42.76 60.64 7.44
CA LEU B 165 42.88 60.14 8.81
C LEU B 165 42.41 61.21 9.80
N GLU B 166 42.68 62.49 9.50
CA GLU B 166 42.46 63.57 10.45
C GLU B 166 41.05 64.14 10.34
N MET B 167 40.57 64.32 9.09
CA MET B 167 39.29 64.99 8.89
C MET B 167 38.15 64.05 9.25
N ILE B 168 38.27 62.77 8.87
CA ILE B 168 37.32 61.74 9.27
C ILE B 168 37.24 61.71 10.80
N SER B 169 38.41 61.56 11.46
CA SER B 169 38.48 61.41 12.90
C SER B 169 37.95 62.64 13.62
N LEU B 170 38.09 63.81 12.99
CA LEU B 170 37.58 65.04 13.59
C LEU B 170 36.06 65.09 13.43
N ALA B 171 35.58 64.47 12.34
CA ALA B 171 34.18 64.55 11.95
C ALA B 171 33.33 63.61 12.80
N ILE B 172 33.92 62.48 13.23
CA ILE B 172 33.24 61.47 14.02
C ILE B 172 33.75 61.50 15.47
N GLN B 173 34.30 62.64 15.87
CA GLN B 173 35.05 62.81 17.10
C GLN B 173 34.16 62.55 18.30
N ASP B 174 32.86 62.88 18.20
CA ASP B 174 31.95 62.89 19.34
C ASP B 174 31.28 61.54 19.56
N PHE B 175 31.05 60.77 18.47
CA PHE B 175 30.26 59.54 18.54
C PHE B 175 30.93 58.51 19.46
N LYS B 176 30.12 57.58 19.98
CA LYS B 176 30.56 56.58 20.94
C LYS B 176 31.50 55.60 20.24
N LYS B 177 32.43 55.03 21.00
CA LYS B 177 33.40 54.07 20.46
C LYS B 177 32.65 52.82 19.99
N GLY B 178 33.01 52.35 18.79
CA GLY B 178 32.44 51.14 18.21
C GLY B 178 33.39 49.96 18.34
N PRO B 179 33.04 48.77 17.80
CA PRO B 179 33.91 47.59 17.94
C PRO B 179 35.27 47.82 17.29
N TYR B 180 36.33 47.43 18.01
CA TYR B 180 37.68 47.51 17.51
C TYR B 180 37.84 46.54 16.33
N ILE B 181 38.57 46.99 15.30
CA ILE B 181 38.83 46.21 14.10
C ILE B 181 40.20 45.56 14.25
N LEU B 182 40.19 44.25 14.44
CA LEU B 182 41.35 43.48 14.85
C LEU B 182 42.40 43.40 13.74
N ASN B 183 42.01 43.76 12.51
CA ASN B 183 42.83 43.56 11.33
C ASN B 183 43.63 44.82 11.02
N ASP B 184 43.29 45.92 11.71
CA ASP B 184 43.79 47.24 11.40
C ASP B 184 44.56 47.81 12.58
N LYS B 185 45.37 48.86 12.32
CA LYS B 185 45.85 49.74 13.38
C LYS B 185 44.86 50.88 13.52
N ARG B 186 44.68 51.33 14.77
CA ARG B 186 43.73 52.38 15.10
C ARG B 186 44.45 53.71 15.08
N TRP B 187 43.77 54.74 14.56
CA TRP B 187 44.26 56.10 14.61
C TRP B 187 43.87 56.73 15.94
N LYS B 188 44.86 56.96 16.81
CA LYS B 188 44.71 57.57 18.12
C LYS B 188 43.68 56.80 18.95
N ASN B 189 42.68 57.49 19.49
CA ASN B 189 41.59 56.85 20.22
C ASN B 189 40.28 57.10 19.50
N SER B 190 40.33 57.05 18.16
CA SER B 190 39.18 57.30 17.31
C SER B 190 38.63 56.00 16.74
N ASN B 191 37.51 56.13 16.03
CA ASN B 191 36.89 55.00 15.37
C ASN B 191 37.46 54.86 13.96
N VAL B 192 38.57 55.56 13.71
CA VAL B 192 39.23 55.50 12.42
C VAL B 192 40.37 54.49 12.51
N PHE B 193 40.40 53.57 11.54
CA PHE B 193 41.36 52.49 11.50
C PHE B 193 41.99 52.44 10.11
N TYR B 194 43.13 51.77 9.97
CA TYR B 194 43.78 51.72 8.68
C TYR B 194 44.59 50.44 8.51
N ARG B 195 44.80 50.06 7.24
CA ARG B 195 45.58 48.90 6.85
C ARG B 195 45.99 49.05 5.40
N TYR B 196 47.08 48.36 5.03
CA TYR B 196 47.54 48.29 3.65
C TYR B 196 47.16 46.92 3.08
N GLY B 197 46.43 46.94 1.95
CA GLY B 197 46.05 45.72 1.26
C GLY B 197 45.43 46.01 -0.10
N GLY B 198 44.81 44.96 -0.69
CA GLY B 198 44.21 45.02 -2.01
C GLY B 198 43.01 45.97 -2.06
N PHE B 199 42.99 46.83 -3.08
CA PHE B 199 41.91 47.76 -3.32
C PHE B 199 40.81 47.07 -4.13
N LYS B 200 41.22 46.36 -5.18
CA LYS B 200 40.30 45.69 -6.10
C LYS B 200 40.06 44.27 -5.61
N GLY B 201 39.05 43.61 -6.18
CA GLY B 201 38.88 42.19 -6.00
C GLY B 201 39.95 41.42 -6.77
N ILE B 202 41.18 41.40 -6.23
CA ILE B 202 42.28 40.71 -6.87
C ILE B 202 42.22 39.24 -6.45
N PHE B 203 41.59 38.44 -7.32
CA PHE B 203 41.58 36.99 -7.19
C PHE B 203 42.90 36.45 -7.73
N ASN B 204 43.53 35.59 -6.92
CA ASN B 204 44.83 35.01 -7.23
C ASN B 204 44.66 33.52 -7.57
N GLU B 205 45.61 33.00 -8.36
CA GLU B 205 45.58 31.62 -8.80
C GLU B 205 45.91 30.70 -7.62
N HIS B 206 45.02 29.73 -7.40
CA HIS B 206 45.03 28.87 -6.23
C HIS B 206 45.00 29.70 -4.95
N GLY B 207 44.09 30.68 -4.91
CA GLY B 207 43.92 31.56 -3.76
C GLY B 207 42.52 32.17 -3.74
N GLU B 208 42.41 33.39 -3.17
CA GLU B 208 41.11 34.06 -3.07
C GLU B 208 41.29 35.57 -3.08
N HIS B 209 42.43 36.07 -2.56
CA HIS B 209 42.70 37.50 -2.48
C HIS B 209 44.18 37.76 -2.21
N CYS B 210 44.78 38.68 -2.97
CA CYS B 210 46.22 38.87 -3.00
C CYS B 210 46.57 40.30 -3.37
N ILE B 211 47.84 40.67 -3.16
CA ILE B 211 48.43 41.93 -3.58
C ILE B 211 49.72 41.64 -4.35
N ARG B 212 50.39 42.70 -4.84
CA ARG B 212 51.67 42.54 -5.53
C ARG B 212 52.81 43.06 -4.66
N ASP B 213 54.02 42.53 -4.88
CA ASP B 213 55.23 43.06 -4.28
C ASP B 213 55.62 44.33 -5.02
N LYS B 214 54.98 44.55 -6.17
CA LYS B 214 55.17 45.74 -7.00
C LYS B 214 56.57 45.71 -7.62
N GLU B 215 57.30 44.61 -7.34
CA GLU B 215 58.70 44.45 -7.70
C GLU B 215 58.87 43.12 -8.43
N GLY B 216 58.65 42.02 -7.71
CA GLY B 216 58.82 40.67 -8.25
C GLY B 216 57.77 39.68 -7.75
N ASN B 217 56.66 40.20 -7.21
CA ASN B 217 55.49 39.43 -6.81
C ASN B 217 55.82 38.52 -5.62
N LEU B 218 55.64 39.08 -4.41
CA LEU B 218 55.71 38.34 -3.15
C LEU B 218 54.69 38.92 -2.17
N ILE B 219 54.34 38.12 -1.14
CA ILE B 219 53.46 38.49 -0.04
C ILE B 219 52.01 38.63 -0.52
N LYS B 220 51.12 37.82 0.06
CA LYS B 220 49.70 37.83 -0.22
C LYS B 220 48.98 38.78 0.74
N ASP B 221 47.74 39.14 0.40
CA ASP B 221 46.93 40.02 1.22
C ASP B 221 46.48 39.27 2.46
N GLN B 222 46.99 39.71 3.62
CA GLN B 222 46.75 39.05 4.89
C GLN B 222 45.47 39.62 5.50
N ARG B 223 44.45 38.75 5.64
CA ARG B 223 43.21 39.07 6.34
C ARG B 223 43.08 38.19 7.58
N ASN B 224 43.66 38.64 8.70
CA ASN B 224 43.78 37.89 9.94
C ASN B 224 43.29 38.76 11.09
N PRO B 225 42.98 38.17 12.27
CA PRO B 225 42.53 38.94 13.43
C PRO B 225 43.62 39.75 14.15
N PHE B 226 44.68 40.10 13.39
CA PHE B 226 45.81 40.86 13.91
C PHE B 226 46.42 41.71 12.79
N TYR B 227 46.90 42.91 13.17
CA TYR B 227 47.42 43.90 12.24
C TYR B 227 48.72 43.41 11.61
N GLN B 228 48.81 43.55 10.27
CA GLN B 228 49.98 43.14 9.53
C GLN B 228 50.36 44.21 8.52
N VAL B 229 51.66 44.37 8.31
CA VAL B 229 52.21 45.30 7.33
C VAL B 229 53.09 44.52 6.36
N PRO B 230 52.86 44.66 5.03
CA PRO B 230 53.75 44.05 4.05
C PRO B 230 55.13 44.68 4.19
N ASP B 231 56.18 43.86 4.08
CA ASP B 231 57.52 44.26 4.49
C ASP B 231 58.03 45.42 3.64
N PHE B 232 57.57 45.52 2.38
CA PHE B 232 58.08 46.50 1.43
C PHE B 232 57.45 47.88 1.58
N VAL B 233 56.56 48.06 2.59
CA VAL B 233 55.97 49.37 2.85
C VAL B 233 56.03 49.67 4.35
N LYS B 234 56.91 48.96 5.06
CA LYS B 234 57.22 49.19 6.46
C LYS B 234 57.53 50.67 6.67
N ASP B 235 58.34 51.25 5.77
CA ASP B 235 58.85 52.61 5.92
C ASP B 235 57.70 53.62 6.06
N PHE B 236 56.59 53.38 5.37
CA PHE B 236 55.46 54.28 5.52
C PHE B 236 54.71 54.00 6.82
N ASP B 237 54.65 52.71 7.21
CA ASP B 237 54.11 52.32 8.52
C ASP B 237 55.00 52.90 9.61
N ASP B 238 56.33 52.83 9.38
CA ASP B 238 57.29 53.43 10.29
C ASP B 238 57.02 54.92 10.41
N TYR B 239 56.68 55.57 9.30
CA TYR B 239 56.30 56.98 9.35
C TYR B 239 55.02 57.13 10.18
N LEU B 240 54.04 56.24 9.97
CA LEU B 240 52.73 56.42 10.60
C LEU B 240 52.87 56.31 12.12
N ASN B 241 53.78 55.46 12.59
CA ASN B 241 54.04 55.28 14.01
C ASN B 241 54.58 56.56 14.65
N THR B 242 55.24 57.43 13.86
CA THR B 242 55.83 58.66 14.37
C THR B 242 54.76 59.73 14.58
N ILE B 243 53.67 59.70 13.80
CA ILE B 243 52.63 60.69 13.94
C ILE B 243 51.48 60.13 14.77
N ASN B 244 51.36 58.79 14.79
CA ASN B 244 50.19 58.14 15.34
C ASN B 244 50.46 57.74 16.79
N ASN B 245 49.81 58.47 17.71
CA ASN B 245 49.64 58.05 19.09
C ASN B 245 48.94 56.68 19.15
N SER B 255 49.31 44.37 35.99
CA SER B 255 48.82 43.39 34.98
C SER B 255 48.32 42.12 35.68
N ARG B 256 46.98 41.97 35.72
CA ARG B 256 46.34 40.83 36.38
C ARG B 256 46.43 39.58 35.51
N LEU B 257 46.84 39.74 34.24
CA LEU B 257 46.82 38.68 33.25
C LEU B 257 48.21 38.07 33.10
N GLY B 258 49.24 38.82 33.53
CA GLY B 258 50.62 38.34 33.47
C GLY B 258 50.88 37.22 34.48
N LYS B 259 49.85 36.93 35.29
CA LYS B 259 49.93 35.97 36.37
C LYS B 259 49.54 34.59 35.86
N TYR B 260 49.29 34.48 34.54
CA TYR B 260 48.85 33.25 33.93
C TYR B 260 49.73 32.94 32.71
N LYS B 261 49.92 31.65 32.43
CA LYS B 261 50.53 31.23 31.16
C LYS B 261 49.41 30.82 30.21
N ILE B 262 48.99 31.78 29.36
CA ILE B 262 47.87 31.57 28.46
C ILE B 262 48.36 30.68 27.31
N GLU B 263 48.07 29.37 27.42
CA GLU B 263 48.67 28.38 26.54
C GLU B 263 47.97 28.40 25.20
N THR B 264 46.67 28.07 25.21
CA THR B 264 45.89 27.87 24.00
C THR B 264 44.55 28.59 24.10
N ALA B 265 43.88 28.72 22.96
CA ALA B 265 42.53 29.25 22.91
C ALA B 265 41.58 28.09 22.60
N LEU B 266 40.59 27.92 23.47
CA LEU B 266 39.63 26.85 23.26
C LEU B 266 38.70 27.26 22.11
N SER B 267 38.26 28.52 22.13
CA SER B 267 37.44 29.03 21.05
C SER B 267 37.68 30.52 20.84
N PHE B 268 37.49 30.95 19.60
CA PHE B 268 37.48 32.35 19.25
C PHE B 268 36.12 32.73 18.69
N SER B 269 35.67 33.94 19.02
CA SER B 269 34.52 34.51 18.36
C SER B 269 34.77 36.01 18.24
N ASN B 270 33.77 36.74 17.72
CA ASN B 270 33.85 38.19 17.61
C ASN B 270 33.79 38.81 19.00
N ALA B 271 33.14 38.10 19.95
CA ALA B 271 32.91 38.65 21.28
C ALA B 271 34.21 38.67 22.08
N GLY B 272 35.17 37.85 21.66
CA GLY B 272 36.41 37.64 22.39
C GLY B 272 36.85 36.18 22.31
N GLY B 273 37.96 35.86 22.98
CA GLY B 273 38.43 34.48 23.06
C GLY B 273 38.05 33.81 24.38
N VAL B 274 38.12 32.48 24.38
CA VAL B 274 38.05 31.69 25.60
C VAL B 274 39.34 30.86 25.65
N TYR B 275 40.15 31.13 26.67
CA TYR B 275 41.50 30.59 26.69
C TYR B 275 41.68 29.61 27.84
N LEU B 276 42.41 28.53 27.56
CA LEU B 276 42.93 27.62 28.56
C LEU B 276 44.26 28.15 29.06
N ALA B 277 44.31 28.38 30.38
CA ALA B 277 45.46 29.01 31.01
C ALA B 277 45.84 28.25 32.28
N THR B 278 47.04 28.54 32.78
CA THR B 278 47.53 28.02 34.05
C THR B 278 48.04 29.18 34.90
N ARG B 279 47.45 29.34 36.10
CA ARG B 279 47.89 30.40 37.01
C ARG B 279 49.28 30.08 37.50
N LYS B 280 50.23 31.01 37.27
CA LYS B 280 51.61 30.89 37.76
C LYS B 280 51.61 30.93 39.30
N LYS B 281 52.60 30.25 39.88
CA LYS B 281 52.70 30.06 41.33
C LYS B 281 51.37 29.50 41.86
N ASP B 282 51.05 28.30 41.36
CA ASP B 282 49.85 27.56 41.66
C ASP B 282 49.75 26.35 40.73
N ASN B 283 49.87 26.61 39.43
CA ASN B 283 49.73 25.60 38.38
C ASN B 283 48.27 25.16 38.24
N LEU B 284 47.34 25.99 38.74
CA LEU B 284 45.92 25.73 38.59
C LEU B 284 45.49 26.04 37.16
N LYS B 285 44.94 25.02 36.48
CA LYS B 285 44.25 25.19 35.21
C LYS B 285 42.98 26.00 35.45
N VAL B 286 42.80 27.06 34.64
CA VAL B 286 41.62 27.92 34.71
C VAL B 286 41.10 28.16 33.30
N ILE B 287 39.91 28.76 33.21
CA ILE B 287 39.36 29.24 31.95
C ILE B 287 39.32 30.77 32.05
N ILE B 288 39.89 31.44 31.04
CA ILE B 288 39.77 32.89 30.95
C ILE B 288 38.83 33.23 29.80
N LYS B 289 37.75 33.96 30.12
CA LYS B 289 36.71 34.31 29.16
C LYS B 289 36.77 35.81 28.87
N GLU B 290 37.03 36.14 27.60
CA GLU B 290 37.34 37.50 27.19
C GLU B 290 36.12 38.13 26.49
N ALA B 291 35.81 39.38 26.89
CA ALA B 291 34.78 40.18 26.24
C ALA B 291 35.41 41.44 25.63
N ARG B 292 35.05 41.73 24.37
CA ARG B 292 35.47 42.93 23.66
C ARG B 292 34.32 43.92 23.66
N PRO B 293 34.52 45.15 24.18
CA PRO B 293 33.41 46.10 24.30
C PRO B 293 32.82 46.47 22.94
N SER B 294 31.48 46.53 22.88
CA SER B 294 30.71 46.98 21.73
C SER B 294 30.69 45.96 20.59
N ALA B 295 31.34 44.81 20.81
CA ALA B 295 31.41 43.74 19.83
C ALA B 295 30.43 42.63 20.19
N GLY B 296 30.12 41.78 19.21
CA GLY B 296 29.20 40.66 19.33
C GLY B 296 27.80 41.06 19.78
N LEU B 297 27.10 41.92 19.04
CA LEU B 297 25.73 42.28 19.40
C LEU B 297 24.81 41.09 19.10
N ASP B 298 23.74 40.92 19.89
CA ASP B 298 22.80 39.83 19.68
C ASP B 298 21.40 40.42 19.46
N GLY B 299 20.44 39.51 19.20
CA GLY B 299 19.06 39.87 18.94
C GLY B 299 18.39 40.65 20.07
N ALA B 300 18.88 40.49 21.30
CA ALA B 300 18.26 41.10 22.47
C ALA B 300 18.90 42.45 22.77
N ALA B 301 19.78 42.92 21.88
CA ALA B 301 20.48 44.20 22.05
C ALA B 301 21.44 44.12 23.23
N GLN B 302 22.41 43.18 23.12
CA GLN B 302 23.43 42.99 24.14
C GLN B 302 24.78 42.73 23.46
N ASP B 303 25.83 43.42 23.93
CA ASP B 303 27.18 43.18 23.44
C ASP B 303 27.87 42.11 24.29
N ALA B 304 29.10 41.77 23.93
CA ALA B 304 29.92 40.79 24.61
C ALA B 304 29.99 41.09 26.11
N LEU B 305 30.17 42.37 26.46
CA LEU B 305 30.36 42.77 27.84
C LEU B 305 29.05 42.60 28.62
N ALA B 306 27.92 42.94 27.99
CA ALA B 306 26.62 42.78 28.62
C ALA B 306 26.35 41.31 28.97
N ARG B 307 26.79 40.38 28.11
CA ARG B 307 26.62 38.96 28.37
C ARG B 307 27.53 38.53 29.51
N GLN B 308 28.79 38.98 29.46
CA GLN B 308 29.81 38.63 30.44
C GLN B 308 29.37 39.08 31.84
N LYS B 309 28.78 40.26 31.95
CA LYS B 309 28.35 40.79 33.23
C LYS B 309 27.28 39.89 33.83
N ILE B 310 26.35 39.45 32.96
CA ILE B 310 25.28 38.57 33.39
C ILE B 310 25.87 37.26 33.88
N GLU B 311 26.88 36.74 33.18
CA GLU B 311 27.52 35.50 33.57
C GLU B 311 28.23 35.66 34.92
N TYR B 312 28.91 36.79 35.11
CA TYR B 312 29.65 37.06 36.34
C TYR B 312 28.69 37.20 37.51
N ASP B 313 27.59 37.94 37.30
CA ASP B 313 26.58 38.13 38.34
C ASP B 313 25.99 36.78 38.73
N ALA B 314 25.63 35.98 37.72
CA ALA B 314 25.06 34.66 37.96
C ALA B 314 26.02 33.82 38.80
N LEU B 315 27.31 33.78 38.42
CA LEU B 315 28.25 32.86 39.03
C LEU B 315 28.50 33.21 40.50
N LYS B 316 28.40 34.51 40.82
CA LYS B 316 28.57 35.01 42.18
C LYS B 316 27.38 34.59 43.04
N LYS B 317 26.16 34.75 42.48
CA LYS B 317 24.92 34.40 43.16
C LYS B 317 24.87 32.90 43.43
N LEU B 318 25.72 32.13 42.72
CA LEU B 318 25.73 30.68 42.78
C LEU B 318 27.09 30.19 43.27
N LYS B 319 27.79 31.05 44.02
CA LYS B 319 29.14 30.74 44.51
C LYS B 319 29.11 29.45 45.32
N ASP B 320 28.03 29.25 46.08
CA ASP B 320 27.93 28.17 47.06
C ASP B 320 27.13 26.99 46.51
N VAL B 321 26.65 27.10 45.26
CA VAL B 321 26.06 25.94 44.60
C VAL B 321 27.18 25.14 43.95
N SER B 322 27.44 23.95 44.52
CA SER B 322 28.59 23.12 44.20
C SER B 322 28.66 22.79 42.70
N GLY B 323 27.49 22.66 42.08
CA GLY B 323 27.42 22.10 40.73
C GLY B 323 27.73 23.15 39.67
N VAL B 324 27.51 24.43 40.00
CA VAL B 324 27.78 25.51 39.07
C VAL B 324 29.25 25.91 39.19
N VAL B 325 29.88 26.11 38.03
CA VAL B 325 31.29 26.44 37.91
C VAL B 325 31.61 27.63 38.80
N ASN B 326 32.81 27.63 39.40
CA ASN B 326 33.19 28.65 40.37
C ASN B 326 34.01 29.74 39.72
N LEU B 327 33.68 30.97 40.13
CA LEU B 327 34.26 32.22 39.67
C LEU B 327 35.59 32.40 40.39
N ILE B 328 36.66 32.73 39.63
CA ILE B 328 37.95 33.00 40.26
C ILE B 328 38.12 34.52 40.45
N GLU B 329 38.21 35.26 39.33
CA GLU B 329 38.39 36.71 39.38
C GLU B 329 37.90 37.37 38.09
N TYR B 330 37.51 38.64 38.23
CA TYR B 330 36.98 39.46 37.14
C TYR B 330 37.67 40.82 37.15
N PHE B 331 38.27 41.19 36.01
CA PHE B 331 39.03 42.42 35.90
C PHE B 331 39.03 42.93 34.45
N GLN B 332 39.31 44.23 34.30
CA GLN B 332 39.58 44.84 33.00
C GLN B 332 41.08 44.93 32.76
N GLU B 333 41.53 44.55 31.57
CA GLU B 333 42.91 44.77 31.15
C GLU B 333 42.91 45.36 29.75
N TRP B 334 43.46 46.57 29.64
CA TRP B 334 43.28 47.43 28.48
C TRP B 334 41.79 47.72 28.33
N GLU B 335 41.19 47.33 27.20
CA GLU B 335 39.80 47.67 26.93
C GLU B 335 38.92 46.42 27.00
N HIS B 336 39.55 45.24 27.00
CA HIS B 336 38.85 43.97 27.11
C HIS B 336 38.60 43.65 28.59
N TYR B 337 37.57 42.84 28.83
CA TYR B 337 37.19 42.41 30.16
C TYR B 337 37.39 40.90 30.26
N PHE B 338 37.85 40.44 31.42
CA PHE B 338 38.30 39.06 31.59
C PHE B 338 37.63 38.45 32.82
N LEU B 339 36.88 37.37 32.59
CA LEU B 339 36.27 36.59 33.65
C LEU B 339 37.04 35.27 33.74
N VAL B 340 37.75 35.08 34.87
CA VAL B 340 38.53 33.88 35.12
C VAL B 340 37.69 32.89 35.93
N GLU B 341 37.86 31.61 35.62
CA GLU B 341 36.85 30.62 35.97
C GLU B 341 37.52 29.27 36.26
N GLU B 342 36.87 28.50 37.13
CA GLU B 342 37.26 27.12 37.38
C GLU B 342 37.32 26.37 36.05
N PHE B 343 38.44 25.67 35.81
CA PHE B 343 38.49 24.73 34.71
C PHE B 343 37.93 23.39 35.17
N ILE B 344 36.80 23.00 34.56
CA ILE B 344 36.12 21.76 34.91
C ILE B 344 36.61 20.67 33.98
N GLU B 345 37.08 19.57 34.57
CA GLU B 345 37.66 18.46 33.84
C GLU B 345 36.55 17.48 33.45
N GLY B 346 36.43 17.22 32.15
CA GLY B 346 35.44 16.27 31.66
C GLY B 346 34.87 16.64 30.30
N ARG B 347 33.59 16.28 30.10
CA ARG B 347 32.91 16.36 28.82
C ARG B 347 31.51 16.93 29.03
N ASP B 348 31.08 17.78 28.09
CA ASP B 348 29.69 18.19 28.03
C ASP B 348 28.86 16.98 27.60
N LEU B 349 27.53 17.05 27.84
CA LEU B 349 26.67 15.90 27.61
C LEU B 349 26.64 15.48 26.14
N ARG B 350 26.89 16.44 25.23
CA ARG B 350 26.98 16.12 23.80
C ARG B 350 28.13 15.13 23.58
N GLN B 351 29.31 15.45 24.13
CA GLN B 351 30.49 14.60 23.96
C GLN B 351 30.23 13.26 24.65
N TRP B 352 29.70 13.33 25.88
CA TRP B 352 29.42 12.13 26.66
C TRP B 352 28.50 11.20 25.88
N ILE B 353 27.43 11.77 25.30
CA ILE B 353 26.47 10.99 24.54
C ILE B 353 27.20 10.31 23.38
N ALA B 354 27.94 11.11 22.60
CA ALA B 354 28.54 10.64 21.36
C ALA B 354 29.48 9.47 21.64
N GLN B 355 30.16 9.54 22.80
CA GLN B 355 31.25 8.64 23.12
C GLN B 355 30.80 7.47 24.00
N GLU B 356 29.70 7.62 24.75
CA GLU B 356 29.36 6.62 25.76
C GLU B 356 28.02 5.95 25.47
N PHE B 357 27.10 6.63 24.79
CA PHE B 357 25.82 6.03 24.46
C PHE B 357 26.06 4.71 23.75
N PRO B 358 25.33 3.63 24.11
CA PRO B 358 25.57 2.33 23.47
C PRO B 358 24.89 2.26 22.09
N PHE B 359 25.49 2.92 21.11
CA PHE B 359 24.93 2.97 19.75
C PHE B 359 24.84 1.57 19.17
N PHE B 360 25.85 0.73 19.45
CA PHE B 360 25.96 -0.57 18.85
C PHE B 360 25.25 -1.63 19.70
N GLU B 361 24.33 -2.36 19.08
CA GLU B 361 23.54 -3.37 19.76
C GLU B 361 24.33 -4.67 19.77
N ASP B 362 24.99 -4.96 20.91
CA ASP B 362 25.92 -6.06 21.01
C ASP B 362 25.33 -7.24 21.79
N ASN B 363 24.02 -7.18 22.12
CA ASN B 363 23.38 -8.15 22.98
C ASN B 363 23.90 -8.05 24.42
N ASN B 364 22.96 -8.11 25.37
CA ASN B 364 23.24 -8.05 26.79
C ASN B 364 24.01 -6.77 27.10
N GLY B 365 23.31 -5.74 27.59
CA GLY B 365 24.00 -4.58 28.15
C GLY B 365 23.53 -3.22 27.61
N MET B 366 22.32 -2.80 28.00
CA MET B 366 22.02 -1.38 28.08
C MET B 366 21.72 -0.97 29.53
N SER B 367 21.99 -1.90 30.46
CA SER B 367 21.75 -1.69 31.88
C SER B 367 22.76 -0.71 32.48
N ASN B 368 24.00 -0.71 31.95
CA ASN B 368 25.01 0.23 32.41
C ASN B 368 24.61 1.67 32.03
N HIS B 369 24.08 1.83 30.81
CA HIS B 369 23.61 3.13 30.37
C HIS B 369 22.53 3.65 31.30
N ILE B 370 21.57 2.76 31.64
CA ILE B 370 20.48 3.07 32.55
C ILE B 370 21.04 3.65 33.85
N LYS B 371 22.12 3.02 34.36
CA LYS B 371 22.70 3.40 35.64
C LYS B 371 23.24 4.82 35.54
N ASP B 372 24.05 5.06 34.50
CA ASP B 372 24.73 6.33 34.36
C ASP B 372 23.72 7.45 34.15
N VAL B 373 22.68 7.19 33.34
CA VAL B 373 21.69 8.20 33.00
C VAL B 373 20.94 8.65 34.26
N LYS B 374 20.51 7.68 35.08
CA LYS B 374 19.75 7.97 36.29
C LYS B 374 20.58 8.84 37.24
N MET B 375 21.83 8.44 37.43
CA MET B 375 22.70 9.14 38.36
C MET B 375 22.99 10.58 37.89
N ILE B 376 23.12 10.77 36.57
CA ILE B 376 23.33 12.10 36.00
C ILE B 376 22.07 12.93 36.23
N LEU B 377 20.92 12.39 35.79
CA LEU B 377 19.70 13.16 35.75
C LEU B 377 19.25 13.55 37.16
N LEU B 378 19.39 12.63 38.12
CA LEU B 378 18.99 12.91 39.49
C LEU B 378 19.85 14.04 40.06
N GLN B 379 21.15 14.04 39.72
CA GLN B 379 22.03 15.15 40.05
C GLN B 379 21.54 16.43 39.40
N LEU B 380 21.11 16.35 38.13
CA LEU B 380 20.75 17.57 37.43
C LEU B 380 19.46 18.17 38.00
N LEU B 381 18.53 17.29 38.40
CA LEU B 381 17.30 17.74 39.03
C LEU B 381 17.61 18.54 40.30
N ASP B 382 18.51 18.00 41.13
CA ASP B 382 18.85 18.67 42.38
C ASP B 382 19.56 19.99 42.10
N LEU B 383 20.40 20.01 41.05
CA LEU B 383 21.15 21.19 40.67
C LEU B 383 20.22 22.33 40.25
N ILE B 384 19.19 22.01 39.46
CA ILE B 384 18.29 23.05 38.96
C ILE B 384 17.47 23.61 40.13
N ASP B 385 17.12 22.74 41.09
CA ASP B 385 16.40 23.18 42.29
C ASP B 385 17.26 24.17 43.09
N SER B 386 18.55 23.85 43.23
CA SER B 386 19.48 24.70 43.96
C SER B 386 19.66 26.06 43.29
N MET B 387 19.77 26.08 41.95
CA MET B 387 19.95 27.32 41.21
C MET B 387 18.72 28.20 41.39
N HIS B 388 17.53 27.59 41.25
CA HIS B 388 16.29 28.34 41.34
C HIS B 388 16.07 28.85 42.76
N ASN B 389 16.49 28.04 43.74
CA ASN B 389 16.40 28.37 45.15
C ASN B 389 17.17 29.66 45.42
N GLN B 390 18.14 29.98 44.54
CA GLN B 390 18.96 31.17 44.67
C GLN B 390 18.45 32.28 43.76
N GLY B 391 17.33 32.03 43.07
CA GLY B 391 16.60 33.06 42.35
C GLY B 391 17.15 33.32 40.95
N VAL B 392 17.85 32.32 40.38
CA VAL B 392 18.47 32.47 39.08
C VAL B 392 18.12 31.27 38.19
N ALA B 393 17.61 31.57 36.99
CA ALA B 393 17.44 30.56 35.96
C ALA B 393 18.63 30.62 35.02
N MET B 394 19.14 29.43 34.64
CA MET B 394 20.02 29.37 33.49
C MET B 394 19.16 29.25 32.23
N GLY B 395 19.26 30.22 31.33
CA GLY B 395 18.31 30.34 30.23
C GLY B 395 18.56 29.37 29.07
N ASP B 396 19.52 28.45 29.21
CA ASP B 396 19.86 27.54 28.14
C ASP B 396 20.17 26.14 28.68
N LEU B 397 19.14 25.51 29.27
CA LEU B 397 19.27 24.15 29.79
C LEU B 397 19.25 23.14 28.64
N GLN B 398 20.44 22.72 28.19
CA GLN B 398 20.61 21.81 27.06
C GLN B 398 21.99 21.18 27.12
N PRO B 399 22.21 20.04 26.41
CA PRO B 399 23.42 19.22 26.59
C PRO B 399 24.76 19.97 26.59
N ALA B 400 24.85 21.06 25.81
CA ALA B 400 26.13 21.72 25.61
C ALA B 400 26.65 22.31 26.92
N ASN B 401 25.72 22.70 27.80
CA ASN B 401 26.08 23.45 28.99
C ASN B 401 26.15 22.55 30.23
N ILE B 402 25.86 21.25 30.05
CA ILE B 402 25.95 20.30 31.14
C ILE B 402 27.18 19.45 30.92
N MET B 403 28.06 19.44 31.92
CA MET B 403 29.29 18.67 31.87
C MET B 403 29.24 17.51 32.86
N VAL B 404 30.02 16.48 32.55
CA VAL B 404 30.11 15.30 33.36
C VAL B 404 31.59 14.99 33.59
N THR B 405 31.99 14.84 34.86
CA THR B 405 33.36 14.49 35.20
C THR B 405 33.60 13.01 34.93
N GLU B 406 34.81 12.52 35.26
CA GLU B 406 35.18 11.14 34.98
C GLU B 406 34.44 10.19 35.91
N ASP B 407 33.99 10.69 37.06
CA ASP B 407 33.17 9.90 37.97
C ASP B 407 31.69 10.24 37.81
N LEU B 408 31.39 11.01 36.75
CA LEU B 408 30.03 11.36 36.34
C LEU B 408 29.39 12.34 37.32
N THR B 409 30.23 13.18 37.94
CA THR B 409 29.70 14.36 38.62
C THR B 409 29.25 15.36 37.56
N VAL B 410 28.12 16.02 37.84
CA VAL B 410 27.45 16.91 36.92
C VAL B 410 27.81 18.35 37.28
N ARG B 411 28.30 19.11 36.29
CA ARG B 411 28.55 20.53 36.45
C ARG B 411 27.87 21.30 35.31
N ILE B 412 27.54 22.57 35.59
CA ILE B 412 26.93 23.45 34.61
C ILE B 412 27.87 24.63 34.35
N ILE B 413 28.12 24.91 33.07
CA ILE B 413 28.93 26.04 32.66
C ILE B 413 28.07 27.01 31.84
N ASP B 414 28.64 28.18 31.54
CA ASP B 414 28.13 29.15 30.58
C ASP B 414 26.82 29.78 31.06
N PHE B 415 26.93 30.87 31.84
CA PHE B 415 25.77 31.51 32.42
C PHE B 415 25.48 32.86 31.75
N GLU B 416 25.75 32.95 30.45
CA GLU B 416 25.50 34.17 29.70
C GLU B 416 23.99 34.33 29.48
N THR B 417 23.25 33.23 29.59
CA THR B 417 21.82 33.19 29.28
C THR B 417 21.01 33.28 30.57
N ALA B 418 21.69 33.52 31.69
CA ALA B 418 21.02 33.55 32.97
C ALA B 418 20.04 34.72 33.03
N MET B 419 18.86 34.45 33.58
CA MET B 419 17.89 35.48 33.92
C MET B 419 17.44 35.21 35.36
N PRO B 420 16.87 36.20 36.07
CA PRO B 420 16.18 35.92 37.34
C PRO B 420 15.01 34.97 37.04
N VAL B 421 14.81 33.95 37.88
CA VAL B 421 13.59 33.13 37.77
C VAL B 421 12.40 34.07 37.88
N ASN B 422 11.33 33.77 37.14
CA ASN B 422 10.13 34.58 37.16
C ASN B 422 10.13 35.63 36.05
N SER B 423 11.30 35.85 35.42
CA SER B 423 11.39 36.79 34.32
C SER B 423 10.70 36.25 33.06
N ASP B 424 9.90 37.11 32.42
CA ASP B 424 9.21 36.76 31.19
C ASP B 424 9.83 37.47 29.99
N ASP B 425 11.12 37.79 30.06
CA ASP B 425 11.78 38.45 28.95
C ASP B 425 11.99 37.44 27.83
N ARG B 426 11.92 37.91 26.58
CA ARG B 426 12.32 37.10 25.44
C ARG B 426 13.80 36.76 25.59
N PRO B 427 14.18 35.48 25.55
CA PRO B 427 15.61 35.13 25.49
C PRO B 427 16.21 35.48 24.13
N ALA B 428 17.47 35.95 24.15
CA ALA B 428 18.20 36.28 22.94
C ALA B 428 18.37 35.05 22.07
N MET B 429 18.58 33.88 22.69
CA MET B 429 18.79 32.66 21.92
C MET B 429 17.91 31.52 22.44
N LEU B 430 17.47 30.65 21.51
CA LEU B 430 16.72 29.45 21.85
C LEU B 430 17.43 28.25 21.23
N THR B 431 17.69 27.23 22.05
CA THR B 431 18.21 25.98 21.53
C THR B 431 17.03 25.14 21.07
N THR B 432 16.75 25.19 19.77
CA THR B 432 15.72 24.37 19.18
C THR B 432 16.02 22.94 19.61
N GLY B 433 14.97 22.23 20.02
CA GLY B 433 15.18 20.85 20.40
C GLY B 433 15.03 20.67 21.90
N PHE B 434 15.15 21.77 22.65
CA PHE B 434 15.04 21.77 24.11
C PHE B 434 14.20 22.96 24.57
N VAL B 435 13.37 23.50 23.66
CA VAL B 435 12.54 24.66 23.95
C VAL B 435 11.11 24.43 23.46
N SER B 436 10.20 25.24 23.99
CA SER B 436 8.83 25.35 23.52
C SER B 436 8.42 26.81 23.67
N HIS B 437 7.75 27.32 22.64
CA HIS B 437 7.25 28.69 22.65
C HIS B 437 6.15 28.84 23.70
N GLU B 438 5.68 27.72 24.25
CA GLU B 438 4.65 27.73 25.29
C GLU B 438 5.25 28.14 26.63
N MET B 439 6.58 28.00 26.77
CA MET B 439 7.26 28.37 28.00
C MET B 439 7.53 29.88 27.97
N LYS B 440 7.07 30.57 29.02
CA LYS B 440 7.09 32.03 29.03
C LYS B 440 7.92 32.57 30.19
N VAL B 441 8.14 31.76 31.23
CA VAL B 441 8.93 32.19 32.37
C VAL B 441 10.28 31.47 32.33
N SER B 442 11.35 32.21 32.68
CA SER B 442 12.71 31.70 32.55
C SER B 442 12.88 30.42 33.37
N GLY B 443 12.35 30.44 34.60
CA GLY B 443 12.35 29.26 35.46
C GLY B 443 11.75 28.05 34.76
N ALA B 444 10.64 28.29 34.04
CA ALA B 444 9.92 27.25 33.33
C ALA B 444 10.72 26.73 32.14
N ARG B 445 11.48 27.63 31.50
CA ARG B 445 12.31 27.28 30.36
C ARG B 445 13.37 26.25 30.77
N ASP B 446 13.98 26.45 31.94
CA ASP B 446 14.96 25.50 32.47
C ASP B 446 14.34 24.12 32.66
N TRP B 447 13.13 24.06 33.23
CA TRP B 447 12.48 22.79 33.51
C TRP B 447 12.09 22.08 32.22
N PHE B 448 11.68 22.86 31.22
CA PHE B 448 11.29 22.27 29.94
C PHE B 448 12.51 21.65 29.27
N GLY B 449 13.63 22.38 29.30
CA GLY B 449 14.86 21.92 28.67
C GLY B 449 15.34 20.62 29.32
N PHE B 450 15.31 20.62 30.67
CA PHE B 450 15.62 19.44 31.46
C PHE B 450 14.65 18.32 31.11
N LYS B 451 13.36 18.62 31.08
CA LYS B 451 12.37 17.63 30.70
C LYS B 451 12.77 16.94 29.40
N ARG B 452 13.09 17.75 28.38
CA ARG B 452 13.44 17.22 27.07
C ARG B 452 14.78 16.49 27.14
N LEU B 453 15.67 17.00 28.00
CA LEU B 453 16.99 16.42 28.20
C LEU B 453 16.88 15.03 28.84
N VAL B 454 15.91 14.86 29.74
CA VAL B 454 15.66 13.58 30.41
C VAL B 454 15.46 12.46 29.38
N ARG B 455 14.55 12.68 28.41
CA ARG B 455 14.29 11.67 27.41
C ARG B 455 15.46 11.56 26.43
N TYR B 456 16.18 12.67 26.26
CA TYR B 456 17.26 12.73 25.28
C TYR B 456 18.39 11.77 25.62
N LEU B 457 18.77 11.71 26.91
CA LEU B 457 19.87 10.85 27.32
C LEU B 457 19.54 9.37 27.07
N ALA B 458 18.24 9.07 27.07
CA ALA B 458 17.76 7.72 26.81
C ALA B 458 17.68 7.46 25.30
N LEU B 459 17.27 8.48 24.54
CA LEU B 459 17.25 8.38 23.09
C LEU B 459 17.75 9.68 22.48
N PRO B 460 19.07 9.81 22.18
CA PRO B 460 19.64 11.09 21.75
C PRO B 460 19.27 11.41 20.29
N VAL B 461 17.98 11.68 20.08
CA VAL B 461 17.45 12.06 18.78
C VAL B 461 16.73 13.40 18.94
N LEU B 462 17.19 14.40 18.18
CA LEU B 462 16.66 15.76 18.26
C LEU B 462 15.25 15.78 17.66
N THR B 463 14.43 16.68 18.18
CA THR B 463 13.15 17.02 17.59
C THR B 463 12.85 18.48 17.90
N SER B 464 11.96 19.09 17.10
CA SER B 464 11.47 20.41 17.47
C SER B 464 10.12 20.30 18.19
N GLU B 465 9.67 21.40 18.78
CA GLU B 465 8.32 21.50 19.32
C GLU B 465 7.30 21.20 18.23
N ASP B 466 7.63 21.48 16.96
CA ASP B 466 6.67 21.31 15.89
C ASP B 466 6.36 19.84 15.61
N LEU B 467 7.34 18.95 15.85
CA LEU B 467 7.14 17.54 15.55
C LEU B 467 7.06 16.70 16.82
N GLU B 468 7.35 17.33 17.98
CA GLU B 468 7.36 16.67 19.26
C GLU B 468 5.99 16.05 19.54
N GLY B 469 4.92 16.74 19.13
CA GLY B 469 3.58 16.20 19.25
C GLY B 469 3.50 14.77 18.74
N TYR B 470 4.19 14.50 17.62
CA TYR B 470 4.20 13.18 17.03
C TYR B 470 5.26 12.31 17.69
N LEU B 471 6.51 12.79 17.74
CA LEU B 471 7.67 11.93 17.92
C LEU B 471 7.88 11.54 19.40
N GLN B 472 7.20 12.26 20.29
CA GLN B 472 6.95 11.88 21.67
C GLN B 472 6.61 10.39 21.75
N TYR B 473 5.64 9.97 20.94
CA TYR B 473 5.13 8.61 20.92
C TYR B 473 6.23 7.67 20.41
N ASN B 474 6.88 8.04 19.32
CA ASN B 474 7.92 7.19 18.72
C ASN B 474 9.04 6.96 19.73
N HIS B 475 9.41 8.01 20.46
CA HIS B 475 10.59 7.98 21.29
C HIS B 475 10.32 7.19 22.56
N LEU B 476 9.21 7.51 23.24
CA LEU B 476 8.84 6.80 24.45
C LEU B 476 8.62 5.33 24.13
N ASN B 477 7.89 5.03 23.05
CA ASN B 477 7.69 3.65 22.66
C ASN B 477 9.03 2.95 22.44
N TRP B 478 10.02 3.67 21.89
CA TRP B 478 11.30 3.05 21.61
C TRP B 478 12.01 2.76 22.93
N ILE B 479 11.93 3.71 23.85
CA ILE B 479 12.62 3.60 25.12
C ILE B 479 12.05 2.41 25.89
N LYS B 480 10.72 2.29 25.89
CA LYS B 480 10.02 1.24 26.61
C LYS B 480 10.39 -0.13 26.04
N GLU B 481 10.37 -0.27 24.71
CA GLU B 481 10.60 -1.57 24.09
C GLU B 481 12.05 -2.01 24.27
N ASN B 482 12.95 -1.06 24.54
CA ASN B 482 14.38 -1.31 24.40
C ASN B 482 15.08 -1.30 25.74
N TYR B 483 14.58 -0.54 26.71
CA TYR B 483 15.16 -0.53 28.04
C TYR B 483 14.30 -1.33 29.00
N GLY B 484 13.01 -1.45 28.70
CA GLY B 484 12.07 -2.11 29.59
C GLY B 484 11.22 -1.09 30.34
N TYR B 485 10.11 -1.56 30.91
CA TYR B 485 9.10 -0.72 31.54
C TYR B 485 9.71 0.09 32.70
N GLU B 486 10.68 -0.48 33.41
CA GLU B 486 11.20 0.13 34.62
C GLU B 486 11.85 1.47 34.26
N PHE B 487 12.81 1.42 33.34
CA PHE B 487 13.52 2.62 32.93
C PHE B 487 12.56 3.60 32.27
N TYR B 488 11.61 3.06 31.49
CA TYR B 488 10.61 3.88 30.83
C TYR B 488 9.84 4.70 31.87
N SER B 489 9.46 4.04 32.96
CA SER B 489 8.64 4.70 33.97
C SER B 489 9.50 5.68 34.77
N PHE B 490 10.79 5.39 34.91
CA PHE B 490 11.69 6.38 35.51
C PHE B 490 11.62 7.68 34.71
N ILE B 491 11.65 7.56 33.37
CA ILE B 491 11.70 8.69 32.47
C ILE B 491 10.40 9.47 32.58
N VAL B 492 9.25 8.76 32.48
CA VAL B 492 7.92 9.37 32.54
C VAL B 492 7.74 10.12 33.88
N ASP B 493 8.15 9.47 34.97
CA ASP B 493 7.93 10.03 36.31
C ASP B 493 8.70 11.34 36.41
N LEU B 494 9.97 11.32 35.97
CA LEU B 494 10.85 12.46 36.11
C LEU B 494 10.35 13.61 35.22
N GLN B 495 9.88 13.25 34.02
CA GLN B 495 9.28 14.24 33.14
C GLN B 495 8.06 14.88 33.79
N GLU B 496 7.34 14.08 34.60
CA GLU B 496 6.14 14.55 35.26
C GLU B 496 6.51 15.54 36.37
N LYS B 497 7.62 15.27 37.06
CA LYS B 497 8.12 16.18 38.08
C LYS B 497 8.45 17.53 37.43
N CYS B 498 9.04 17.47 36.22
CA CYS B 498 9.34 18.66 35.44
C CYS B 498 8.06 19.44 35.14
N ASP B 499 7.02 18.76 34.68
CA ASP B 499 5.71 19.35 34.47
C ASP B 499 5.24 20.07 35.74
N LYS B 500 5.40 19.41 36.89
CA LYS B 500 4.95 19.98 38.15
C LYS B 500 5.73 21.26 38.39
N ARG B 501 7.05 21.19 38.17
CA ARG B 501 7.95 22.32 38.40
C ARG B 501 7.57 23.50 37.52
N ILE B 502 7.16 23.24 36.27
CA ILE B 502 6.77 24.29 35.35
C ILE B 502 5.51 24.99 35.87
N LYS B 503 4.58 24.17 36.39
CA LYS B 503 3.26 24.64 36.79
C LYS B 503 3.38 25.66 37.92
N ASP B 504 4.48 25.61 38.67
CA ASP B 504 4.75 26.54 39.76
C ASP B 504 5.07 27.94 39.21
N TYR B 505 5.52 28.02 37.95
CA TYR B 505 5.97 29.28 37.38
C TYR B 505 4.90 29.92 36.50
N GLN B 506 4.06 29.08 35.89
CA GLN B 506 3.10 29.54 34.91
C GLN B 506 2.03 28.47 34.72
N THR B 507 0.94 28.85 34.06
CA THR B 507 -0.09 27.94 33.64
C THR B 507 0.45 27.07 32.49
N PHE B 508 0.39 25.75 32.66
CA PHE B 508 0.83 24.80 31.67
C PHE B 508 0.19 23.45 31.96
N ILE B 509 -0.50 22.88 30.96
CA ILE B 509 -1.11 21.56 31.13
C ILE B 509 -0.91 20.74 29.84
N PRO B 510 0.00 19.74 29.83
CA PRO B 510 0.37 19.03 28.60
C PRO B 510 -0.67 18.00 28.17
N LYS B 511 -0.69 17.68 26.87
CA LYS B 511 -1.46 16.55 26.38
C LYS B 511 -0.92 15.29 27.07
N GLU B 512 -1.77 14.68 27.92
CA GLU B 512 -1.46 13.35 28.41
C GLU B 512 -1.60 12.41 27.22
N ILE B 513 -0.61 11.54 27.05
CA ILE B 513 -0.58 10.68 25.87
C ILE B 513 -0.83 9.25 26.31
N ASN B 514 -1.51 8.49 25.44
CA ASN B 514 -1.62 7.06 25.56
C ASN B 514 -0.73 6.44 24.48
N LEU B 515 0.31 5.72 24.90
CA LEU B 515 1.33 5.19 24.00
C LEU B 515 0.80 4.02 23.17
N ASN B 516 -0.39 3.50 23.51
CA ASN B 516 -1.01 2.45 22.74
C ASN B 516 -1.57 3.01 21.43
N ASP B 517 -1.69 4.34 21.37
CA ASP B 517 -2.18 5.02 20.18
C ASP B 517 -1.20 4.89 19.00
N GLN B 518 0.07 4.60 19.28
CA GLN B 518 1.12 4.60 18.27
C GLN B 518 1.69 3.19 18.16
N THR B 519 1.78 2.67 16.92
CA THR B 519 2.37 1.37 16.71
C THR B 519 3.45 1.45 15.63
N SER B 520 4.59 0.84 15.92
CA SER B 520 5.67 0.75 14.95
C SER B 520 5.23 -0.19 13.83
N ASP B 521 5.81 -0.01 12.64
CA ASP B 521 5.38 -0.74 11.45
C ASP B 521 6.62 -1.45 10.92
N PHE B 522 6.46 -2.73 10.55
CA PHE B 522 7.55 -3.56 10.08
C PHE B 522 7.13 -4.22 8.77
N ASN B 523 5.97 -3.81 8.26
CA ASN B 523 5.53 -4.32 6.97
C ASN B 523 5.91 -3.34 5.86
N LEU B 524 6.81 -3.77 4.97
CA LEU B 524 7.34 -2.93 3.91
C LEU B 524 6.22 -2.32 3.07
N THR B 525 5.29 -3.16 2.58
CA THR B 525 4.23 -2.68 1.70
C THR B 525 3.39 -1.65 2.45
N SER B 526 3.12 -1.92 3.74
CA SER B 526 2.34 -1.02 4.56
C SER B 526 3.02 0.34 4.65
N ILE B 527 4.34 0.32 4.87
CA ILE B 527 5.08 1.56 5.06
C ILE B 527 5.09 2.37 3.76
N ILE B 528 5.36 1.67 2.65
CA ILE B 528 5.42 2.28 1.35
C ILE B 528 4.08 2.90 0.99
N ASN B 529 2.99 2.12 1.15
CA ASN B 529 1.64 2.54 0.81
C ASN B 529 1.25 3.78 1.63
N LYS B 530 1.60 3.79 2.91
CA LYS B 530 1.12 4.83 3.79
C LYS B 530 1.94 6.11 3.63
N LEU B 531 3.26 5.97 3.34
CA LEU B 531 4.07 7.13 2.98
C LEU B 531 3.58 7.74 1.66
N ILE B 532 3.14 6.88 0.73
CA ILE B 532 2.65 7.35 -0.56
C ILE B 532 1.38 8.20 -0.39
N ILE B 533 0.45 7.70 0.44
CA ILE B 533 -0.78 8.41 0.76
C ILE B 533 -0.42 9.70 1.49
N GLY B 534 0.62 9.66 2.33
CA GLY B 534 1.13 10.87 2.96
C GLY B 534 1.45 11.95 1.93
N VAL B 535 2.25 11.58 0.91
CA VAL B 535 2.69 12.51 -0.10
C VAL B 535 1.49 13.00 -0.90
N GLU B 536 0.61 12.08 -1.28
CA GLU B 536 -0.62 12.41 -2.01
C GLU B 536 -1.46 13.45 -1.26
N SER B 537 -1.33 13.48 0.07
CA SER B 537 -2.15 14.33 0.90
C SER B 537 -1.36 15.58 1.28
N SER B 538 -0.12 15.72 0.79
CA SER B 538 0.71 16.82 1.23
C SER B 538 1.25 17.61 0.06
N LEU B 539 0.70 17.38 -1.14
CA LEU B 539 1.15 18.11 -2.31
C LEU B 539 0.98 19.61 -2.04
N THR B 540 1.90 20.46 -2.52
CA THR B 540 1.83 21.87 -2.17
C THR B 540 0.95 22.68 -3.11
N ASN B 541 0.70 22.14 -4.32
CA ASN B 541 0.00 22.88 -5.35
C ASN B 541 0.73 24.18 -5.70
N ASP B 542 2.08 24.16 -5.59
CA ASP B 542 2.92 25.27 -6.01
C ASP B 542 4.06 24.69 -6.87
N GLU B 543 5.05 25.53 -7.20
CA GLU B 543 6.06 25.17 -8.18
C GLU B 543 7.01 24.10 -7.64
N ARG B 544 7.08 23.92 -6.31
CA ARG B 544 7.98 22.95 -5.72
C ARG B 544 7.39 21.54 -5.75
N PHE B 545 6.06 21.44 -5.91
CA PHE B 545 5.29 20.20 -5.94
C PHE B 545 5.14 19.61 -4.54
N ILE B 546 6.23 19.63 -3.74
CA ILE B 546 6.25 19.08 -2.40
C ILE B 546 7.13 19.97 -1.53
N ASN B 547 6.90 19.93 -0.22
CA ASN B 547 7.77 20.56 0.76
C ASN B 547 8.99 19.65 0.94
N GLY B 548 10.15 20.27 1.20
CA GLY B 548 11.39 19.51 1.20
C GLY B 548 12.38 20.16 2.14
N ASP B 549 13.65 19.85 1.93
CA ASP B 549 14.74 20.42 2.70
C ASP B 549 14.81 21.92 2.38
N ILE B 550 15.43 22.68 3.29
CA ILE B 550 15.75 24.08 3.11
C ILE B 550 16.50 24.34 1.80
N ARG B 551 17.17 23.31 1.26
CA ARG B 551 17.93 23.47 0.02
C ARG B 551 17.00 23.70 -1.16
N GLN B 552 15.70 23.43 -1.01
CA GLN B 552 14.75 23.83 -2.05
C GLN B 552 14.93 25.33 -2.28
N PHE B 553 15.25 26.07 -1.21
CA PHE B 553 15.30 27.52 -1.28
C PHE B 553 16.74 28.03 -1.35
N GLU B 554 17.67 27.27 -0.75
CA GLU B 554 19.03 27.76 -0.58
C GLU B 554 19.90 27.43 -1.78
N MET B 555 19.41 26.66 -2.75
CA MET B 555 20.29 26.21 -3.82
C MET B 555 19.57 26.21 -5.16
N ASN B 556 20.34 26.42 -6.24
CA ASN B 556 19.77 26.58 -7.57
C ASN B 556 19.21 25.23 -7.97
N GLY B 557 18.09 25.26 -8.71
CA GLY B 557 17.39 24.05 -9.15
C GLY B 557 16.65 23.33 -8.01
N GLY B 558 16.88 23.75 -6.77
CA GLY B 558 16.39 23.10 -5.56
C GLY B 558 14.88 22.86 -5.53
N LYS B 559 14.12 23.68 -6.27
CA LYS B 559 12.68 23.55 -6.26
C LYS B 559 12.25 22.46 -7.25
N PHE B 560 13.13 22.14 -8.19
CA PHE B 560 12.70 21.30 -9.32
C PHE B 560 13.49 20.01 -9.41
N ASN B 561 14.70 19.93 -8.82
CA ASN B 561 15.61 18.81 -9.12
C ASN B 561 15.19 17.57 -8.33
N PHE B 562 15.94 16.48 -8.56
CA PHE B 562 15.67 15.20 -7.91
C PHE B 562 15.98 15.27 -6.42
N LEU B 563 17.05 15.98 -6.07
CA LEU B 563 17.54 15.93 -4.70
C LEU B 563 16.50 16.48 -3.72
N THR B 564 16.10 17.74 -3.91
CA THR B 564 15.18 18.36 -2.97
C THR B 564 13.90 18.83 -3.67
N GLY B 565 13.88 18.75 -5.00
CA GLY B 565 12.81 19.41 -5.72
C GLY B 565 11.66 18.46 -6.05
N GLY B 566 10.69 18.97 -6.81
CA GLY B 566 9.48 18.22 -7.13
C GLY B 566 9.73 16.97 -7.97
N SER B 567 10.81 16.95 -8.75
CA SER B 567 11.10 15.80 -9.61
C SER B 567 11.31 14.53 -8.78
N GLY B 568 11.87 14.66 -7.57
CA GLY B 568 12.05 13.51 -6.70
C GLY B 568 10.74 12.82 -6.33
N ALA B 569 9.75 13.61 -5.89
CA ALA B 569 8.47 13.07 -5.50
C ALA B 569 7.71 12.59 -6.72
N ALA B 570 7.73 13.38 -7.81
CA ALA B 570 7.00 12.99 -9.01
C ALA B 570 7.53 11.65 -9.51
N PHE B 571 8.86 11.50 -9.45
CA PHE B 571 9.50 10.24 -9.81
C PHE B 571 8.99 9.09 -8.90
N THR B 572 9.04 9.33 -7.59
CA THR B 572 8.67 8.31 -6.61
C THR B 572 7.18 7.96 -6.72
N LEU B 573 6.33 8.96 -6.93
CA LEU B 573 4.92 8.70 -7.09
C LEU B 573 4.69 7.91 -8.37
N THR B 574 5.45 8.22 -9.43
CA THR B 574 5.34 7.46 -10.67
C THR B 574 5.66 5.98 -10.43
N LYS B 575 6.75 5.71 -9.71
CA LYS B 575 7.13 4.34 -9.43
C LYS B 575 5.98 3.59 -8.76
N ASN B 576 5.10 4.30 -8.03
CA ASN B 576 4.02 3.65 -7.31
C ASN B 576 2.67 3.87 -7.99
N LYS B 577 2.70 4.23 -9.27
CA LYS B 577 1.49 4.43 -10.06
C LYS B 577 0.52 5.34 -9.30
N SER B 578 1.04 6.38 -8.65
CA SER B 578 0.23 7.27 -7.84
C SER B 578 0.20 8.66 -8.46
N SER B 579 -0.94 9.36 -8.29
CA SER B 579 -1.09 10.78 -8.60
C SER B 579 -0.72 11.10 -10.05
N ILE B 580 -1.10 10.26 -11.02
CA ILE B 580 -0.64 10.49 -12.39
C ILE B 580 -1.05 11.88 -12.89
N ALA B 581 -2.30 12.27 -12.64
CA ALA B 581 -2.78 13.54 -13.17
C ALA B 581 -2.08 14.71 -12.49
N GLU B 582 -1.73 14.57 -11.21
CA GLU B 582 -1.04 15.64 -10.49
C GLU B 582 0.39 15.80 -11.02
N VAL B 583 1.02 14.66 -11.32
CA VAL B 583 2.39 14.67 -11.82
C VAL B 583 2.37 15.30 -13.21
N ASP B 584 1.42 14.88 -14.05
CA ASP B 584 1.33 15.35 -15.43
C ASP B 584 1.17 16.87 -15.45
N LYS B 585 0.37 17.40 -14.51
CA LYS B 585 0.08 18.82 -14.47
C LYS B 585 1.31 19.59 -14.03
N TRP B 586 1.99 19.08 -13.00
CA TRP B 586 3.17 19.78 -12.53
C TRP B 586 4.24 19.84 -13.63
N ILE B 587 4.38 18.75 -14.40
CA ILE B 587 5.40 18.69 -15.42
C ILE B 587 5.05 19.71 -16.51
N GLN B 588 3.82 19.60 -17.06
CA GLN B 588 3.37 20.40 -18.20
C GLN B 588 3.39 21.89 -17.87
N SER B 589 3.04 22.27 -16.64
CA SER B 589 2.75 23.66 -16.33
C SER B 589 3.85 24.32 -15.48
N VAL B 590 4.76 23.53 -14.89
CA VAL B 590 5.82 24.12 -14.08
C VAL B 590 7.21 23.65 -14.58
N LEU B 591 7.40 22.34 -14.65
CA LEU B 591 8.74 21.81 -14.83
C LEU B 591 9.26 22.18 -16.21
N LEU B 592 8.49 21.91 -17.28
CA LEU B 592 8.97 22.12 -18.64
C LEU B 592 9.42 23.57 -18.85
N ASP B 593 8.63 24.54 -18.35
CA ASP B 593 9.01 25.94 -18.54
C ASP B 593 10.24 26.29 -17.70
N ASN B 594 10.61 25.43 -16.75
CA ASN B 594 11.76 25.78 -15.92
C ASN B 594 13.07 25.17 -16.43
N LEU B 595 12.99 24.23 -17.37
CA LEU B 595 14.19 23.60 -17.91
C LEU B 595 15.22 24.63 -18.38
N PRO B 596 14.89 25.58 -19.29
CA PRO B 596 15.88 26.54 -19.81
C PRO B 596 16.60 27.36 -18.74
N LEU B 597 16.04 27.40 -17.53
CA LEU B 597 16.60 28.23 -16.46
C LEU B 597 17.45 27.41 -15.50
N ILE B 598 17.44 26.08 -15.64
CA ILE B 598 18.27 25.23 -14.78
C ILE B 598 19.56 24.96 -15.54
N GLU B 599 20.63 25.68 -15.15
CA GLU B 599 21.88 25.63 -15.90
C GLU B 599 22.69 24.40 -15.54
N GLU B 600 22.53 23.89 -14.31
CA GLU B 600 23.26 22.71 -13.83
C GLU B 600 22.71 21.44 -14.47
N ASP B 601 23.62 20.53 -14.86
CA ASP B 601 23.23 19.29 -15.51
C ASP B 601 23.27 18.09 -14.57
N GLY B 602 23.78 18.29 -13.35
CA GLY B 602 23.97 17.23 -12.37
C GLY B 602 22.76 16.32 -12.20
N LEU B 603 23.04 15.03 -11.95
CA LEU B 603 22.05 13.98 -11.73
C LEU B 603 21.07 14.33 -10.61
N PHE B 604 21.59 14.71 -9.43
CA PHE B 604 20.75 15.03 -8.31
C PHE B 604 20.37 16.51 -8.27
N THR B 605 21.26 17.38 -8.76
CA THR B 605 21.11 18.81 -8.51
C THR B 605 20.61 19.53 -9.75
N GLY B 606 20.62 18.87 -10.92
CA GLY B 606 20.41 19.58 -12.17
C GLY B 606 19.55 18.79 -13.14
N LYS B 607 19.76 19.01 -14.44
CA LYS B 607 18.81 18.58 -15.47
C LYS B 607 18.73 17.07 -15.62
N THR B 608 19.86 16.32 -15.47
CA THR B 608 19.83 14.91 -15.89
C THR B 608 18.83 14.09 -15.08
N GLY B 609 18.81 14.28 -13.75
CA GLY B 609 17.85 13.63 -12.89
C GLY B 609 16.41 13.90 -13.34
N ILE B 610 16.14 15.15 -13.73
CA ILE B 610 14.84 15.58 -14.25
C ILE B 610 14.52 14.87 -15.56
N LEU B 611 15.50 14.73 -16.45
CA LEU B 611 15.35 14.04 -17.75
C LEU B 611 14.95 12.58 -17.57
N ALA B 612 15.45 11.92 -16.52
CA ALA B 612 15.07 10.54 -16.28
C ALA B 612 13.58 10.48 -16.00
N LEU B 613 13.09 11.35 -15.10
CA LEU B 613 11.66 11.46 -14.89
C LEU B 613 10.94 11.74 -16.21
N LEU B 614 11.49 12.66 -17.02
CA LEU B 614 10.81 13.07 -18.24
C LEU B 614 10.76 11.90 -19.23
N TYR B 615 11.86 11.15 -19.35
CA TYR B 615 11.86 10.05 -20.30
C TYR B 615 10.76 9.03 -19.95
N ASP B 616 10.73 8.62 -18.67
CA ASP B 616 9.78 7.63 -18.18
C ASP B 616 8.36 8.12 -18.41
N LYS B 617 8.16 9.43 -18.27
CA LYS B 617 6.83 10.00 -18.42
C LYS B 617 6.45 10.17 -19.89
N GLY B 618 7.36 9.83 -20.83
CA GLY B 618 7.03 9.85 -22.26
C GLY B 618 7.38 11.14 -23.01
N TYR B 619 8.09 12.08 -22.36
CA TYR B 619 8.53 13.30 -23.01
C TYR B 619 9.82 13.02 -23.77
N LYS B 620 9.76 12.09 -24.72
CA LYS B 620 10.92 11.57 -25.44
C LYS B 620 11.63 12.68 -26.21
N GLU B 621 10.85 13.42 -27.00
CA GLU B 621 11.38 14.50 -27.84
C GLU B 621 12.14 15.51 -26.97
N VAL B 622 11.56 15.93 -25.83
CA VAL B 622 12.24 16.88 -24.95
C VAL B 622 13.61 16.33 -24.53
N VAL B 623 13.66 15.05 -24.18
CA VAL B 623 14.89 14.45 -23.65
C VAL B 623 15.94 14.33 -24.75
N LEU B 624 15.51 13.85 -25.93
CA LEU B 624 16.41 13.61 -27.06
C LEU B 624 17.10 14.91 -27.47
N ASN B 625 16.36 16.04 -27.38
CA ASN B 625 16.88 17.34 -27.75
C ASN B 625 17.88 17.83 -26.74
N GLU B 626 17.61 17.62 -25.44
CA GLU B 626 18.54 18.06 -24.40
C GLU B 626 19.86 17.28 -24.51
N LEU B 627 19.80 16.04 -25.04
CA LEU B 627 20.98 15.17 -25.12
C LEU B 627 21.97 15.70 -26.15
N LYS B 628 21.45 16.34 -27.20
CA LYS B 628 22.29 16.88 -28.28
C LYS B 628 23.13 18.03 -27.73
N ILE B 629 22.58 18.75 -26.75
CA ILE B 629 23.17 19.95 -26.19
C ILE B 629 23.97 19.54 -24.95
N LEU B 630 23.80 18.29 -24.50
CA LEU B 630 24.34 17.90 -23.20
C LEU B 630 25.86 18.11 -23.14
N LYS B 631 26.59 17.54 -24.10
CA LYS B 631 28.04 17.65 -24.02
C LYS B 631 28.54 19.10 -24.21
N ASP B 632 27.73 19.90 -24.92
CA ASP B 632 28.09 21.18 -25.49
C ASP B 632 29.15 21.91 -24.66
N ASN B 633 28.81 22.32 -23.44
CA ASN B 633 29.68 23.22 -22.71
C ASN B 633 29.87 22.66 -21.28
N ILE B 634 29.78 21.33 -21.17
CA ILE B 634 29.52 20.67 -19.90
C ILE B 634 30.60 21.08 -18.90
N ASN B 635 30.21 21.14 -17.61
CA ASN B 635 31.20 21.27 -16.55
C ASN B 635 32.13 20.03 -16.50
N GLN B 636 33.41 20.26 -16.19
CA GLN B 636 34.44 19.22 -16.16
C GLN B 636 35.24 19.29 -14.86
N THR B 637 34.88 20.21 -13.94
CA THR B 637 35.59 20.33 -12.67
C THR B 637 34.98 19.40 -11.62
N ASP B 638 33.78 18.86 -11.91
CA ASP B 638 33.00 18.08 -10.97
C ASP B 638 32.74 16.70 -11.57
N ILE B 639 33.14 15.66 -10.83
CA ILE B 639 33.04 14.29 -11.33
C ILE B 639 32.04 13.47 -10.50
N SER B 640 31.47 14.08 -9.46
CA SER B 640 30.66 13.43 -8.44
C SER B 640 29.37 12.84 -9.02
N ILE B 641 28.76 11.93 -8.25
CA ILE B 641 27.47 11.38 -8.62
C ILE B 641 26.42 12.48 -8.41
N ARG B 642 26.57 13.27 -7.34
CA ARG B 642 25.62 14.31 -6.98
C ARG B 642 25.41 15.25 -8.16
N SER B 643 26.50 15.84 -8.65
CA SER B 643 26.37 17.04 -9.47
C SER B 643 27.33 17.02 -10.66
N GLY B 644 28.17 15.98 -10.73
CA GLY B 644 29.26 15.97 -11.70
C GLY B 644 29.09 14.95 -12.81
N LEU B 645 30.21 14.65 -13.48
CA LEU B 645 30.26 13.89 -14.72
C LEU B 645 29.85 12.44 -14.52
N SER B 646 30.21 11.82 -13.40
CA SER B 646 29.87 10.41 -13.25
C SER B 646 28.35 10.20 -13.09
N GLY B 647 27.70 11.07 -12.30
CA GLY B 647 26.24 11.06 -12.23
C GLY B 647 25.61 11.24 -13.61
N ILE B 648 26.12 12.21 -14.36
CA ILE B 648 25.62 12.51 -15.71
C ILE B 648 25.85 11.30 -16.60
N GLY B 649 27.07 10.75 -16.53
CA GLY B 649 27.42 9.59 -17.34
C GLY B 649 26.54 8.38 -17.01
N LEU B 650 26.29 8.18 -15.71
CA LEU B 650 25.41 7.13 -15.28
C LEU B 650 24.00 7.31 -15.86
N PHE B 651 23.48 8.54 -15.85
CA PHE B 651 22.23 8.83 -16.53
C PHE B 651 22.33 8.45 -18.01
N VAL B 652 23.41 8.88 -18.66
CA VAL B 652 23.58 8.64 -20.08
C VAL B 652 23.60 7.15 -20.36
N ILE B 653 24.34 6.38 -19.56
CA ILE B 653 24.34 4.93 -19.76
C ILE B 653 22.93 4.35 -19.63
N SER B 654 22.19 4.77 -18.59
CA SER B 654 20.82 4.30 -18.43
C SER B 654 19.95 4.66 -19.63
N LEU B 655 20.20 5.83 -20.24
CA LEU B 655 19.45 6.20 -21.43
C LEU B 655 19.85 5.35 -22.63
N TYR B 656 21.15 5.05 -22.73
CA TYR B 656 21.63 4.10 -23.74
C TYR B 656 20.98 2.72 -23.57
N LEU B 657 20.87 2.21 -22.34
CA LEU B 657 20.27 0.90 -22.18
C LEU B 657 18.81 0.90 -22.61
N GLU B 658 18.11 2.01 -22.41
CA GLU B 658 16.69 2.05 -22.73
C GLU B 658 16.51 2.23 -24.23
N THR B 659 17.19 3.22 -24.80
CA THR B 659 17.17 3.43 -26.23
C THR B 659 18.31 2.58 -26.76
N GLU B 660 18.16 1.98 -27.94
CA GLU B 660 19.37 1.24 -28.32
C GLU B 660 20.20 2.11 -29.26
N ASN B 661 20.37 3.37 -28.85
CA ASN B 661 20.94 4.43 -29.67
C ASN B 661 22.41 4.57 -29.30
N LYS B 662 23.28 4.17 -30.23
CA LYS B 662 24.69 3.98 -29.91
C LYS B 662 25.39 5.32 -29.75
N GLU B 663 24.70 6.43 -30.12
CA GLU B 663 25.27 7.75 -29.92
C GLU B 663 25.43 8.04 -28.44
N TYR B 664 24.56 7.41 -27.63
CA TYR B 664 24.58 7.63 -26.19
C TYR B 664 25.73 6.88 -25.54
N LEU B 665 26.10 5.73 -26.11
CA LEU B 665 27.26 5.03 -25.62
C LEU B 665 28.50 5.84 -25.98
N LYS B 666 28.51 6.37 -27.21
CA LYS B 666 29.60 7.22 -27.66
C LYS B 666 29.74 8.38 -26.68
N LEU B 667 28.63 9.06 -26.34
CA LEU B 667 28.66 10.18 -25.41
C LEU B 667 29.14 9.75 -24.02
N ALA B 668 28.72 8.57 -23.52
CA ALA B 668 29.20 8.06 -22.25
C ALA B 668 30.71 7.95 -22.27
N LYS B 669 31.25 7.42 -23.38
CA LYS B 669 32.70 7.33 -23.57
C LYS B 669 33.36 8.71 -23.57
N ASP B 670 32.72 9.68 -24.24
CA ASP B 670 33.22 11.06 -24.22
C ASP B 670 33.30 11.55 -22.79
N LEU B 671 32.28 11.22 -21.96
CA LEU B 671 32.27 11.73 -20.60
C LEU B 671 33.38 11.05 -19.81
N GLU B 672 33.63 9.77 -20.13
CA GLU B 672 34.69 9.03 -19.45
C GLU B 672 36.06 9.70 -19.66
N ARG B 673 36.37 10.08 -20.92
CA ARG B 673 37.64 10.74 -21.21
C ARG B 673 37.79 12.00 -20.35
N MET B 674 36.67 12.71 -20.12
CA MET B 674 36.73 13.97 -19.39
C MET B 674 36.91 13.70 -17.91
N ILE B 675 36.37 12.59 -17.41
CA ILE B 675 36.62 12.18 -16.03
C ILE B 675 38.10 11.82 -15.89
N LYS B 676 38.60 11.06 -16.87
CA LYS B 676 40.02 10.73 -16.95
C LYS B 676 40.88 12.00 -16.89
N LEU B 677 40.59 12.97 -17.76
CA LEU B 677 41.34 14.22 -17.77
C LEU B 677 41.32 14.86 -16.38
N ASN B 678 40.12 14.95 -15.78
CA ASN B 678 39.92 15.58 -14.48
C ASN B 678 40.79 14.90 -13.42
N ARG B 679 40.77 13.56 -13.38
CA ARG B 679 41.55 12.82 -12.41
C ARG B 679 43.06 13.10 -12.57
N ALA B 680 43.53 13.22 -13.82
CA ALA B 680 44.94 13.38 -14.13
C ALA B 680 45.50 14.72 -13.63
N LYS B 681 44.68 15.78 -13.63
CA LYS B 681 45.12 17.08 -13.14
C LYS B 681 45.46 17.02 -11.65
N ASP B 682 44.50 17.35 -10.78
CA ASP B 682 44.76 17.50 -9.35
C ASP B 682 44.09 16.38 -8.54
N LYS B 683 44.51 16.27 -7.27
CA LYS B 683 44.01 15.29 -6.33
C LYS B 683 42.75 15.82 -5.63
N GLN B 684 42.20 16.94 -6.14
CA GLN B 684 41.05 17.61 -5.57
C GLN B 684 39.75 16.86 -5.90
N LEU B 685 39.01 16.51 -4.85
CA LEU B 685 37.57 16.26 -4.92
C LEU B 685 36.87 17.46 -4.27
N LYS B 686 36.56 18.50 -5.07
CA LYS B 686 36.12 19.77 -4.55
C LYS B 686 34.62 19.73 -4.21
N VAL B 687 34.29 20.18 -3.00
CA VAL B 687 32.96 20.05 -2.40
C VAL B 687 32.34 21.44 -2.27
N LYS B 688 31.03 21.57 -2.58
CA LYS B 688 30.38 22.88 -2.61
C LYS B 688 29.17 22.93 -1.67
N ASP B 689 28.52 21.77 -1.43
CA ASP B 689 27.43 21.66 -0.45
C ASP B 689 28.03 21.44 0.94
N TRP B 690 27.50 22.14 1.94
CA TRP B 690 28.08 22.12 3.28
C TRP B 690 28.00 20.75 3.96
N MET B 691 27.18 19.83 3.43
CA MET B 691 27.10 18.49 3.98
C MET B 691 27.74 17.45 3.06
N ALA B 692 28.34 17.89 1.96
CA ALA B 692 29.11 17.00 1.10
C ALA B 692 30.46 16.69 1.75
N VAL B 693 30.91 15.44 1.59
CA VAL B 693 32.23 15.01 2.03
C VAL B 693 32.91 14.37 0.83
N ASP B 694 34.21 14.61 0.68
CA ASP B 694 34.95 14.21 -0.49
C ASP B 694 35.29 12.72 -0.47
N ILE B 695 34.55 11.90 0.30
CA ILE B 695 34.66 10.45 0.21
C ILE B 695 33.27 9.86 0.07
N GLY B 696 33.18 8.73 -0.63
CA GLY B 696 31.93 7.98 -0.61
C GLY B 696 31.18 8.11 -1.92
N VAL B 697 29.91 7.68 -1.92
CA VAL B 697 29.27 7.41 -3.20
C VAL B 697 28.64 8.67 -3.76
N ILE B 698 28.37 9.65 -2.89
CA ILE B 698 27.60 10.80 -3.34
C ILE B 698 28.54 11.85 -3.93
N ASP B 699 29.66 12.14 -3.23
CA ASP B 699 30.56 13.21 -3.62
C ASP B 699 31.99 12.73 -3.88
N GLY B 700 32.24 11.42 -3.73
CA GLY B 700 33.61 10.92 -3.77
C GLY B 700 33.83 9.85 -4.84
N LEU B 701 34.97 9.16 -4.73
CA LEU B 701 35.49 8.31 -5.79
C LEU B 701 34.67 7.04 -5.90
N SER B 702 34.07 6.59 -4.79
CA SER B 702 33.15 5.45 -4.82
C SER B 702 32.02 5.67 -5.82
N GLY B 703 31.47 6.90 -5.83
CA GLY B 703 30.45 7.25 -6.79
C GLY B 703 30.96 7.18 -8.23
N VAL B 704 32.17 7.68 -8.46
CA VAL B 704 32.78 7.66 -9.79
C VAL B 704 32.90 6.21 -10.26
N SER B 705 33.21 5.28 -9.35
CA SER B 705 33.31 3.88 -9.73
C SER B 705 32.00 3.29 -10.26
N LEU B 706 30.84 3.81 -9.80
CA LEU B 706 29.56 3.33 -10.30
C LEU B 706 29.52 3.51 -11.83
N PHE B 707 29.91 4.72 -12.28
CA PHE B 707 29.97 5.02 -13.70
C PHE B 707 30.88 4.02 -14.43
N TYR B 708 32.08 3.79 -13.89
CA TYR B 708 33.01 2.84 -14.50
C TYR B 708 32.42 1.44 -14.56
N SER B 709 31.78 1.00 -13.46
CA SER B 709 31.15 -0.31 -13.43
C SER B 709 30.11 -0.42 -14.55
N ALA B 710 29.28 0.63 -14.72
CA ALA B 710 28.18 0.64 -15.67
C ALA B 710 28.71 0.69 -17.10
N LEU B 711 29.69 1.56 -17.33
CA LEU B 711 30.37 1.61 -18.63
C LEU B 711 30.96 0.23 -18.95
N TYR B 712 31.56 -0.44 -17.96
CA TYR B 712 31.97 -1.81 -18.20
C TYR B 712 30.81 -2.69 -18.66
N SER B 713 29.65 -2.60 -18.00
CA SER B 713 28.55 -3.49 -18.32
C SER B 713 28.16 -3.37 -19.79
N VAL B 714 28.25 -2.15 -20.36
CA VAL B 714 27.75 -1.91 -21.71
C VAL B 714 28.86 -2.03 -22.76
N THR B 715 30.13 -1.99 -22.30
CA THR B 715 31.31 -2.25 -23.11
C THR B 715 32.17 -3.18 -22.27
N GLN B 716 32.26 -4.45 -22.67
CA GLN B 716 32.97 -5.47 -21.93
C GLN B 716 34.46 -5.12 -21.81
N ASN B 717 34.77 -3.83 -21.80
CA ASN B 717 36.14 -3.37 -21.74
C ASN B 717 36.71 -3.45 -20.32
N GLN B 718 37.55 -4.46 -20.08
CA GLN B 718 38.13 -4.77 -18.78
C GLN B 718 38.71 -3.53 -18.12
N LYS B 719 39.22 -2.60 -18.94
CA LYS B 719 39.86 -1.38 -18.46
C LYS B 719 38.93 -0.61 -17.51
N TYR B 720 37.64 -0.52 -17.91
CA TYR B 720 36.69 0.23 -17.12
C TYR B 720 36.48 -0.44 -15.75
N LEU B 721 36.45 -1.79 -15.78
CA LEU B 721 36.34 -2.55 -14.55
C LEU B 721 37.51 -2.29 -13.60
N GLU B 722 38.73 -2.20 -14.17
CA GLU B 722 39.92 -1.99 -13.36
C GLU B 722 39.85 -0.62 -12.69
N GLU B 723 39.44 0.39 -13.44
CA GLU B 723 39.31 1.73 -12.88
C GLU B 723 38.26 1.72 -11.75
N ALA B 724 37.12 1.11 -12.02
CA ALA B 724 36.10 0.95 -10.99
C ALA B 724 36.74 0.45 -9.70
N GLU B 725 37.56 -0.60 -9.82
CA GLU B 725 38.16 -1.24 -8.65
C GLU B 725 39.17 -0.31 -7.97
N VAL B 726 39.91 0.43 -8.78
CA VAL B 726 40.93 1.33 -8.27
C VAL B 726 40.28 2.49 -7.50
N LEU B 727 39.14 2.98 -8.01
CA LEU B 727 38.44 4.06 -7.32
C LEU B 727 37.92 3.61 -5.96
N ILE B 728 37.38 2.40 -5.88
CA ILE B 728 36.89 1.89 -4.60
C ILE B 728 38.04 1.74 -3.63
N LYS B 729 39.15 1.16 -4.14
CA LYS B 729 40.34 0.95 -3.33
C LYS B 729 40.77 2.26 -2.66
N GLU B 730 40.78 3.35 -3.44
CA GLU B 730 41.26 4.62 -2.93
C GLU B 730 40.37 5.14 -1.81
N ASP B 731 39.05 4.87 -1.90
CA ASP B 731 38.10 5.30 -0.87
C ASP B 731 38.25 4.43 0.37
N LEU B 732 38.52 3.12 0.19
CA LEU B 732 38.68 2.20 1.32
C LEU B 732 39.91 2.56 2.17
N GLU B 733 40.84 3.33 1.59
CA GLU B 733 42.02 3.80 2.31
C GLU B 733 41.61 4.81 3.38
N SER B 734 40.45 5.45 3.21
CA SER B 734 39.91 6.44 4.14
C SER B 734 38.83 5.83 5.04
N THR B 735 39.01 4.55 5.41
CA THR B 735 38.08 3.91 6.33
C THR B 735 38.80 3.51 7.61
N LYS B 736 38.03 3.22 8.66
CA LYS B 736 38.53 2.73 9.92
C LYS B 736 37.60 1.64 10.44
N LYS B 737 38.17 0.49 10.82
CA LYS B 737 37.41 -0.57 11.49
C LYS B 737 37.52 -0.34 12.99
N ASP B 738 36.37 -0.41 13.69
CA ASP B 738 36.32 -0.29 15.13
C ASP B 738 36.84 -1.61 15.73
N ASP B 739 37.44 -1.49 16.93
CA ASP B 739 38.17 -2.59 17.54
C ASP B 739 37.28 -3.46 18.42
N VAL B 740 36.26 -2.85 19.04
CA VAL B 740 35.31 -3.57 19.89
C VAL B 740 34.23 -4.18 18.99
N THR B 741 33.43 -3.29 18.39
CA THR B 741 32.43 -3.64 17.39
C THR B 741 33.15 -3.85 16.07
N GLY B 742 32.62 -4.66 15.16
CA GLY B 742 33.42 -4.88 13.96
C GLY B 742 33.11 -3.91 12.81
N VAL B 743 32.53 -2.73 13.10
CA VAL B 743 31.91 -1.91 12.06
C VAL B 743 32.97 -1.09 11.30
N LEU B 744 32.89 -1.10 9.96
CA LEU B 744 33.71 -0.20 9.16
C LEU B 744 32.96 1.10 8.90
N GLN B 745 33.65 2.22 9.08
CA GLN B 745 33.12 3.52 8.70
C GLN B 745 34.18 4.29 7.91
N THR B 746 33.74 5.31 7.16
CA THR B 746 34.70 6.20 6.54
C THR B 746 35.17 7.19 7.60
N VAL B 747 36.37 7.74 7.35
CA VAL B 747 36.95 8.75 8.22
C VAL B 747 37.34 9.96 7.36
N ASP B 748 36.90 11.14 7.80
CA ASP B 748 37.05 12.42 7.11
C ASP B 748 38.41 13.05 7.38
N ASN B 749 38.58 14.25 6.80
CA ASN B 749 39.78 15.06 6.95
C ASN B 749 39.91 15.50 8.40
N LYS B 750 38.77 15.72 9.06
CA LYS B 750 38.71 16.27 10.40
C LYS B 750 38.43 15.15 11.40
N ASN B 751 38.63 13.90 10.96
CA ASN B 751 38.51 12.70 11.80
C ASN B 751 37.07 12.53 12.28
N ARG B 752 36.11 12.67 11.37
CA ARG B 752 34.73 12.27 11.62
C ARG B 752 34.56 10.85 11.11
N LEU B 753 33.83 10.01 11.86
CA LEU B 753 33.46 8.68 11.34
C LEU B 753 32.09 8.77 10.69
N LEU B 754 31.90 8.13 9.52
CA LEU B 754 30.62 8.24 8.81
C LEU B 754 30.09 6.88 8.34
N PRO B 755 28.81 6.55 8.68
CA PRO B 755 28.13 5.40 8.07
C PRO B 755 27.27 5.69 6.84
N TYR B 756 26.83 6.94 6.67
CA TYR B 756 25.67 7.28 5.85
C TYR B 756 25.94 7.06 4.37
N LEU B 757 24.86 7.04 3.57
CA LEU B 757 24.94 6.94 2.12
C LEU B 757 25.81 8.07 1.58
N SER B 758 25.62 9.25 2.18
CA SER B 758 26.37 10.40 1.76
C SER B 758 27.56 10.52 2.70
N GLY B 759 28.75 10.20 2.17
CA GLY B 759 29.97 10.47 2.88
C GLY B 759 30.48 9.26 3.68
N GLY B 760 29.65 8.21 3.79
CA GLY B 760 29.89 7.15 4.77
C GLY B 760 30.07 5.79 4.10
N SER B 761 30.27 4.75 4.92
CA SER B 761 30.67 3.45 4.40
C SER B 761 29.55 2.71 3.67
N ILE B 762 28.27 3.01 4.01
CA ILE B 762 27.16 2.36 3.34
C ILE B 762 27.19 2.63 1.83
N GLY B 763 27.56 3.85 1.47
CA GLY B 763 27.70 4.20 0.07
C GLY B 763 28.90 3.49 -0.57
N VAL B 764 30.00 3.36 0.19
CA VAL B 764 31.13 2.58 -0.31
C VAL B 764 30.67 1.15 -0.58
N ALA B 765 29.96 0.55 0.39
CA ALA B 765 29.40 -0.78 0.24
C ALA B 765 28.59 -0.90 -1.06
N ILE B 766 27.71 0.09 -1.33
CA ILE B 766 26.87 0.07 -2.50
C ILE B 766 27.73 -0.02 -3.77
N SER B 767 28.84 0.72 -3.84
CA SER B 767 29.66 0.67 -5.05
C SER B 767 30.35 -0.68 -5.21
N ILE B 768 30.77 -1.27 -4.07
CA ILE B 768 31.33 -2.62 -4.07
C ILE B 768 30.29 -3.60 -4.58
N TRP B 769 29.06 -3.48 -4.08
CA TRP B 769 27.98 -4.36 -4.50
C TRP B 769 27.79 -4.27 -6.00
N PHE B 770 27.80 -3.05 -6.55
CA PHE B 770 27.52 -2.87 -7.98
C PHE B 770 28.74 -3.31 -8.81
N LEU B 771 29.95 -3.08 -8.30
CA LEU B 771 31.14 -3.62 -8.95
C LEU B 771 30.99 -5.15 -9.09
N ASN B 772 30.51 -5.79 -8.02
CA ASN B 772 30.29 -7.22 -8.02
C ASN B 772 29.15 -7.61 -8.95
N HIS B 773 28.09 -6.78 -8.98
CA HIS B 773 26.90 -7.08 -9.76
C HIS B 773 27.25 -7.18 -11.25
N VAL B 774 28.07 -6.24 -11.75
CA VAL B 774 28.33 -6.16 -13.19
C VAL B 774 29.42 -7.15 -13.61
N SER B 775 30.23 -7.63 -12.66
CA SER B 775 31.37 -8.48 -12.99
C SER B 775 31.16 -9.93 -12.54
N GLY B 776 30.15 -10.19 -11.71
CA GLY B 776 29.88 -11.51 -11.18
C GLY B 776 30.90 -11.97 -10.13
N GLN B 777 31.52 -11.02 -9.42
CA GLN B 777 32.54 -11.38 -8.45
C GLN B 777 32.01 -11.19 -7.04
N ASP B 778 32.89 -11.33 -6.05
CA ASP B 778 32.55 -11.03 -4.67
C ASP B 778 33.76 -10.40 -4.00
N LEU B 779 34.31 -9.39 -4.66
CA LEU B 779 35.44 -8.62 -4.16
C LEU B 779 35.05 -7.90 -2.86
N TYR B 780 36.05 -7.65 -2.01
CA TYR B 780 35.89 -6.83 -0.81
C TYR B 780 34.82 -7.40 0.13
N ARG B 781 34.64 -8.73 0.10
CA ARG B 781 33.70 -9.42 0.97
C ARG B 781 33.93 -9.05 2.44
N GLU B 782 35.20 -9.00 2.84
CA GLU B 782 35.55 -8.64 4.21
C GLU B 782 35.01 -7.25 4.58
N GLU B 783 35.23 -6.27 3.71
CA GLU B 783 34.82 -4.90 4.01
C GLU B 783 33.30 -4.83 4.02
N MET B 784 32.70 -5.45 3.01
CA MET B 784 31.26 -5.56 2.90
C MET B 784 30.68 -6.07 4.21
N ASN B 785 31.19 -7.20 4.72
CA ASN B 785 30.64 -7.83 5.93
C ASN B 785 30.77 -6.90 7.12
N SER B 786 31.84 -6.12 7.18
CA SER B 786 32.03 -5.22 8.31
C SER B 786 31.19 -3.95 8.18
N ILE B 787 30.68 -3.69 6.96
CA ILE B 787 29.82 -2.54 6.73
C ILE B 787 28.39 -2.90 7.12
N LEU B 788 27.94 -4.09 6.67
CA LEU B 788 26.63 -4.62 7.03
C LEU B 788 26.41 -4.59 8.54
N LYS B 789 27.48 -4.67 9.31
CA LYS B 789 27.35 -4.68 10.77
C LYS B 789 26.71 -3.39 11.27
N LEU B 790 26.70 -2.35 10.42
CA LEU B 790 26.07 -1.09 10.80
C LEU B 790 24.58 -1.25 11.09
N SER B 791 23.97 -2.32 10.55
CA SER B 791 22.56 -2.59 10.82
C SER B 791 22.29 -2.70 12.31
N LYS B 792 23.36 -2.82 13.12
CA LYS B 792 23.21 -2.97 14.55
C LYS B 792 23.05 -1.62 15.24
N THR B 793 22.97 -0.53 14.47
CA THR B 793 22.89 0.81 15.05
C THR B 793 21.50 1.04 15.66
N ARG B 794 21.50 1.54 16.90
CA ARG B 794 20.26 1.67 17.65
C ARG B 794 19.56 2.96 17.27
N CYS B 795 20.31 4.07 17.16
CA CYS B 795 19.73 5.33 16.73
C CYS B 795 20.73 6.18 15.95
N THR B 796 20.20 7.16 15.20
CA THR B 796 20.96 8.15 14.46
C THR B 796 20.38 9.52 14.78
N ILE B 797 21.21 10.56 14.58
CA ILE B 797 20.93 11.96 14.84
C ILE B 797 19.65 12.38 14.10
N SER B 798 19.56 11.90 12.85
CA SER B 798 18.58 12.39 11.90
C SER B 798 18.05 11.20 11.10
N GLY B 799 16.97 11.45 10.35
CA GLY B 799 16.17 10.37 9.82
C GLY B 799 16.40 10.05 8.35
N GLY B 800 17.15 10.90 7.63
CA GLY B 800 17.07 11.01 6.19
C GLY B 800 17.85 9.94 5.43
N LEU B 801 17.47 9.75 4.15
CA LEU B 801 18.12 8.76 3.29
C LEU B 801 19.61 9.06 3.18
N PHE B 802 19.99 10.35 3.11
CA PHE B 802 21.36 10.67 2.74
C PHE B 802 22.24 10.73 3.99
N ASP B 803 21.70 11.33 5.06
CA ASP B 803 22.49 11.78 6.19
C ASP B 803 21.97 11.17 7.49
N GLY B 804 21.07 10.18 7.40
CA GLY B 804 20.48 9.65 8.61
C GLY B 804 19.93 8.23 8.44
N ALA B 805 18.88 7.94 9.21
CA ALA B 805 18.43 6.57 9.41
C ALA B 805 18.12 5.88 8.07
N GLY B 806 17.56 6.65 7.11
CA GLY B 806 17.22 6.10 5.81
C GLY B 806 18.39 5.42 5.10
N SER B 807 19.63 5.82 5.43
CA SER B 807 20.79 5.17 4.83
C SER B 807 20.79 3.68 5.14
N PHE B 808 20.44 3.36 6.37
CA PHE B 808 20.52 1.99 6.88
C PHE B 808 19.54 1.06 6.18
N LEU B 809 18.46 1.60 5.59
CA LEU B 809 17.51 0.79 4.80
C LEU B 809 18.22 0.18 3.60
N LEU B 810 19.35 0.77 3.17
CA LEU B 810 20.07 0.27 2.02
C LEU B 810 20.83 -1.02 2.35
N ILE B 811 21.09 -1.26 3.64
CA ILE B 811 21.93 -2.37 4.06
C ILE B 811 21.29 -3.71 3.69
N PRO B 812 20.03 -4.01 4.09
CA PRO B 812 19.38 -5.27 3.71
C PRO B 812 19.29 -5.53 2.22
N SER B 813 19.34 -4.46 1.42
CA SER B 813 19.22 -4.61 -0.03
C SER B 813 20.50 -5.23 -0.61
N MET B 814 21.57 -5.26 0.18
CA MET B 814 22.83 -5.81 -0.31
C MET B 814 23.05 -7.21 0.25
N VAL B 815 22.04 -7.82 0.91
CA VAL B 815 22.23 -9.08 1.63
C VAL B 815 21.45 -10.20 0.94
N LYS B 816 22.16 -11.23 0.50
CA LYS B 816 21.64 -12.32 -0.31
C LYS B 816 20.83 -13.33 0.51
N ASN B 817 21.34 -13.68 1.70
CA ASN B 817 20.78 -14.74 2.53
C ASN B 817 19.52 -14.21 3.22
N ASP B 818 18.38 -14.87 2.98
CA ASP B 818 17.08 -14.45 3.46
C ASP B 818 17.04 -14.41 4.99
N LYS B 819 17.71 -15.37 5.64
CA LYS B 819 17.65 -15.50 7.08
C LYS B 819 18.40 -14.34 7.76
N ASN B 820 19.56 -13.99 7.20
CA ASN B 820 20.36 -12.88 7.71
C ASN B 820 19.73 -11.56 7.30
N ARG B 821 19.12 -11.53 6.10
CA ARG B 821 18.38 -10.36 5.63
C ARG B 821 17.29 -9.99 6.63
N GLU B 822 16.56 -11.01 7.11
CA GLU B 822 15.38 -10.83 7.94
C GLU B 822 15.79 -10.19 9.26
N VAL B 823 16.93 -10.63 9.81
CA VAL B 823 17.43 -10.08 11.06
C VAL B 823 17.89 -8.65 10.79
N ILE B 824 18.53 -8.43 9.64
CA ILE B 824 19.10 -7.14 9.28
C ILE B 824 17.97 -6.15 9.02
N LEU B 825 16.94 -6.61 8.30
CA LEU B 825 15.79 -5.79 7.96
C LEU B 825 15.08 -5.29 9.22
N ASN B 826 14.85 -6.22 10.17
CA ASN B 826 14.10 -5.88 11.36
C ASN B 826 14.89 -4.88 12.20
N GLU B 827 16.21 -4.98 12.21
CA GLU B 827 17.04 -4.06 12.96
C GLU B 827 16.93 -2.64 12.44
N VAL B 828 16.96 -2.47 11.11
CA VAL B 828 16.97 -1.13 10.53
C VAL B 828 15.55 -0.55 10.54
N LEU B 829 14.53 -1.44 10.55
CA LEU B 829 13.15 -1.02 10.67
C LEU B 829 12.87 -0.52 12.08
N ASN B 830 13.56 -1.07 13.07
CA ASN B 830 13.50 -0.55 14.43
C ASN B 830 14.01 0.87 14.41
N LEU B 831 15.11 1.07 13.67
CA LEU B 831 15.71 2.38 13.51
C LEU B 831 14.77 3.31 12.74
N LEU B 832 14.21 2.86 11.62
CA LEU B 832 13.28 3.68 10.86
C LEU B 832 12.11 4.15 11.72
N ASN B 833 11.61 3.26 12.60
CA ASN B 833 10.38 3.52 13.34
C ASN B 833 10.59 4.56 14.42
N ILE B 834 11.85 5.00 14.65
CA ILE B 834 12.09 6.14 15.50
C ILE B 834 11.58 7.42 14.81
N PHE B 835 11.50 7.38 13.46
CA PHE B 835 11.30 8.58 12.66
C PHE B 835 9.93 8.59 11.98
N LEU B 836 9.40 7.41 11.67
CA LEU B 836 8.22 7.27 10.83
C LEU B 836 6.99 7.76 11.59
N ILE B 837 6.32 8.80 11.06
CA ILE B 837 5.28 9.52 11.78
C ILE B 837 3.91 9.08 11.27
N GLU B 838 3.07 8.66 12.21
CA GLU B 838 1.66 8.46 11.89
C GLU B 838 0.95 9.80 12.03
N LYS B 839 0.32 10.21 10.92
CA LYS B 839 -0.40 11.47 10.85
C LYS B 839 -1.71 11.15 10.17
N ASN B 840 -2.80 11.39 10.89
CA ASN B 840 -4.10 10.91 10.48
C ASN B 840 -3.97 9.41 10.24
N SER B 841 -4.36 8.92 9.06
CA SER B 841 -4.27 7.49 8.90
C SER B 841 -3.19 7.11 7.88
N TYR B 842 -2.24 8.02 7.66
CA TYR B 842 -1.14 7.75 6.74
C TYR B 842 0.17 8.00 7.49
N TYR B 843 1.29 7.90 6.77
CA TYR B 843 2.60 8.24 7.35
C TYR B 843 3.19 9.45 6.65
N VAL B 844 3.94 10.23 7.43
CA VAL B 844 4.80 11.27 6.90
C VAL B 844 6.19 11.05 7.50
N TYR B 845 7.13 11.94 7.20
CA TYR B 845 8.52 11.73 7.56
C TYR B 845 9.18 13.05 7.91
N PRO B 846 9.96 13.13 9.02
CA PRO B 846 10.62 14.37 9.41
C PRO B 846 11.85 14.60 8.55
N GLY B 847 12.17 15.87 8.28
CA GLY B 847 13.39 16.26 7.58
C GLY B 847 14.55 16.39 8.54
N GLN B 848 15.62 17.05 8.09
CA GLN B 848 16.85 17.12 8.86
C GLN B 848 16.55 17.59 10.29
N PHE B 849 17.09 16.84 11.25
CA PHE B 849 17.05 17.13 12.69
C PHE B 849 15.64 17.05 13.25
N SER B 850 14.70 16.51 12.45
CA SER B 850 13.32 16.33 12.85
C SER B 850 12.73 17.64 13.40
N TYR B 851 13.11 18.77 12.79
CA TYR B 851 12.54 20.05 13.19
C TYR B 851 11.25 20.28 12.42
N ARG B 852 11.19 19.79 11.18
CA ARG B 852 10.06 19.98 10.28
C ARG B 852 9.93 18.75 9.39
N LEU B 853 8.75 18.57 8.80
CA LEU B 853 8.51 17.47 7.87
C LEU B 853 9.19 17.79 6.54
N ALA B 854 9.49 16.74 5.77
CA ALA B 854 9.95 16.90 4.40
C ALA B 854 9.49 15.72 3.57
N ASP B 855 9.30 15.95 2.26
CA ASP B 855 8.84 14.89 1.38
C ASP B 855 9.80 14.66 0.23
N ASP B 856 11.01 15.23 0.29
CA ASP B 856 11.99 15.12 -0.80
C ASP B 856 12.78 13.82 -0.68
N VAL B 857 13.65 13.59 -1.66
CA VAL B 857 14.51 12.42 -1.72
C VAL B 857 15.64 12.56 -0.72
N TYR B 858 16.26 13.74 -0.68
CA TYR B 858 17.39 14.03 0.19
C TYR B 858 17.08 13.65 1.64
N THR B 859 15.96 14.14 2.21
CA THR B 859 15.74 14.03 3.64
C THR B 859 14.36 13.45 4.01
N GLY B 860 13.43 13.40 3.07
CA GLY B 860 12.04 13.20 3.42
C GLY B 860 11.51 11.85 2.93
N SER B 861 10.19 11.78 2.76
CA SER B 861 9.51 10.51 2.64
C SER B 861 9.80 9.86 1.30
N SER B 862 10.05 10.66 0.25
CA SER B 862 10.31 10.17 -1.09
C SER B 862 11.57 9.29 -1.09
N GLY B 863 12.64 9.74 -0.46
CA GLY B 863 13.88 8.96 -0.37
C GLY B 863 13.68 7.69 0.46
N ILE B 864 12.91 7.80 1.56
CA ILE B 864 12.58 6.62 2.35
C ILE B 864 11.82 5.62 1.49
N ILE B 865 10.84 6.10 0.73
CA ILE B 865 10.05 5.19 -0.10
C ILE B 865 10.97 4.45 -1.06
N LEU B 866 11.81 5.19 -1.80
CA LEU B 866 12.65 4.58 -2.81
C LEU B 866 13.61 3.53 -2.21
N ALA B 867 14.17 3.83 -1.03
CA ALA B 867 15.04 2.91 -0.32
C ALA B 867 14.28 1.63 0.05
N LEU B 868 13.04 1.79 0.55
CA LEU B 868 12.25 0.62 0.95
C LEU B 868 11.89 -0.21 -0.28
N MET B 869 11.52 0.46 -1.38
CA MET B 869 11.27 -0.28 -2.61
C MET B 869 12.56 -0.98 -3.06
N GLY B 870 13.71 -0.41 -2.74
CA GLY B 870 14.98 -1.04 -3.04
C GLY B 870 15.15 -2.35 -2.26
N VAL B 871 14.59 -2.41 -1.04
CA VAL B 871 14.68 -3.61 -0.22
C VAL B 871 13.82 -4.70 -0.86
N ILE B 872 12.57 -4.37 -1.14
CA ILE B 872 11.73 -5.27 -1.90
C ILE B 872 12.50 -5.83 -3.10
N LYS B 873 13.13 -4.96 -3.91
CA LYS B 873 13.66 -5.36 -5.21
C LYS B 873 15.06 -5.98 -5.12
N GLY B 874 15.67 -5.99 -3.93
CA GLY B 874 17.07 -6.34 -3.86
C GLY B 874 17.94 -5.36 -4.64
N ASN B 875 17.55 -4.07 -4.61
CA ASN B 875 18.19 -3.08 -5.46
C ASN B 875 18.79 -1.95 -4.63
N PRO B 876 20.12 -1.95 -4.37
CA PRO B 876 20.77 -0.90 -3.57
C PRO B 876 20.98 0.41 -4.33
N LEU B 877 20.55 0.44 -5.61
CA LEU B 877 20.74 1.62 -6.45
C LEU B 877 19.42 2.35 -6.73
N TYR B 878 18.33 1.95 -6.08
CA TYR B 878 17.00 2.33 -6.53
C TYR B 878 16.70 3.82 -6.29
N TRP B 879 17.48 4.45 -5.40
CA TRP B 879 17.36 5.86 -5.08
C TRP B 879 18.02 6.74 -6.16
N LEU B 880 18.62 6.16 -7.21
CA LEU B 880 19.24 6.91 -8.30
C LEU B 880 18.23 7.19 -9.42
N PRO B 881 18.12 8.45 -9.91
CA PRO B 881 17.14 8.79 -10.94
C PRO B 881 17.69 8.39 -12.30
N LEU B 882 17.52 7.11 -12.64
CA LEU B 882 18.00 6.58 -13.90
C LEU B 882 16.80 6.28 -14.79
N VAL B 883 17.04 6.23 -16.11
CA VAL B 883 16.00 5.87 -17.06
C VAL B 883 15.59 4.41 -16.87
N ASN B 884 14.27 4.20 -16.73
CA ASN B 884 13.64 2.88 -16.64
C ASN B 884 14.41 2.03 -15.62
N SER B 885 14.52 2.54 -14.40
CA SER B 885 15.43 1.98 -13.43
C SER B 885 14.96 0.61 -12.92
N ASP B 886 13.68 0.28 -13.17
CA ASP B 886 13.17 -1.02 -12.76
C ASP B 886 13.85 -2.12 -13.59
N GLU B 887 14.56 -1.73 -14.66
CA GLU B 887 15.15 -2.69 -15.57
C GLU B 887 16.68 -2.63 -15.55
N PHE B 888 17.22 -1.73 -14.74
CA PHE B 888 18.62 -1.32 -14.86
C PHE B 888 19.57 -2.43 -14.38
N LEU B 889 19.26 -3.03 -13.23
CA LEU B 889 20.05 -4.13 -12.69
C LEU B 889 20.10 -5.29 -13.69
N ALA B 890 18.92 -5.74 -14.13
CA ALA B 890 18.86 -6.85 -15.05
C ALA B 890 19.71 -6.55 -16.27
N ARG B 891 19.64 -5.30 -16.77
CA ARG B 891 20.35 -4.90 -17.97
C ARG B 891 21.88 -4.77 -17.76
N THR B 892 22.32 -4.59 -16.52
CA THR B 892 23.73 -4.36 -16.27
C THR B 892 24.41 -5.58 -15.63
N LYS B 893 23.61 -6.61 -15.30
CA LYS B 893 24.08 -7.86 -14.71
C LYS B 893 25.15 -8.49 -15.61
N VAL B 894 26.16 -9.09 -14.98
CA VAL B 894 27.30 -9.73 -15.65
C VAL B 894 26.88 -10.49 -16.92
CA CA C . -30.42 -24.14 -25.07
PG ATP D . -26.93 -24.98 -22.31
O1G ATP D . -26.65 -24.74 -20.84
O2G ATP D . -28.07 -24.15 -22.87
O3G ATP D . -25.70 -24.92 -23.18
PB ATP D . -28.90 -27.12 -22.40
O1B ATP D . -28.74 -28.49 -21.83
O2B ATP D . -29.85 -26.15 -21.77
O3B ATP D . -27.43 -26.51 -22.40
PA ATP D . -30.15 -27.99 -24.98
O1A ATP D . -30.87 -27.05 -25.90
O2A ATP D . -30.99 -28.94 -24.17
O3A ATP D . -29.20 -27.18 -23.97
O5' ATP D . -29.06 -28.83 -25.83
C5' ATP D . -28.27 -29.86 -25.17
C4' ATP D . -26.88 -29.87 -25.75
O4' ATP D . -26.95 -30.17 -27.17
C3' ATP D . -26.11 -28.54 -25.65
O3' ATP D . -24.74 -28.82 -25.40
C2' ATP D . -26.34 -27.93 -27.04
O2' ATP D . -25.39 -26.96 -27.42
C1' ATP D . -26.26 -29.19 -27.90
N9 ATP D . -26.92 -29.02 -29.21
C8 ATP D . -28.19 -28.53 -29.45
N7 ATP D . -28.47 -28.48 -30.72
C5 ATP D . -27.32 -28.95 -31.36
C6 ATP D . -27.01 -29.14 -32.72
N6 ATP D . -27.85 -28.86 -33.71
N1 ATP D . -25.78 -29.63 -33.00
C2 ATP D . -24.94 -29.92 -32.00
N3 ATP D . -25.13 -29.79 -30.69
C4 ATP D . -26.36 -29.29 -30.43
PG ATP E . 29.92 24.94 22.20
O1G ATP E . 29.13 25.03 20.90
O2G ATP E . 29.09 25.31 23.41
O3G ATP E . 30.67 23.64 22.35
PB ATP E . 31.17 27.62 22.02
O1B ATP E . 32.49 27.90 21.41
O2B ATP E . 29.92 28.18 21.43
O3B ATP E . 31.10 26.03 22.14
PA ATP E . 32.40 28.44 24.52
O1A ATP E . 31.93 28.39 25.93
O2A ATP E . 32.97 29.73 24.01
O3A ATP E . 31.18 28.03 23.57
O5' ATP E . 33.39 27.23 24.19
C5' ATP E . 34.72 27.13 24.75
C4' ATP E . 35.01 25.69 25.09
O4' ATP E . 35.44 25.60 26.48
C3' ATP E . 33.81 24.73 24.99
O3' ATP E . 34.22 23.43 24.58
C2' ATP E . 33.23 24.77 26.41
O2' ATP E . 32.41 23.69 26.76
C1' ATP E . 34.52 24.84 27.24
N9 ATP E . 34.35 25.47 28.56
C8 ATP E . 33.67 26.64 28.85
N7 ATP E . 33.71 26.94 30.13
C5 ATP E . 34.46 25.92 30.71
C6 ATP E . 34.88 25.67 32.03
N6 ATP E . 34.59 26.47 33.07
N1 ATP E . 35.62 24.57 32.26
C2 ATP E . 35.92 23.78 31.22
N3 ATP E . 35.60 23.91 29.94
C4 ATP E . 34.86 25.01 29.74
CA CA F . 28.78 28.04 25.02
#